data_6PI1
#
_entry.id   6PI1
#
_cell.length_a   65.624
_cell.length_b   163.013
_cell.length_c   65.624
_cell.angle_alpha   90.00
_cell.angle_beta   94.51
_cell.angle_gamma   90.00
#
_symmetry.space_group_name_H-M   'P 1 21 1'
#
loop_
_entity.id
_entity.type
_entity.pdbx_description
1 polymer 'Acetylpolyamine amidohydrolase'
2 non-polymer 'ZINC ION'
3 non-polymer 'POTASSIUM ION'
4 non-polymer 'MAGNESIUM ION'
5 non-polymer 4-(dimethylamino)-N-[7-(hydroxyamino)-7-oxoheptyl]benzamide
6 water water
#
_entity_poly.entity_id   1
_entity_poly.type   'polypeptide(L)'
_entity_poly.pdbx_seq_one_letter_code
;GPLGSMKTVFSPLHSRRHVKTELDGGLLIEPHEKPSRAETILARVKDQALGEILEPEEFGLGPVKRVHTADYVSFLETCW
DEWVAAGKRGEAIPTFWVGRGMRARLPKDIDGRLGYYSLGADTSISDGTWEAARASANVALTAQKLVAEGERAAFALCRP
PGHHAHADVFGGYCFFNNAAIAAQAFRDQGYGKVAVLDVDFHHGNGTQAIFYDRSDVLTISLHGDPDLVFPHFLGFEDET
GEGDGEAYNLNIVFPPDTPFSIWSQGLEKACERIRTFAPDALVVALGVDTFEEDPISFFKLTSGDYLKLGKRLEQLGLPT
VFTMEGGYDVDAIGVNAVNVMQGFEGKS
;
_entity_poly.pdbx_strand_id   A,B,C,D
#
# COMPACT_ATOMS: atom_id res chain seq x y z
N GLY A 4 26.66 32.44 -30.20
CA GLY A 4 25.28 32.00 -30.26
C GLY A 4 24.38 32.71 -29.26
N SER A 5 23.09 32.78 -29.55
CA SER A 5 22.13 33.47 -28.71
C SER A 5 21.16 32.49 -28.07
N MET A 6 20.70 32.85 -26.87
CA MET A 6 19.67 32.08 -26.17
C MET A 6 18.80 33.03 -25.38
N LYS A 7 17.49 32.84 -25.47
CA LYS A 7 16.56 33.71 -24.75
C LYS A 7 16.43 33.26 -23.30
N THR A 8 16.21 34.22 -22.41
CA THR A 8 16.01 33.97 -20.99
C THR A 8 14.65 34.52 -20.60
N VAL A 9 13.87 33.73 -19.87
CA VAL A 9 12.60 34.20 -19.31
C VAL A 9 12.83 34.51 -17.84
N PHE A 10 12.36 35.68 -17.39
CA PHE A 10 12.59 36.13 -16.02
C PHE A 10 11.35 36.87 -15.54
N SER A 11 10.93 36.60 -14.30
CA SER A 11 9.81 37.32 -13.71
C SER A 11 10.25 38.13 -12.50
N PRO A 12 10.03 39.44 -12.48
CA PRO A 12 10.27 40.24 -11.25
C PRO A 12 9.42 39.81 -10.06
N LEU A 13 8.38 39.03 -10.28
CA LEU A 13 7.54 38.54 -9.19
C LEU A 13 8.26 37.54 -8.29
N HIS A 14 9.45 37.05 -8.70
CA HIS A 14 10.19 36.15 -7.82
C HIS A 14 10.49 36.80 -6.48
N SER A 15 10.62 38.14 -6.46
CA SER A 15 10.91 38.86 -5.23
C SER A 15 9.81 38.71 -4.19
N ARG A 16 8.61 38.30 -4.58
CA ARG A 16 7.54 38.08 -3.62
C ARG A 16 7.87 36.91 -2.68
N ARG A 17 8.77 36.04 -3.09
CA ARG A 17 9.33 35.00 -2.21
C ARG A 17 10.54 35.59 -1.51
N HIS A 18 10.38 36.00 -0.25
CA HIS A 18 11.47 36.64 0.50
C HIS A 18 11.29 36.34 1.99
N VAL A 19 11.48 35.09 2.38
CA VAL A 19 11.32 34.70 3.77
C VAL A 19 12.53 35.17 4.58
N LYS A 20 12.30 35.36 5.88
CA LYS A 20 13.36 35.81 6.76
C LYS A 20 14.02 34.67 7.53
N THR A 21 13.40 33.48 7.60
CA THR A 21 13.93 32.42 8.46
C THR A 21 14.05 31.09 7.74
N GLU A 22 15.12 30.35 8.06
CA GLU A 22 15.34 28.98 7.61
C GLU A 22 15.85 28.19 8.79
N LEU A 23 15.19 27.09 9.13
CA LEU A 23 15.70 26.19 10.14
C LEU A 23 16.94 25.48 9.62
N ASP A 24 18.07 25.67 10.32
CA ASP A 24 19.33 25.09 9.88
C ASP A 24 20.19 24.81 11.11
N GLY A 25 20.53 23.54 11.30
CA GLY A 25 21.32 23.16 12.46
C GLY A 25 20.71 23.55 13.79
N GLY A 26 19.39 23.50 13.91
CA GLY A 26 18.74 23.80 15.18
C GLY A 26 18.54 25.27 15.45
N LEU A 27 18.80 26.13 14.46
CA LEU A 27 18.66 27.57 14.60
C LEU A 27 17.86 28.09 13.42
N LEU A 28 17.27 29.27 13.60
CA LEU A 28 16.56 29.96 12.52
C LEU A 28 17.50 31.02 11.95
N ILE A 29 17.92 30.82 10.71
CA ILE A 29 18.97 31.62 10.10
C ILE A 29 18.40 32.33 8.87
N GLU A 30 19.20 33.24 8.32
CA GLU A 30 18.85 33.88 7.07
C GLU A 30 18.86 32.84 5.96
N PRO A 31 17.82 32.78 5.13
CA PRO A 31 17.71 31.68 4.15
C PRO A 31 18.81 31.70 3.10
N HIS A 32 19.21 30.50 2.68
CA HIS A 32 20.16 30.35 1.58
C HIS A 32 19.55 30.71 0.23
N GLU A 33 18.25 30.45 0.04
CA GLU A 33 17.62 30.63 -1.28
C GLU A 33 17.00 32.03 -1.36
N LYS A 34 17.86 33.02 -1.56
CA LYS A 34 17.47 34.41 -1.38
C LYS A 34 17.34 35.13 -2.72
N PRO A 35 16.60 36.25 -2.76
CA PRO A 35 16.34 36.90 -4.06
C PRO A 35 17.59 37.30 -4.82
N SER A 36 18.70 37.64 -4.14
CA SER A 36 19.90 38.03 -4.88
C SER A 36 20.42 36.93 -5.80
N ARG A 37 20.06 35.66 -5.55
CA ARG A 37 20.45 34.60 -6.47
C ARG A 37 19.93 34.89 -7.88
N ALA A 38 18.64 35.16 -8.00
CA ALA A 38 18.05 35.39 -9.32
C ALA A 38 18.53 36.69 -9.93
N GLU A 39 18.67 37.73 -9.11
CA GLU A 39 19.09 39.04 -9.62
C GLU A 39 20.52 38.99 -10.12
N THR A 40 21.37 38.21 -9.44
CA THR A 40 22.77 38.12 -9.86
C THR A 40 22.90 37.34 -11.18
N ILE A 41 22.13 36.28 -11.35
CA ILE A 41 22.13 35.57 -12.63
C ILE A 41 21.62 36.50 -13.73
N LEU A 42 20.50 37.18 -13.47
CA LEU A 42 19.92 38.08 -14.46
C LEU A 42 20.91 39.15 -14.91
N ALA A 43 21.64 39.74 -13.96
CA ALA A 43 22.60 40.77 -14.32
C ALA A 43 23.73 40.22 -15.18
N ARG A 44 24.12 38.95 -14.97
CA ARG A 44 25.14 38.34 -15.80
C ARG A 44 24.58 38.03 -17.20
N VAL A 45 23.31 37.64 -17.29
CA VAL A 45 22.66 37.48 -18.59
C VAL A 45 22.72 38.79 -19.38
N LYS A 46 22.39 39.90 -18.74
CA LYS A 46 22.48 41.20 -19.40
C LYS A 46 23.93 41.56 -19.70
N ASP A 47 24.84 41.33 -18.75
CA ASP A 47 26.22 41.74 -18.93
C ASP A 47 26.87 41.03 -20.11
N GLN A 48 26.50 39.77 -20.34
CA GLN A 48 27.04 38.97 -21.43
C GLN A 48 26.21 39.08 -22.70
N ALA A 49 25.11 39.82 -22.68
CA ALA A 49 24.18 39.91 -23.81
C ALA A 49 23.86 38.53 -24.35
N LEU A 50 23.50 37.62 -23.44
CA LEU A 50 23.22 36.23 -23.83
C LEU A 50 22.16 36.17 -24.92
N GLY A 51 21.15 37.02 -24.80
CA GLY A 51 20.04 36.99 -25.72
C GLY A 51 18.90 37.83 -25.17
N GLU A 52 17.76 37.76 -25.86
CA GLU A 52 16.59 38.50 -25.42
C GLU A 52 16.17 38.04 -24.03
N ILE A 53 15.65 38.96 -23.24
CA ILE A 53 15.11 38.65 -21.92
C ILE A 53 13.62 38.94 -21.93
N LEU A 54 12.81 37.93 -21.60
CA LEU A 54 11.36 38.01 -21.71
C LEU A 54 10.71 37.83 -20.34
N GLU A 55 9.56 38.46 -20.15
CA GLU A 55 8.75 38.16 -18.97
C GLU A 55 7.78 37.03 -19.31
N PRO A 56 7.30 36.31 -18.31
CA PRO A 56 6.47 35.14 -18.59
C PRO A 56 5.05 35.53 -19.01
N GLU A 57 4.45 34.64 -19.81
CA GLU A 57 3.02 34.70 -20.02
C GLU A 57 2.33 33.96 -18.88
N GLU A 58 1.05 34.28 -18.68
CA GLU A 58 0.25 33.63 -17.65
C GLU A 58 -0.44 32.43 -18.28
N PHE A 59 -0.06 31.22 -17.86
CA PHE A 59 -0.68 30.00 -18.36
C PHE A 59 -1.76 29.44 -17.45
N GLY A 60 -1.97 30.05 -16.28
CA GLY A 60 -2.99 29.59 -15.36
C GLY A 60 -2.58 28.30 -14.66
N LEU A 61 -3.51 27.77 -13.84
CA LEU A 61 -3.18 26.60 -13.05
C LEU A 61 -3.31 25.29 -13.80
N GLY A 62 -3.89 25.29 -15.00
CA GLY A 62 -4.09 24.06 -15.74
C GLY A 62 -2.81 23.26 -15.95
N PRO A 63 -1.78 23.88 -16.52
CA PRO A 63 -0.53 23.13 -16.73
C PRO A 63 0.16 22.73 -15.43
N VAL A 64 -0.03 23.51 -14.36
CA VAL A 64 0.49 23.10 -13.05
C VAL A 64 -0.20 21.83 -12.58
N LYS A 65 -1.53 21.77 -12.73
CA LYS A 65 -2.32 20.66 -12.24
C LYS A 65 -2.19 19.42 -13.11
N ARG A 66 -1.48 19.51 -14.23
CA ARG A 66 -1.11 18.31 -14.97
C ARG A 66 -0.11 17.46 -14.22
N VAL A 67 0.57 18.03 -13.20
N VAL A 67 0.53 18.01 -13.18
CA VAL A 67 1.61 17.32 -12.47
CA VAL A 67 1.58 17.29 -12.46
C VAL A 67 1.30 17.33 -10.98
C VAL A 67 1.37 17.36 -10.95
N HIS A 68 0.70 18.41 -10.48
CA HIS A 68 0.44 18.57 -9.05
C HIS A 68 -1.03 18.33 -8.74
N THR A 69 -1.31 17.82 -7.54
CA THR A 69 -2.70 17.53 -7.19
C THR A 69 -3.48 18.81 -6.90
N ALA A 70 -4.78 18.75 -7.18
CA ALA A 70 -5.64 19.91 -6.92
C ALA A 70 -5.61 20.31 -5.44
N ASP A 71 -5.64 19.33 -4.53
CA ASP A 71 -5.61 19.63 -3.10
C ASP A 71 -4.32 20.35 -2.71
N TYR A 72 -3.20 19.94 -3.30
CA TYR A 72 -1.92 20.55 -2.96
C TYR A 72 -1.85 21.98 -3.49
N VAL A 73 -2.29 22.21 -4.73
CA VAL A 73 -2.29 23.56 -5.28
C VAL A 73 -3.19 24.47 -4.44
N SER A 74 -4.35 23.96 -4.03
CA SER A 74 -5.24 24.75 -3.18
C SER A 74 -4.56 25.08 -1.85
N PHE A 75 -3.89 24.09 -1.25
CA PHE A 75 -3.19 24.29 0.03
C PHE A 75 -2.16 25.40 -0.07
N LEU A 76 -1.35 25.41 -1.14
CA LEU A 76 -0.32 26.43 -1.24
C LEU A 76 -0.94 27.81 -1.36
N GLU A 77 -2.13 27.91 -1.94
CA GLU A 77 -2.75 29.22 -2.12
C GLU A 77 -3.25 29.80 -0.80
N THR A 78 -3.71 28.95 0.11
CA THR A 78 -4.31 29.44 1.35
C THR A 78 -3.42 29.28 2.57
N CYS A 79 -2.28 28.58 2.45
CA CYS A 79 -1.49 28.18 3.62
C CYS A 79 -1.17 29.36 4.52
N TRP A 80 -0.57 30.42 3.95
CA TRP A 80 -0.17 31.56 4.75
C TRP A 80 -1.36 32.20 5.47
N ASP A 81 -2.45 32.45 4.74
CA ASP A 81 -3.60 33.08 5.39
C ASP A 81 -4.14 32.21 6.53
N GLU A 82 -4.18 30.89 6.33
CA GLU A 82 -4.66 29.99 7.39
C GLU A 82 -3.71 29.98 8.57
N TRP A 83 -2.40 30.03 8.31
CA TRP A 83 -1.40 30.08 9.36
C TRP A 83 -1.58 31.33 10.22
N VAL A 84 -1.69 32.49 9.56
CA VAL A 84 -1.85 33.74 10.30
C VAL A 84 -3.17 33.75 11.05
N ALA A 85 -4.24 33.25 10.43
CA ALA A 85 -5.55 33.23 11.08
C ALA A 85 -5.59 32.32 12.28
N ALA A 86 -4.76 31.27 12.29
CA ALA A 86 -4.64 30.37 13.43
C ALA A 86 -3.79 30.96 14.55
N GLY A 87 -3.21 32.15 14.36
CA GLY A 87 -2.56 32.82 15.46
C GLY A 87 -1.08 32.56 15.59
N LYS A 88 -0.46 31.85 14.65
CA LYS A 88 0.97 31.62 14.70
C LYS A 88 1.70 32.91 14.38
N ARG A 89 2.81 33.16 15.08
CA ARG A 89 3.50 34.43 14.97
C ARG A 89 4.79 34.38 14.14
N GLY A 90 5.32 33.20 13.83
CA GLY A 90 6.46 33.07 12.95
C GLY A 90 6.03 32.88 11.51
N GLU A 91 7.02 32.63 10.65
CA GLU A 91 6.69 32.15 9.31
C GLU A 91 6.12 30.74 9.39
N ALA A 92 5.48 30.29 8.31
CA ALA A 92 4.82 28.99 8.30
C ALA A 92 5.86 27.90 8.09
N ILE A 93 6.08 27.09 9.13
CA ILE A 93 7.11 26.06 9.18
C ILE A 93 6.45 24.80 9.74
N PRO A 94 6.57 23.64 9.07
CA PRO A 94 5.97 22.42 9.64
C PRO A 94 6.65 22.02 10.93
N THR A 95 5.85 21.51 11.87
CA THR A 95 6.34 21.05 13.17
C THR A 95 6.16 19.56 13.36
N PHE A 96 5.18 18.98 12.70
CA PHE A 96 4.79 17.58 12.83
C PHE A 96 4.54 16.99 11.45
N TRP A 97 4.76 15.69 11.31
CA TRP A 97 4.50 15.06 10.03
C TRP A 97 4.07 13.62 10.25
N VAL A 98 3.77 12.95 9.14
CA VAL A 98 3.40 11.54 9.15
C VAL A 98 4.64 10.72 9.44
N GLY A 99 4.88 10.41 10.72
CA GLY A 99 6.04 9.62 11.05
C GLY A 99 5.85 8.16 10.67
N ARG A 100 6.95 7.41 10.67
CA ARG A 100 6.85 5.99 10.34
C ARG A 100 5.91 5.31 11.33
N GLY A 101 4.96 4.54 10.80
CA GLY A 101 3.93 3.94 11.61
C GLY A 101 2.64 4.72 11.70
N MET A 102 2.59 5.96 11.19
CA MET A 102 1.36 6.74 11.23
C MET A 102 0.64 6.66 9.89
N ARG A 103 -0.58 7.23 9.86
CA ARG A 103 -1.43 7.16 8.68
C ARG A 103 -1.17 8.35 7.75
N ALA A 104 -1.03 8.07 6.45
CA ALA A 104 -0.96 9.10 5.43
C ALA A 104 -2.37 9.63 5.15
N ARG A 105 -2.89 10.37 6.13
CA ARG A 105 -4.27 10.85 6.14
C ARG A 105 -4.29 12.36 6.32
N LEU A 106 -5.00 13.06 5.45
CA LEU A 106 -5.00 14.51 5.47
C LEU A 106 -5.87 15.02 6.61
N PRO A 107 -5.33 15.82 7.54
CA PRO A 107 -6.15 16.33 8.65
C PRO A 107 -6.77 17.68 8.36
N LYS A 108 -7.49 18.24 9.33
CA LYS A 108 -8.12 19.53 9.13
C LYS A 108 -7.24 20.70 9.54
N ASP A 109 -6.53 20.59 10.68
CA ASP A 109 -5.77 21.72 11.21
C ASP A 109 -4.61 22.12 10.29
N ILE A 110 -4.26 23.41 10.33
CA ILE A 110 -3.21 23.95 9.43
C ILE A 110 -1.85 23.29 9.72
N ASP A 111 -1.53 23.04 11.00
CA ASP A 111 -0.26 22.36 11.31
C ASP A 111 -0.24 20.96 10.72
N GLY A 112 -1.35 20.23 10.84
CA GLY A 112 -1.42 18.89 10.27
C GLY A 112 -1.32 18.91 8.75
N ARG A 113 -1.95 19.89 8.12
CA ARG A 113 -1.87 19.95 6.66
C ARG A 113 -0.46 20.35 6.20
N LEU A 114 0.15 21.32 6.88
CA LEU A 114 1.54 21.68 6.58
C LEU A 114 2.45 20.47 6.66
N GLY A 115 2.30 19.65 7.70
CA GLY A 115 3.17 18.48 7.81
C GLY A 115 2.87 17.43 6.74
N TYR A 116 1.59 17.23 6.43
CA TYR A 116 1.18 16.24 5.44
C TYR A 116 1.78 16.57 4.07
N TYR A 117 1.84 17.84 3.72
CA TYR A 117 2.31 18.28 2.42
C TYR A 117 3.81 18.59 2.37
N SER A 118 4.61 18.16 3.36
CA SER A 118 5.99 18.59 3.39
C SER A 118 6.95 17.43 3.62
N LEU A 119 8.22 17.69 3.33
CA LEU A 119 9.28 16.73 3.61
C LEU A 119 10.37 17.33 4.49
N GLY A 120 10.17 18.53 5.00
CA GLY A 120 11.23 19.15 5.81
C GLY A 120 10.74 20.46 6.37
N ALA A 121 11.54 21.02 7.27
CA ALA A 121 11.18 22.24 7.97
C ALA A 121 12.05 23.41 7.57
N ASP A 122 12.89 23.25 6.56
CA ASP A 122 13.80 24.32 6.19
C ASP A 122 13.20 25.25 5.13
N THR A 123 11.95 25.04 4.76
CA THR A 123 11.34 25.80 3.67
C THR A 123 10.13 26.56 4.21
N SER A 124 10.40 27.72 4.80
CA SER A 124 9.34 28.55 5.35
C SER A 124 8.43 29.06 4.25
N ILE A 125 7.15 29.25 4.59
CA ILE A 125 6.17 29.87 3.71
C ILE A 125 5.74 31.19 4.35
N SER A 126 5.61 32.24 3.52
CA SER A 126 5.11 33.51 4.01
C SER A 126 4.34 34.18 2.89
N ASP A 127 3.93 35.41 3.10
CA ASP A 127 3.17 36.10 2.07
C ASP A 127 3.99 36.22 0.79
N GLY A 128 3.34 36.03 -0.35
CA GLY A 128 4.00 36.12 -1.63
C GLY A 128 4.63 34.85 -2.13
N THR A 129 4.80 33.83 -1.27
CA THR A 129 5.34 32.55 -1.75
C THR A 129 4.47 31.96 -2.85
N TRP A 130 3.15 31.98 -2.67
CA TRP A 130 2.23 31.48 -3.69
C TRP A 130 2.41 32.24 -5.00
N GLU A 131 2.45 33.57 -4.92
CA GLU A 131 2.57 34.37 -6.14
C GLU A 131 3.87 34.07 -6.84
N ALA A 132 4.94 33.90 -6.06
CA ALA A 132 6.24 33.65 -6.66
C ALA A 132 6.31 32.24 -7.26
N ALA A 133 5.74 31.25 -6.56
CA ALA A 133 5.74 29.90 -7.11
C ALA A 133 4.97 29.86 -8.43
N ARG A 134 3.84 30.56 -8.50
N ARG A 134 3.83 30.56 -8.52
CA ARG A 134 3.07 30.64 -9.75
CA ARG A 134 3.08 30.61 -9.76
C ARG A 134 3.88 31.27 -10.86
C ARG A 134 3.89 31.27 -10.87
N ALA A 135 4.55 32.38 -10.56
CA ALA A 135 5.33 33.08 -11.58
C ALA A 135 6.47 32.19 -12.07
N SER A 136 7.05 31.41 -11.16
CA SER A 136 8.18 30.54 -11.52
C SER A 136 7.75 29.42 -12.46
N ALA A 137 6.57 28.85 -12.22
CA ALA A 137 6.04 27.85 -13.14
C ALA A 137 5.74 28.48 -14.50
N ASN A 138 5.19 29.69 -14.52
CA ASN A 138 4.97 30.38 -15.79
C ASN A 138 6.28 30.70 -16.51
N VAL A 139 7.36 30.97 -15.76
CA VAL A 139 8.67 31.18 -16.38
C VAL A 139 9.09 29.92 -17.13
N ALA A 140 8.98 28.75 -16.49
CA ALA A 140 9.33 27.50 -17.15
C ALA A 140 8.42 27.23 -18.36
N LEU A 141 7.13 27.53 -18.24
CA LEU A 141 6.21 27.25 -19.34
C LEU A 141 6.41 28.20 -20.50
N THR A 142 6.81 29.45 -20.22
CA THR A 142 7.15 30.37 -21.31
C THR A 142 8.40 29.89 -22.05
N ALA A 143 9.40 29.40 -21.31
CA ALA A 143 10.60 28.87 -21.95
C ALA A 143 10.27 27.62 -22.78
N GLN A 144 9.38 26.77 -22.26
CA GLN A 144 8.97 25.59 -23.01
C GLN A 144 8.28 26.01 -24.32
N LYS A 145 7.38 27.01 -24.24
CA LYS A 145 6.70 27.50 -25.43
C LYS A 145 7.71 28.05 -26.45
N LEU A 146 8.70 28.81 -25.99
CA LEU A 146 9.72 29.34 -26.91
C LEU A 146 10.40 28.22 -27.67
N VAL A 147 10.75 27.14 -26.98
CA VAL A 147 11.42 26.02 -27.63
C VAL A 147 10.46 25.28 -28.54
N ALA A 148 9.23 25.05 -28.06
CA ALA A 148 8.24 24.36 -28.89
C ALA A 148 7.99 25.09 -30.19
N GLU A 149 8.06 26.43 -30.17
CA GLU A 149 7.78 27.22 -31.36
C GLU A 149 9.04 27.60 -32.16
N GLY A 150 10.17 26.95 -31.88
CA GLY A 150 11.28 27.08 -32.81
C GLY A 150 12.66 27.35 -32.25
N GLU A 151 12.77 27.81 -30.99
CA GLU A 151 14.08 28.02 -30.42
C GLU A 151 14.76 26.69 -30.10
N ARG A 152 16.07 26.61 -30.33
CA ARG A 152 16.80 25.40 -29.98
C ARG A 152 16.79 25.16 -28.48
N ALA A 153 16.93 26.24 -27.71
CA ALA A 153 16.99 26.16 -26.26
C ALA A 153 16.49 27.47 -25.66
N ALA A 154 16.10 27.42 -24.39
CA ALA A 154 15.73 28.62 -23.67
C ALA A 154 16.04 28.43 -22.18
N PHE A 155 16.36 29.55 -21.52
CA PHE A 155 16.72 29.55 -20.09
C PHE A 155 15.54 30.09 -19.28
N ALA A 156 14.92 29.20 -18.50
CA ALA A 156 13.86 29.59 -17.56
C ALA A 156 14.55 29.95 -16.25
N LEU A 157 14.65 31.24 -15.96
CA LEU A 157 15.36 31.70 -14.76
C LEU A 157 14.38 31.67 -13.58
N CYS A 158 14.09 30.43 -13.16
CA CYS A 158 13.07 30.16 -12.15
C CYS A 158 13.58 30.49 -10.76
N ARG A 159 12.74 31.15 -9.99
CA ARG A 159 12.96 31.26 -8.55
C ARG A 159 11.60 31.49 -7.92
N PRO A 160 11.14 30.64 -7.00
CA PRO A 160 11.79 29.47 -6.37
C PRO A 160 12.08 28.30 -7.32
N PRO A 161 13.06 27.46 -6.95
CA PRO A 161 13.35 26.27 -7.76
C PRO A 161 12.25 25.24 -7.59
N GLY A 162 12.34 24.10 -8.28
CA GLY A 162 11.24 23.15 -8.27
C GLY A 162 11.54 21.67 -8.11
N HIS A 163 12.79 21.21 -8.28
CA HIS A 163 12.93 19.78 -8.53
C HIS A 163 12.71 18.88 -7.31
N HIS A 164 12.62 19.42 -6.09
CA HIS A 164 12.27 18.60 -4.93
C HIS A 164 10.78 18.43 -4.71
N ALA A 165 9.93 19.15 -5.46
CA ALA A 165 8.50 19.13 -5.23
C ALA A 165 7.87 17.90 -5.90
N HIS A 166 7.20 17.06 -5.10
CA HIS A 166 6.43 15.95 -5.59
C HIS A 166 5.08 16.47 -6.10
N ALA A 167 4.21 15.57 -6.56
CA ALA A 167 2.86 15.97 -6.96
C ALA A 167 2.15 16.71 -5.83
N ASP A 168 2.38 16.31 -4.57
CA ASP A 168 1.71 16.91 -3.43
C ASP A 168 2.63 17.05 -2.22
N VAL A 169 3.92 17.31 -2.45
CA VAL A 169 4.85 17.57 -1.35
C VAL A 169 5.78 18.71 -1.75
N PHE A 170 5.94 19.69 -0.86
CA PHE A 170 6.91 20.78 -1.04
C PHE A 170 8.10 20.57 -0.11
N GLY A 171 9.23 21.13 -0.50
CA GLY A 171 10.39 21.15 0.37
C GLY A 171 11.65 21.43 -0.42
N GLY A 172 12.75 21.52 0.32
CA GLY A 172 14.02 21.82 -0.34
C GLY A 172 13.96 23.11 -1.12
N TYR A 173 13.22 24.10 -0.60
CA TYR A 173 13.04 25.42 -1.18
C TYR A 173 12.12 25.43 -2.41
N CYS A 174 11.45 24.30 -2.71
CA CYS A 174 10.66 24.10 -3.93
C CYS A 174 9.18 23.94 -3.63
N PHE A 175 8.33 24.45 -4.54
CA PHE A 175 6.88 24.41 -4.34
C PHE A 175 6.17 23.77 -5.53
N PHE A 176 6.41 24.29 -6.73
CA PHE A 176 5.95 23.68 -7.96
C PHE A 176 7.17 23.15 -8.71
N ASN A 177 7.04 21.95 -9.30
CA ASN A 177 8.18 21.33 -9.98
C ASN A 177 8.23 21.86 -11.40
N ASN A 178 8.96 22.96 -11.56
CA ASN A 178 9.01 23.67 -12.85
C ASN A 178 9.49 22.77 -13.98
N ALA A 179 10.52 21.96 -13.71
CA ALA A 179 11.04 21.07 -14.73
C ALA A 179 10.00 20.03 -15.13
N ALA A 180 9.30 19.47 -14.15
CA ALA A 180 8.27 18.47 -14.45
C ALA A 180 7.12 19.09 -15.23
N ILE A 181 6.75 20.32 -14.88
CA ILE A 181 5.67 21.02 -15.56
C ILE A 181 6.03 21.28 -17.01
N ALA A 182 7.28 21.68 -17.26
CA ALA A 182 7.75 21.86 -18.63
C ALA A 182 7.77 20.55 -19.39
N ALA A 183 8.25 19.48 -18.74
CA ALA A 183 8.27 18.16 -19.37
C ALA A 183 6.86 17.72 -19.75
N GLN A 184 5.91 17.85 -18.82
CA GLN A 184 4.53 17.48 -19.11
C GLN A 184 3.93 18.36 -20.21
N ALA A 185 4.34 19.62 -20.29
CA ALA A 185 3.84 20.47 -21.36
C ALA A 185 4.29 19.97 -22.73
N PHE A 186 5.57 19.59 -22.85
CA PHE A 186 6.02 18.92 -24.08
C PHE A 186 5.12 17.72 -24.40
N ARG A 187 4.89 16.85 -23.42
CA ARG A 187 4.06 15.67 -23.66
C ARG A 187 2.65 16.06 -24.09
N ASP A 188 2.05 17.05 -23.42
CA ASP A 188 0.70 17.48 -23.77
C ASP A 188 0.63 18.10 -25.15
N GLN A 189 1.75 18.58 -25.69
CA GLN A 189 1.78 19.20 -27.00
C GLN A 189 2.19 18.24 -28.11
N GLY A 190 2.25 16.94 -27.82
CA GLY A 190 2.49 15.95 -28.85
C GLY A 190 3.91 15.42 -28.93
N TYR A 191 4.83 15.91 -28.10
CA TYR A 191 6.15 15.30 -28.02
C TYR A 191 6.01 13.93 -27.36
N GLY A 192 6.38 12.88 -28.10
CA GLY A 192 6.11 11.52 -27.62
C GLY A 192 6.91 11.15 -26.39
N LYS A 193 8.19 11.53 -26.35
CA LYS A 193 9.06 11.16 -25.25
C LYS A 193 9.87 12.36 -24.80
N VAL A 194 10.08 12.48 -23.50
CA VAL A 194 10.78 13.62 -22.93
C VAL A 194 11.78 13.08 -21.90
N ALA A 195 12.98 13.64 -21.87
CA ALA A 195 13.94 13.31 -20.83
C ALA A 195 14.16 14.53 -19.94
N VAL A 196 14.28 14.30 -18.64
CA VAL A 196 14.61 15.34 -17.68
C VAL A 196 15.93 14.95 -17.03
N LEU A 197 16.95 15.77 -17.22
CA LEU A 197 18.29 15.50 -16.73
C LEU A 197 18.61 16.52 -15.64
N ASP A 198 18.90 16.04 -14.45
CA ASP A 198 19.02 16.88 -13.26
C ASP A 198 20.49 16.96 -12.86
N VAL A 199 21.14 18.10 -13.13
CA VAL A 199 22.57 18.25 -12.84
C VAL A 199 22.82 19.09 -11.58
N ASP A 200 21.77 19.56 -10.93
CA ASP A 200 21.87 20.13 -9.59
C ASP A 200 22.55 19.15 -8.64
N PHE A 201 23.29 19.69 -7.65
CA PHE A 201 24.00 18.85 -6.67
C PHE A 201 23.09 17.84 -5.98
N HIS A 202 21.85 18.23 -5.70
CA HIS A 202 20.91 17.40 -4.97
C HIS A 202 20.06 16.55 -5.91
N HIS A 203 19.56 15.44 -5.37
CA HIS A 203 18.68 14.55 -6.12
C HIS A 203 17.39 15.25 -6.45
N GLY A 204 16.93 15.14 -7.69
CA GLY A 204 15.62 15.66 -8.04
C GLY A 204 14.53 14.68 -7.64
N ASN A 205 14.29 14.54 -6.34
CA ASN A 205 13.36 13.53 -5.87
C ASN A 205 11.93 13.81 -6.32
N GLY A 206 11.54 15.08 -6.43
CA GLY A 206 10.19 15.37 -6.88
C GLY A 206 9.98 14.95 -8.32
N THR A 207 10.95 15.25 -9.19
CA THR A 207 10.83 14.87 -10.59
C THR A 207 10.79 13.35 -10.72
N GLN A 208 11.65 12.67 -9.98
CA GLN A 208 11.66 11.21 -9.98
C GLN A 208 10.29 10.68 -9.57
N ALA A 209 9.71 11.22 -8.50
CA ALA A 209 8.44 10.72 -7.99
C ALA A 209 7.30 10.94 -8.97
N ILE A 210 7.28 12.11 -9.63
CA ILE A 210 6.15 12.46 -10.49
C ILE A 210 6.06 11.50 -11.66
N PHE A 211 7.20 11.10 -12.24
CA PHE A 211 7.18 10.26 -13.42
C PHE A 211 7.57 8.81 -13.13
N TYR A 212 7.59 8.42 -11.85
CA TYR A 212 8.24 7.16 -11.48
C TYR A 212 7.61 5.94 -12.13
N ASP A 213 6.30 5.97 -12.37
CA ASP A 213 5.62 4.81 -12.97
C ASP A 213 5.37 5.00 -14.46
N ARG A 214 6.18 5.82 -15.13
CA ARG A 214 5.95 6.16 -16.52
C ARG A 214 7.20 5.91 -17.36
N SER A 215 6.99 5.42 -18.58
CA SER A 215 8.09 5.21 -19.51
C SER A 215 8.17 6.29 -20.58
N ASP A 216 7.24 7.24 -20.59
CA ASP A 216 7.28 8.28 -21.61
C ASP A 216 8.13 9.47 -21.19
N VAL A 217 8.50 9.56 -19.92
CA VAL A 217 9.38 10.61 -19.43
C VAL A 217 10.52 9.93 -18.68
N LEU A 218 11.72 10.03 -19.24
CA LEU A 218 12.91 9.46 -18.62
C LEU A 218 13.51 10.50 -17.67
N THR A 219 13.73 10.11 -16.43
CA THR A 219 14.29 11.01 -15.43
C THR A 219 15.66 10.50 -14.99
N ILE A 220 16.66 11.38 -15.06
CA ILE A 220 18.03 11.08 -14.67
C ILE A 220 18.51 12.20 -13.73
N SER A 221 19.21 11.81 -12.67
CA SER A 221 19.81 12.79 -11.77
C SER A 221 21.21 12.36 -11.36
N LEU A 222 22.16 13.30 -11.44
CA LEU A 222 23.45 13.20 -10.79
C LEU A 222 23.38 14.00 -9.50
N HIS A 223 23.91 13.44 -8.41
CA HIS A 223 23.79 14.14 -7.13
C HIS A 223 24.73 13.57 -6.08
N GLY A 224 24.90 14.34 -5.00
CA GLY A 224 25.58 13.83 -3.83
C GLY A 224 24.81 12.69 -3.17
N ASP A 225 25.56 11.73 -2.64
CA ASP A 225 25.05 10.53 -1.99
C ASP A 225 23.98 10.88 -0.96
N PRO A 226 22.73 10.44 -1.15
CA PRO A 226 21.69 10.75 -0.15
C PRO A 226 21.92 10.08 1.18
N ASP A 227 22.79 9.06 1.26
CA ASP A 227 23.19 8.58 2.58
C ASP A 227 23.79 9.71 3.41
N LEU A 228 24.40 10.69 2.74
CA LEU A 228 25.12 11.77 3.37
C LEU A 228 24.39 13.11 3.34
N VAL A 229 23.58 13.39 2.30
CA VAL A 229 22.97 14.71 2.13
C VAL A 229 21.49 14.62 1.76
N PHE A 230 20.84 15.76 1.92
CA PHE A 230 19.47 15.95 1.48
C PHE A 230 19.32 15.50 0.02
N PRO A 231 18.22 14.81 -0.34
CA PRO A 231 17.00 14.57 0.45
C PRO A 231 16.97 13.30 1.33
N HIS A 232 18.10 12.56 1.39
CA HIS A 232 18.33 11.44 2.29
C HIS A 232 17.51 10.17 2.04
N PHE A 233 16.24 10.27 1.65
CA PHE A 233 15.35 9.11 1.62
C PHE A 233 14.90 8.74 0.22
N LEU A 234 15.48 9.38 -0.79
CA LEU A 234 15.39 8.98 -2.18
C LEU A 234 16.69 9.40 -2.85
N GLY A 235 16.91 8.88 -4.05
CA GLY A 235 18.09 9.20 -4.84
C GLY A 235 19.12 8.09 -4.92
N PHE A 236 18.85 6.91 -4.37
CA PHE A 236 19.82 5.83 -4.42
C PHE A 236 19.78 5.13 -5.77
N GLU A 237 20.89 4.52 -6.15
CA GLU A 237 21.01 3.99 -7.50
C GLU A 237 20.08 2.80 -7.75
N ASP A 238 19.58 2.15 -6.70
CA ASP A 238 18.66 1.04 -6.92
C ASP A 238 17.24 1.49 -7.27
N GLU A 239 16.96 2.79 -7.27
CA GLU A 239 15.63 3.29 -7.63
C GLU A 239 15.59 3.44 -9.15
N THR A 240 15.04 2.46 -9.85
CA THR A 240 15.05 2.45 -11.31
C THR A 240 13.66 2.62 -11.92
N GLY A 241 12.64 2.86 -11.11
CA GLY A 241 11.28 3.02 -11.59
C GLY A 241 10.37 1.95 -11.03
N GLU A 242 9.09 2.10 -11.35
N GLU A 242 9.08 2.08 -11.36
CA GLU A 242 8.07 1.14 -10.94
CA GLU A 242 8.06 1.16 -10.92
C GLU A 242 7.09 0.93 -12.09
C GLU A 242 7.06 0.95 -12.05
N GLY A 243 6.55 -0.28 -12.17
CA GLY A 243 5.57 -0.56 -13.21
C GLY A 243 6.14 -0.31 -14.59
N ASP A 244 5.34 0.33 -15.44
CA ASP A 244 5.82 0.69 -16.77
C ASP A 244 7.04 1.60 -16.71
N GLY A 245 7.29 2.25 -15.56
CA GLY A 245 8.44 3.11 -15.40
C GLY A 245 9.74 2.43 -15.05
N GLU A 246 9.73 1.13 -14.77
CA GLU A 246 10.97 0.46 -14.43
C GLU A 246 11.95 0.56 -15.60
N ALA A 247 13.18 0.94 -15.29
CA ALA A 247 14.30 1.24 -16.21
C ALA A 247 14.17 2.62 -16.85
N TYR A 248 13.20 3.44 -16.42
CA TYR A 248 13.07 4.80 -16.95
C TYR A 248 13.35 5.85 -15.88
N ASN A 249 14.07 5.47 -14.83
CA ASN A 249 14.65 6.39 -13.87
C ASN A 249 16.08 5.96 -13.58
N LEU A 250 16.99 6.92 -13.51
CA LEU A 250 18.41 6.61 -13.30
C LEU A 250 19.02 7.63 -12.35
N ASN A 251 19.44 7.16 -11.17
CA ASN A 251 20.22 7.96 -10.24
C ASN A 251 21.69 7.61 -10.31
N ILE A 252 22.55 8.63 -10.33
CA ILE A 252 24.01 8.50 -10.38
C ILE A 252 24.56 9.28 -9.19
N VAL A 253 25.11 8.56 -8.21
CA VAL A 253 25.48 9.10 -6.90
C VAL A 253 27.00 9.30 -6.83
N PHE A 254 27.43 10.38 -6.16
CA PHE A 254 28.84 10.70 -6.00
C PHE A 254 29.16 11.09 -4.56
N PRO A 255 30.39 10.83 -4.11
CA PRO A 255 30.76 11.09 -2.71
C PRO A 255 31.32 12.48 -2.53
N PRO A 256 31.71 12.86 -1.30
CA PRO A 256 32.32 14.17 -1.10
C PRO A 256 33.60 14.36 -1.90
N ASP A 257 33.81 15.62 -2.32
CA ASP A 257 34.99 16.13 -3.02
C ASP A 257 35.07 15.68 -4.48
N THR A 258 33.97 15.17 -5.04
CA THR A 258 33.97 14.69 -6.42
C THR A 258 34.27 15.84 -7.37
N PRO A 259 35.29 15.75 -8.21
CA PRO A 259 35.60 16.82 -9.16
C PRO A 259 34.92 16.56 -10.51
N PHE A 260 35.06 17.54 -11.42
CA PHE A 260 34.46 17.40 -12.74
C PHE A 260 35.02 16.20 -13.51
N SER A 261 36.30 15.87 -13.30
CA SER A 261 36.87 14.72 -14.02
C SER A 261 36.11 13.43 -13.72
N ILE A 262 35.54 13.32 -12.52
CA ILE A 262 34.75 12.16 -12.13
C ILE A 262 33.27 12.37 -12.42
N TRP A 263 32.77 13.55 -12.06
CA TRP A 263 31.36 13.89 -12.29
C TRP A 263 30.99 13.75 -13.76
N SER A 264 31.90 14.15 -14.65
CA SER A 264 31.62 14.11 -16.09
C SER A 264 31.53 12.69 -16.64
N GLN A 265 32.12 11.70 -15.95
CA GLN A 265 31.90 10.31 -16.30
C GLN A 265 30.45 9.92 -16.05
N GLY A 266 29.90 10.37 -14.92
CA GLY A 266 28.47 10.17 -14.70
C GLY A 266 27.62 10.89 -15.73
N LEU A 267 28.03 12.11 -16.08
CA LEU A 267 27.33 12.84 -17.13
C LEU A 267 27.35 12.07 -18.44
N GLU A 268 28.47 11.43 -18.76
CA GLU A 268 28.55 10.68 -20.01
C GLU A 268 27.62 9.47 -19.98
N LYS A 269 27.53 8.81 -18.82
CA LYS A 269 26.57 7.72 -18.66
C LYS A 269 25.14 8.22 -18.85
N ALA A 270 24.83 9.38 -18.28
CA ALA A 270 23.49 9.94 -18.44
C ALA A 270 23.19 10.24 -19.90
N CYS A 271 24.16 10.77 -20.63
CA CYS A 271 23.94 11.13 -22.02
C CYS A 271 23.74 9.90 -22.89
N GLU A 272 24.45 8.82 -22.60
CA GLU A 272 24.22 7.59 -23.34
C GLU A 272 22.83 7.04 -23.09
N ARG A 273 22.37 7.09 -21.83
CA ARG A 273 21.00 6.68 -21.53
C ARG A 273 19.99 7.52 -22.29
N ILE A 274 20.22 8.83 -22.38
CA ILE A 274 19.33 9.70 -23.15
C ILE A 274 19.37 9.33 -24.63
N ARG A 275 20.58 9.09 -25.16
CA ARG A 275 20.72 8.70 -26.56
C ARG A 275 19.95 7.42 -26.85
N THR A 276 20.01 6.44 -25.95
CA THR A 276 19.25 5.20 -26.13
C THR A 276 17.76 5.48 -26.11
N PHE A 277 17.31 6.34 -25.20
CA PHE A 277 15.90 6.67 -25.06
C PHE A 277 15.35 7.38 -26.29
N ALA A 278 16.19 8.21 -26.94
CA ALA A 278 15.83 8.97 -28.13
C ALA A 278 14.60 9.84 -27.87
N PRO A 279 14.70 10.83 -26.97
CA PRO A 279 13.55 11.69 -26.67
C PRO A 279 13.33 12.75 -27.75
N ASP A 280 12.14 13.32 -27.72
CA ASP A 280 11.77 14.42 -28.60
C ASP A 280 12.10 15.79 -28.01
N ALA A 281 12.37 15.86 -26.70
CA ALA A 281 12.71 17.10 -26.02
C ALA A 281 13.47 16.76 -24.74
N LEU A 282 14.25 17.74 -24.28
CA LEU A 282 15.07 17.59 -23.09
C LEU A 282 14.79 18.75 -22.17
N VAL A 283 14.60 18.47 -20.89
CA VAL A 283 14.54 19.48 -19.84
C VAL A 283 15.74 19.27 -18.94
N VAL A 284 16.53 20.32 -18.75
CA VAL A 284 17.70 20.25 -17.88
C VAL A 284 17.37 21.01 -16.60
N ALA A 285 17.30 20.29 -15.47
CA ALA A 285 17.17 20.93 -14.16
C ALA A 285 18.57 21.36 -13.74
N LEU A 286 18.87 22.65 -13.86
CA LEU A 286 20.22 23.16 -13.73
C LEU A 286 20.42 23.79 -12.35
N GLY A 287 21.26 23.18 -11.53
CA GLY A 287 21.82 23.83 -10.35
C GLY A 287 23.32 24.00 -10.54
N VAL A 288 23.85 25.11 -10.03
CA VAL A 288 25.30 25.30 -9.96
C VAL A 288 25.79 25.15 -8.51
N ASP A 289 25.04 24.44 -7.67
CA ASP A 289 25.53 24.11 -6.34
C ASP A 289 26.52 22.95 -6.36
N THR A 290 26.88 22.46 -7.54
CA THR A 290 28.00 21.54 -7.73
C THR A 290 29.35 22.27 -7.67
N PHE A 291 29.32 23.58 -7.49
CA PHE A 291 30.48 24.46 -7.54
C PHE A 291 31.38 24.25 -6.32
N GLU A 292 32.70 24.43 -6.54
CA GLU A 292 33.68 24.14 -5.50
C GLU A 292 33.55 25.06 -4.29
N GLU A 293 32.90 26.22 -4.42
CA GLU A 293 32.69 27.11 -3.29
C GLU A 293 31.25 27.11 -2.78
N ASP A 294 30.41 26.19 -3.24
CA ASP A 294 29.03 26.21 -2.76
C ASP A 294 28.99 25.97 -1.26
N PRO A 295 28.25 26.77 -0.49
CA PRO A 295 28.28 26.65 0.97
C PRO A 295 27.51 25.48 1.56
N ILE A 296 26.69 24.75 0.80
CA ILE A 296 25.92 23.67 1.41
C ILE A 296 26.15 22.33 0.71
N SER A 297 27.11 22.25 -0.21
CA SER A 297 27.30 21.07 -1.06
C SER A 297 28.79 20.70 -1.11
N PHE A 298 29.08 19.49 -1.61
CA PHE A 298 30.47 19.02 -1.49
C PHE A 298 31.09 18.51 -2.79
N PHE A 299 30.67 19.02 -3.96
CA PHE A 299 31.41 18.74 -5.17
C PHE A 299 32.42 19.85 -5.44
N LYS A 300 33.27 19.63 -6.45
CA LYS A 300 34.41 20.52 -6.71
C LYS A 300 34.45 21.01 -8.16
N LEU A 301 33.32 21.33 -8.76
CA LEU A 301 33.36 21.92 -10.09
C LEU A 301 33.88 23.36 -10.04
N THR A 302 34.63 23.73 -11.07
CA THR A 302 35.08 25.10 -11.23
C THR A 302 34.15 25.84 -12.18
N SER A 303 34.31 27.16 -12.22
CA SER A 303 33.46 27.96 -13.10
C SER A 303 33.64 27.56 -14.56
N GLY A 304 34.88 27.25 -14.95
CA GLY A 304 35.12 26.84 -16.32
C GLY A 304 34.49 25.50 -16.67
N ASP A 305 34.29 24.64 -15.68
CA ASP A 305 33.63 23.37 -15.93
C ASP A 305 32.19 23.57 -16.42
N TYR A 306 31.54 24.68 -16.04
CA TYR A 306 30.17 24.90 -16.50
C TYR A 306 30.11 25.18 -18.00
N LEU A 307 31.17 25.80 -18.55
CA LEU A 307 31.25 25.92 -20.00
C LEU A 307 31.31 24.54 -20.65
N LYS A 308 32.04 23.60 -20.03
CA LYS A 308 32.15 22.27 -20.58
C LYS A 308 30.83 21.51 -20.45
N LEU A 309 30.13 21.70 -19.34
CA LEU A 309 28.82 21.09 -19.16
C LEU A 309 27.88 21.53 -20.27
N GLY A 310 27.81 22.83 -20.52
CA GLY A 310 26.87 23.33 -21.53
C GLY A 310 27.21 22.82 -22.92
N LYS A 311 28.50 22.76 -23.23
CA LYS A 311 28.92 22.22 -24.51
C LYS A 311 28.47 20.77 -24.67
N ARG A 312 28.65 19.95 -23.62
CA ARG A 312 28.27 18.55 -23.72
C ARG A 312 26.77 18.41 -23.89
N LEU A 313 25.98 19.24 -23.19
CA LEU A 313 24.53 19.18 -23.31
C LEU A 313 24.07 19.53 -24.73
N GLU A 314 24.70 20.53 -25.35
CA GLU A 314 24.35 20.84 -26.73
C GLU A 314 24.60 19.67 -27.67
N GLN A 315 25.62 18.86 -27.40
CA GLN A 315 25.94 17.76 -28.31
C GLN A 315 24.86 16.68 -28.32
N LEU A 316 23.97 16.66 -27.34
CA LEU A 316 22.82 15.76 -27.39
C LEU A 316 21.91 16.07 -28.58
N GLY A 317 21.96 17.29 -29.10
CA GLY A 317 21.20 17.66 -30.28
C GLY A 317 19.69 17.67 -30.08
N LEU A 318 19.23 18.10 -28.90
CA LEU A 318 17.81 18.07 -28.56
C LEU A 318 17.26 19.47 -28.34
N PRO A 319 15.98 19.68 -28.60
CA PRO A 319 15.33 20.90 -28.08
C PRO A 319 15.40 20.87 -26.55
N THR A 320 15.91 21.95 -25.96
CA THR A 320 16.35 21.92 -24.57
C THR A 320 15.81 23.10 -23.77
N VAL A 321 15.12 22.81 -22.67
CA VAL A 321 14.69 23.84 -21.73
C VAL A 321 15.53 23.69 -20.47
N PHE A 322 16.19 24.77 -20.06
CA PHE A 322 16.89 24.82 -18.78
C PHE A 322 15.99 25.46 -17.72
N THR A 323 15.79 24.79 -16.58
CA THR A 323 15.10 25.39 -15.45
C THR A 323 16.10 25.62 -14.33
N MET A 324 16.13 26.82 -13.78
CA MET A 324 17.09 27.11 -12.73
C MET A 324 16.66 26.43 -11.43
N GLU A 325 17.59 25.69 -10.84
CA GLU A 325 17.35 25.07 -9.53
C GLU A 325 18.23 25.75 -8.48
N GLY A 326 19.24 25.05 -7.95
CA GLY A 326 20.02 25.56 -6.82
C GLY A 326 21.35 26.18 -7.20
N GLY A 327 22.15 26.47 -6.18
CA GLY A 327 23.41 27.21 -6.31
C GLY A 327 23.43 28.41 -5.38
N TYR A 328 24.36 28.44 -4.42
CA TYR A 328 24.23 29.31 -3.26
C TYR A 328 25.46 30.15 -2.95
N ASP A 329 26.53 30.03 -3.71
CA ASP A 329 27.59 31.04 -3.69
C ASP A 329 27.17 32.17 -4.61
N VAL A 330 26.62 33.24 -4.02
CA VAL A 330 26.02 34.30 -4.83
C VAL A 330 27.08 35.08 -5.60
N ASP A 331 28.31 35.13 -5.07
CA ASP A 331 29.41 35.75 -5.82
C ASP A 331 29.55 35.18 -7.22
N ALA A 332 29.53 33.85 -7.35
CA ALA A 332 29.79 33.21 -8.63
C ALA A 332 28.55 32.64 -9.32
N ILE A 333 27.37 32.78 -8.73
CA ILE A 333 26.19 32.07 -9.25
C ILE A 333 25.86 32.56 -10.66
N GLY A 334 26.03 33.86 -10.92
CA GLY A 334 25.76 34.39 -12.25
C GLY A 334 26.75 33.88 -13.29
N VAL A 335 28.05 33.96 -12.99
CA VAL A 335 29.06 33.43 -13.89
C VAL A 335 28.81 31.95 -14.17
N ASN A 336 28.52 31.18 -13.13
CA ASN A 336 28.41 29.73 -13.31
C ASN A 336 27.20 29.38 -14.16
N ALA A 337 26.03 29.96 -13.85
CA ALA A 337 24.82 29.58 -14.57
C ALA A 337 24.89 30.04 -16.02
N VAL A 338 25.35 31.27 -16.27
CA VAL A 338 25.41 31.78 -17.63
C VAL A 338 26.51 31.07 -18.41
N ASN A 339 27.54 30.55 -17.72
CA ASN A 339 28.57 29.76 -18.41
C ASN A 339 27.95 28.51 -19.04
N VAL A 340 26.97 27.90 -18.38
CA VAL A 340 26.30 26.75 -18.99
C VAL A 340 25.63 27.17 -20.29
N MET A 341 24.87 28.27 -20.25
CA MET A 341 24.20 28.76 -21.45
C MET A 341 25.21 29.14 -22.53
N GLN A 342 26.32 29.76 -22.13
CA GLN A 342 27.31 30.18 -23.12
C GLN A 342 28.04 28.98 -23.71
N GLY A 343 28.34 27.98 -22.87
CA GLY A 343 28.93 26.76 -23.40
C GLY A 343 28.01 26.04 -24.35
N PHE A 344 26.71 26.06 -24.06
CA PHE A 344 25.72 25.46 -24.96
C PHE A 344 25.74 26.15 -26.30
N GLU A 345 25.84 27.48 -26.31
CA GLU A 345 25.82 28.27 -27.53
C GLU A 345 27.18 28.34 -28.22
N GLY A 346 28.22 27.74 -27.65
CA GLY A 346 29.47 27.59 -28.37
C GLY A 346 30.71 28.24 -27.80
N LYS A 347 30.62 28.80 -26.60
CA LYS A 347 31.76 29.44 -25.96
C LYS A 347 32.59 28.42 -25.20
N SER A 348 33.90 28.56 -25.26
CA SER A 348 34.80 27.68 -24.51
C SER A 348 35.81 28.48 -23.68
N LEU B 3 -7.18 9.81 53.68
CA LEU B 3 -7.28 8.37 53.89
C LEU B 3 -5.98 7.67 53.48
N GLY B 4 -6.03 6.91 52.40
CA GLY B 4 -4.92 6.07 52.00
C GLY B 4 -3.68 6.85 51.63
N SER B 5 -2.58 6.11 51.50
N SER B 5 -2.58 6.10 51.49
CA SER B 5 -1.30 6.66 51.10
CA SER B 5 -1.30 6.66 51.10
C SER B 5 -0.81 5.97 49.83
C SER B 5 -0.81 5.96 49.82
N MET B 6 -0.10 6.73 49.00
CA MET B 6 0.45 6.22 47.76
C MET B 6 1.90 6.67 47.65
N LYS B 7 2.76 5.76 47.23
CA LYS B 7 4.18 6.07 47.07
C LYS B 7 4.43 6.72 45.72
N THR B 8 5.36 7.67 45.72
CA THR B 8 5.76 8.36 44.49
C THR B 8 7.25 8.10 44.27
N VAL B 9 7.60 7.76 43.04
CA VAL B 9 9.01 7.63 42.62
C VAL B 9 9.36 8.86 41.79
N PHE B 10 10.51 9.46 42.07
CA PHE B 10 10.94 10.66 41.35
C PHE B 10 12.46 10.64 41.21
N SER B 11 12.97 11.38 40.18
CA SER B 11 14.40 11.69 40.05
C SER B 11 14.70 13.08 40.59
N PRO B 12 15.68 13.21 41.48
CA PRO B 12 16.03 14.53 42.04
C PRO B 12 16.54 15.50 41.00
N LEU B 13 17.12 14.99 39.91
CA LEU B 13 17.70 15.87 38.89
C LEU B 13 16.63 16.27 37.88
N HIS B 14 15.74 17.17 38.33
CA HIS B 14 14.65 17.63 37.49
C HIS B 14 15.14 18.23 36.19
N SER B 15 16.35 18.80 36.17
N SER B 15 16.34 18.80 36.17
CA SER B 15 16.88 19.52 35.03
CA SER B 15 16.85 19.50 35.00
C SER B 15 17.87 18.70 34.22
C SER B 15 17.89 18.70 34.23
N ARG B 16 17.93 17.38 34.41
CA ARG B 16 18.82 16.56 33.60
C ARG B 16 18.54 16.78 32.11
N ARG B 17 17.28 16.73 31.71
CA ARG B 17 16.87 17.29 30.43
C ARG B 17 16.66 18.79 30.62
N HIS B 18 17.38 19.59 29.85
CA HIS B 18 17.38 21.05 30.05
C HIS B 18 17.52 21.78 28.71
N VAL B 19 16.73 21.38 27.70
CA VAL B 19 16.76 22.09 26.43
C VAL B 19 16.15 23.47 26.61
N LYS B 20 16.57 24.40 25.75
CA LYS B 20 16.08 25.77 25.81
C LYS B 20 15.30 26.20 24.59
N THR B 21 15.17 25.33 23.58
CA THR B 21 14.41 25.71 22.39
C THR B 21 13.38 24.66 22.04
N GLU B 22 12.20 25.13 21.61
CA GLU B 22 11.16 24.30 21.04
C GLU B 22 10.60 25.03 19.83
N LEU B 23 10.53 24.35 18.69
CA LEU B 23 9.92 24.94 17.51
C LEU B 23 8.40 24.96 17.67
N ASP B 24 7.81 26.15 17.57
CA ASP B 24 6.41 26.39 17.89
C ASP B 24 5.95 27.58 17.07
N GLY B 25 4.96 27.38 16.21
CA GLY B 25 4.45 28.48 15.39
C GLY B 25 5.50 29.17 14.56
N GLY B 26 6.53 28.45 14.12
CA GLY B 26 7.56 29.06 13.30
C GLY B 26 8.63 29.81 14.06
N LEU B 27 8.62 29.74 15.40
CA LEU B 27 9.61 30.39 16.23
C LEU B 27 10.25 29.37 17.14
N LEU B 28 11.45 29.68 17.61
CA LEU B 28 12.12 28.87 18.62
C LEU B 28 11.88 29.53 19.96
N ILE B 29 11.01 28.90 20.77
CA ILE B 29 10.59 29.44 22.05
C ILE B 29 11.15 28.57 23.17
N GLU B 30 10.97 29.02 24.41
CA GLU B 30 11.26 28.18 25.57
C GLU B 30 10.27 27.02 25.62
N PRO B 31 10.75 25.81 25.92
CA PRO B 31 9.91 24.63 25.81
C PRO B 31 8.77 24.64 26.82
N HIS B 32 7.64 24.08 26.39
CA HIS B 32 6.50 23.89 27.28
C HIS B 32 6.78 22.84 28.35
N GLU B 33 7.55 21.81 28.00
CA GLU B 33 7.82 20.69 28.91
C GLU B 33 9.07 21.03 29.71
N LYS B 34 8.88 21.74 30.86
CA LYS B 34 9.94 22.36 31.65
C LYS B 34 10.24 21.56 32.91
N PRO B 35 11.49 21.63 33.41
CA PRO B 35 11.81 20.99 34.69
C PRO B 35 10.89 21.37 35.83
N SER B 36 10.39 22.62 35.84
CA SER B 36 9.50 23.03 36.93
C SER B 36 8.20 22.23 36.97
N ARG B 37 7.85 21.53 35.88
CA ARG B 37 6.69 20.65 35.94
C ARG B 37 6.89 19.57 37.00
N ALA B 38 8.05 18.91 36.97
CA ALA B 38 8.33 17.87 37.95
C ALA B 38 8.59 18.46 39.33
N GLU B 39 9.32 19.59 39.40
CA GLU B 39 9.53 20.25 40.67
C GLU B 39 8.21 20.55 41.36
N THR B 40 7.26 21.11 40.60
CA THR B 40 6.00 21.54 41.18
C THR B 40 5.15 20.34 41.63
N ILE B 41 5.11 19.27 40.85
CA ILE B 41 4.37 18.09 41.26
C ILE B 41 4.99 17.49 42.53
N LEU B 42 6.33 17.38 42.57
CA LEU B 42 6.98 16.82 43.75
C LEU B 42 6.71 17.68 44.98
N ALA B 43 6.73 19.01 44.83
CA ALA B 43 6.45 19.88 45.97
C ALA B 43 5.04 19.66 46.51
N ARG B 44 4.08 19.39 45.63
CA ARG B 44 2.70 19.14 46.07
C ARG B 44 2.53 17.74 46.67
N VAL B 45 3.26 16.75 46.13
CA VAL B 45 3.29 15.43 46.74
C VAL B 45 3.77 15.52 48.19
N LYS B 46 4.81 16.31 48.45
CA LYS B 46 5.32 16.47 49.81
C LYS B 46 4.35 17.27 50.68
N ASP B 47 3.85 18.38 50.14
CA ASP B 47 2.97 19.28 50.90
C ASP B 47 1.67 18.62 51.31
N GLN B 48 1.18 17.69 50.50
CA GLN B 48 -0.06 16.96 50.81
C GLN B 48 0.20 15.67 51.58
N ALA B 49 1.47 15.32 51.81
CA ALA B 49 1.83 14.05 52.46
C ALA B 49 1.09 12.89 51.79
N LEU B 50 1.25 12.79 50.47
CA LEU B 50 0.57 11.72 49.74
C LEU B 50 1.05 10.36 50.21
N GLY B 51 2.34 10.24 50.47
CA GLY B 51 2.93 8.98 50.87
C GLY B 51 4.44 9.09 50.78
N GLU B 52 5.09 7.94 50.93
CA GLU B 52 6.55 7.92 50.85
C GLU B 52 7.00 8.37 49.47
N ILE B 53 8.11 9.11 49.42
CA ILE B 53 8.75 9.46 48.15
C ILE B 53 10.06 8.70 48.07
N LEU B 54 10.37 8.19 46.88
CA LEU B 54 11.62 7.46 46.72
C LEU B 54 12.23 7.75 45.35
N GLU B 55 13.54 7.54 45.27
CA GLU B 55 14.31 7.71 44.06
C GLU B 55 14.30 6.40 43.26
N PRO B 56 14.64 6.45 41.98
CA PRO B 56 14.50 5.24 41.16
C PRO B 56 15.63 4.26 41.38
N GLU B 57 15.29 2.98 41.21
CA GLU B 57 16.27 1.94 41.05
C GLU B 57 16.72 1.90 39.59
N GLU B 58 18.01 1.63 39.38
CA GLU B 58 18.54 1.50 38.02
C GLU B 58 18.29 0.09 37.51
N PHE B 59 17.54 -0.03 36.41
CA PHE B 59 17.27 -1.34 35.82
C PHE B 59 18.08 -1.59 34.57
N GLY B 60 18.79 -0.60 34.07
CA GLY B 60 19.54 -0.75 32.83
C GLY B 60 18.60 -0.73 31.64
N LEU B 61 19.21 -0.93 30.46
CA LEU B 61 18.46 -0.82 29.21
C LEU B 61 17.72 -2.10 28.84
N GLY B 62 17.92 -3.20 29.56
CA GLY B 62 17.20 -4.43 29.27
C GLY B 62 15.69 -4.29 29.13
N PRO B 63 15.01 -3.78 30.16
CA PRO B 63 13.55 -3.63 30.06
C PRO B 63 13.11 -2.54 29.10
N VAL B 64 13.97 -1.56 28.81
CA VAL B 64 13.66 -0.57 27.78
C VAL B 64 13.62 -1.24 26.41
N LYS B 65 14.59 -2.15 26.15
CA LYS B 65 14.67 -2.84 24.87
C LYS B 65 13.62 -3.94 24.69
N ARG B 66 12.83 -4.26 25.72
CA ARG B 66 11.67 -5.10 25.51
C ARG B 66 10.56 -4.37 24.75
N VAL B 67 10.69 -3.05 24.60
CA VAL B 67 9.71 -2.23 23.90
C VAL B 67 10.32 -1.49 22.72
N HIS B 68 11.54 -0.94 22.89
CA HIS B 68 12.17 -0.12 21.86
C HIS B 68 13.27 -0.91 21.14
N THR B 69 13.50 -0.57 19.89
CA THR B 69 14.47 -1.30 19.10
C THR B 69 15.90 -0.95 19.52
N ALA B 70 16.80 -1.91 19.31
CA ALA B 70 18.21 -1.68 19.59
C ALA B 70 18.76 -0.48 18.84
N ASP B 71 18.41 -0.33 17.55
CA ASP B 71 18.94 0.77 16.75
C ASP B 71 18.51 2.12 17.32
N TYR B 72 17.25 2.21 17.75
CA TYR B 72 16.71 3.46 18.29
C TYR B 72 17.36 3.82 19.61
N VAL B 73 17.49 2.84 20.51
CA VAL B 73 18.11 3.09 21.81
C VAL B 73 19.56 3.54 21.62
N SER B 74 20.26 2.96 20.64
CA SER B 74 21.62 3.40 20.33
C SER B 74 21.64 4.83 19.81
N PHE B 75 20.71 5.16 18.91
CA PHE B 75 20.65 6.50 18.33
C PHE B 75 20.44 7.55 19.41
N LEU B 76 19.55 7.30 20.38
CA LEU B 76 19.32 8.32 21.40
C LEU B 76 20.55 8.53 22.28
N GLU B 77 21.35 7.48 22.51
CA GLU B 77 22.56 7.66 23.29
C GLU B 77 23.62 8.48 22.57
N THR B 78 23.72 8.36 21.24
CA THR B 78 24.80 9.02 20.52
C THR B 78 24.37 10.28 19.79
N CYS B 79 23.05 10.58 19.73
CA CYS B 79 22.56 11.61 18.82
C CYS B 79 23.21 12.96 19.09
N TRP B 80 23.26 13.38 20.36
CA TRP B 80 23.78 14.70 20.67
C TRP B 80 25.26 14.79 20.34
N ASP B 81 26.04 13.78 20.73
CA ASP B 81 27.46 13.75 20.39
C ASP B 81 27.68 13.87 18.89
N GLU B 82 26.92 13.13 18.09
CA GLU B 82 27.12 13.14 16.64
C GLU B 82 26.70 14.48 16.04
N TRP B 83 25.63 15.07 16.57
CA TRP B 83 25.18 16.37 16.13
C TRP B 83 26.25 17.43 16.37
N VAL B 84 26.82 17.44 17.57
CA VAL B 84 27.88 18.39 17.89
C VAL B 84 29.10 18.13 17.00
N ALA B 85 29.44 16.86 16.79
CA ALA B 85 30.61 16.54 15.98
C ALA B 85 30.42 16.97 14.54
N ALA B 86 29.18 17.00 14.04
CA ALA B 86 28.93 17.44 12.68
C ALA B 86 28.90 18.96 12.54
N GLY B 87 29.10 19.71 13.62
CA GLY B 87 29.26 21.15 13.54
C GLY B 87 28.00 21.97 13.71
N LYS B 88 26.86 21.35 13.99
CA LYS B 88 25.63 22.12 14.20
C LYS B 88 25.74 22.91 15.50
N ARG B 89 25.15 24.11 15.49
CA ARG B 89 25.30 25.04 16.61
C ARG B 89 24.08 25.19 17.50
N GLY B 90 22.89 24.81 17.04
CA GLY B 90 21.72 24.77 17.89
C GLY B 90 21.59 23.45 18.60
N GLU B 91 20.45 23.27 19.27
CA GLU B 91 20.11 21.96 19.80
C GLU B 91 19.72 21.03 18.64
N ALA B 92 19.69 19.72 18.90
CA ALA B 92 19.42 18.75 17.85
C ALA B 92 17.93 18.74 17.55
N ILE B 93 17.58 19.22 16.35
CA ILE B 93 16.20 19.32 15.87
C ILE B 93 16.17 18.75 14.45
N PRO B 94 15.22 17.86 14.13
CA PRO B 94 15.13 17.35 12.76
C PRO B 94 14.76 18.46 11.79
N THR B 95 15.42 18.47 10.63
CA THR B 95 15.10 19.39 9.54
C THR B 95 14.42 18.70 8.37
N PHE B 96 14.66 17.39 8.19
CA PHE B 96 14.17 16.64 7.03
C PHE B 96 13.64 15.30 7.52
N TRP B 97 12.67 14.75 6.80
CA TRP B 97 12.09 13.49 7.25
C TRP B 97 11.60 12.68 6.06
N VAL B 98 11.08 11.50 6.36
CA VAL B 98 10.57 10.61 5.31
C VAL B 98 9.21 11.14 4.86
N GLY B 99 9.21 11.97 3.83
CA GLY B 99 7.97 12.49 3.31
C GLY B 99 7.17 11.43 2.58
N ARG B 100 5.88 11.69 2.39
CA ARG B 100 5.04 10.76 1.64
C ARG B 100 5.61 10.58 0.24
N GLY B 101 5.80 9.31 -0.15
CA GLY B 101 6.47 9.00 -1.40
C GLY B 101 7.94 8.69 -1.26
N MET B 102 8.55 8.96 -0.11
CA MET B 102 9.97 8.62 0.06
C MET B 102 10.11 7.27 0.75
N ARG B 103 11.35 6.78 0.81
CA ARG B 103 11.63 5.46 1.37
C ARG B 103 11.89 5.51 2.87
N ALA B 104 11.30 4.56 3.59
CA ALA B 104 11.63 4.36 5.01
C ALA B 104 12.95 3.61 5.08
N ARG B 105 14.03 4.35 4.83
CA ARG B 105 15.38 3.79 4.69
C ARG B 105 16.34 4.57 5.59
N LEU B 106 17.01 3.87 6.50
CA LEU B 106 17.90 4.52 7.46
C LEU B 106 19.16 5.06 6.79
N PRO B 107 19.41 6.38 6.81
CA PRO B 107 20.63 6.92 6.18
C PRO B 107 21.78 6.99 7.16
N LYS B 108 22.94 7.44 6.69
CA LYS B 108 24.12 7.55 7.54
C LYS B 108 24.21 8.91 8.24
N ASP B 109 23.87 9.99 7.56
CA ASP B 109 24.07 11.32 8.13
C ASP B 109 23.20 11.52 9.37
N ILE B 110 23.73 12.27 10.35
CA ILE B 110 22.99 12.53 11.57
C ILE B 110 21.64 13.21 11.27
N ASP B 111 21.62 14.17 10.33
CA ASP B 111 20.32 14.80 9.99
C ASP B 111 19.34 13.77 9.46
N GLY B 112 19.83 12.83 8.66
CA GLY B 112 18.94 11.82 8.12
C GLY B 112 18.42 10.88 9.19
N ARG B 113 19.29 10.48 10.11
CA ARG B 113 18.83 9.61 11.18
C ARG B 113 17.86 10.34 12.11
N LEU B 114 18.15 11.60 12.44
CA LEU B 114 17.24 12.39 13.26
C LEU B 114 15.83 12.39 12.70
N GLY B 115 15.70 12.58 11.38
CA GLY B 115 14.38 12.60 10.76
C GLY B 115 13.76 11.22 10.70
N TYR B 116 14.58 10.20 10.39
CA TYR B 116 14.06 8.84 10.33
C TYR B 116 13.44 8.43 11.66
N TYR B 117 14.02 8.88 12.77
CA TYR B 117 13.60 8.44 14.08
C TYR B 117 12.62 9.40 14.76
N SER B 118 12.06 10.37 14.06
CA SER B 118 11.20 11.35 14.72
C SER B 118 9.88 11.49 13.98
N LEU B 119 8.92 12.10 14.69
CA LEU B 119 7.64 12.44 14.09
C LEU B 119 7.33 13.92 14.21
N GLY B 120 8.22 14.70 14.81
CA GLY B 120 7.98 16.12 14.98
C GLY B 120 9.28 16.83 15.22
N ALA B 121 9.27 18.16 15.04
CA ALA B 121 10.45 18.99 15.20
C ALA B 121 10.42 19.83 16.47
N ASP B 122 9.46 19.60 17.35
CA ASP B 122 9.34 20.40 18.55
C ASP B 122 10.02 19.80 19.76
N THR B 123 10.75 18.70 19.59
CA THR B 123 11.31 17.92 20.70
C THR B 123 12.83 17.92 20.57
N SER B 124 13.44 19.03 20.99
CA SER B 124 14.89 19.18 20.84
C SER B 124 15.62 18.19 21.72
N ILE B 125 16.83 17.79 21.27
CA ILE B 125 17.72 16.92 22.03
C ILE B 125 19.00 17.68 22.33
N SER B 126 19.50 17.56 23.56
CA SER B 126 20.79 18.19 23.91
C SER B 126 21.44 17.37 25.01
N ASP B 127 22.56 17.86 25.53
CA ASP B 127 23.27 17.18 26.61
C ASP B 127 22.35 16.91 27.79
N GLY B 128 22.35 15.67 28.29
CA GLY B 128 21.51 15.28 29.39
C GLY B 128 20.21 14.60 28.99
N THR B 129 19.78 14.76 27.74
CA THR B 129 18.50 14.18 27.34
C THR B 129 18.52 12.66 27.42
N TRP B 130 19.60 12.03 26.96
CA TRP B 130 19.73 10.59 27.07
C TRP B 130 19.60 10.11 28.51
N GLU B 131 20.34 10.75 29.42
CA GLU B 131 20.31 10.35 30.83
C GLU B 131 18.92 10.60 31.43
N ALA B 132 18.27 11.69 31.01
CA ALA B 132 16.95 11.99 31.52
C ALA B 132 15.92 10.96 31.06
N ALA B 133 15.98 10.56 29.78
CA ALA B 133 15.10 9.51 29.31
C ALA B 133 15.30 8.22 30.07
N ARG B 134 16.57 7.85 30.32
CA ARG B 134 16.85 6.64 31.08
C ARG B 134 16.29 6.72 32.50
N ALA B 135 16.45 7.87 33.15
CA ALA B 135 15.97 8.01 34.52
C ALA B 135 14.45 7.95 34.55
N SER B 136 13.80 8.56 33.57
CA SER B 136 12.35 8.54 33.54
C SER B 136 11.82 7.11 33.38
N ALA B 137 12.50 6.31 32.55
CA ALA B 137 12.08 4.92 32.41
C ALA B 137 12.30 4.14 33.71
N ASN B 138 13.40 4.43 34.42
CA ASN B 138 13.63 3.75 35.68
C ASN B 138 12.58 4.16 36.72
N VAL B 139 12.15 5.43 36.68
CA VAL B 139 11.08 5.86 37.57
C VAL B 139 9.83 5.02 37.34
N ALA B 140 9.48 4.82 36.06
CA ALA B 140 8.33 3.99 35.72
C ALA B 140 8.53 2.54 36.18
N LEU B 141 9.73 2.00 35.99
CA LEU B 141 9.95 0.61 36.35
C LEU B 141 10.00 0.42 37.87
N THR B 142 10.49 1.43 38.60
CA THR B 142 10.47 1.36 40.07
C THR B 142 9.04 1.34 40.60
N ALA B 143 8.17 2.19 40.04
CA ALA B 143 6.76 2.17 40.41
C ALA B 143 6.14 0.82 40.08
N GLN B 144 6.48 0.25 38.94
CA GLN B 144 5.92 -1.05 38.58
C GLN B 144 6.37 -2.12 39.57
N LYS B 145 7.63 -2.08 39.97
CA LYS B 145 8.12 -3.06 40.95
C LYS B 145 7.39 -2.90 42.28
N LEU B 146 7.13 -1.66 42.69
CA LEU B 146 6.43 -1.44 43.96
C LEU B 146 5.04 -2.07 43.93
N VAL B 147 4.36 -1.96 42.79
CA VAL B 147 3.02 -2.54 42.70
C VAL B 147 3.10 -4.06 42.60
N ALA B 148 4.10 -4.57 41.86
CA ALA B 148 4.24 -6.02 41.74
C ALA B 148 4.58 -6.66 43.08
N GLU B 149 5.28 -5.93 43.96
CA GLU B 149 5.66 -6.47 45.26
C GLU B 149 4.64 -6.14 46.36
N GLY B 150 3.46 -5.63 46.00
CA GLY B 150 2.39 -5.52 46.98
C GLY B 150 1.60 -4.25 47.06
N GLU B 151 2.13 -3.11 46.60
CA GLU B 151 1.39 -1.86 46.64
C GLU B 151 0.18 -1.93 45.73
N ARG B 152 -0.94 -1.35 46.17
CA ARG B 152 -2.11 -1.26 45.30
C ARG B 152 -1.83 -0.37 44.10
N ALA B 153 -1.06 0.69 44.32
CA ALA B 153 -0.80 1.68 43.28
C ALA B 153 0.49 2.41 43.60
N ALA B 154 1.04 3.07 42.58
CA ALA B 154 2.24 3.88 42.74
C ALA B 154 2.25 4.94 41.65
N PHE B 155 2.84 6.08 41.97
CA PHE B 155 2.91 7.24 41.07
C PHE B 155 4.34 7.36 40.56
N ALA B 156 4.52 7.12 39.26
CA ALA B 156 5.82 7.29 38.62
C ALA B 156 5.89 8.72 38.09
N LEU B 157 6.63 9.58 38.78
CA LEU B 157 6.73 10.99 38.38
C LEU B 157 7.74 11.12 37.24
N CYS B 158 7.33 10.62 36.08
CA CYS B 158 8.16 10.61 34.89
C CYS B 158 8.30 11.99 34.28
N ARG B 159 9.53 12.37 34.00
CA ARG B 159 9.85 13.57 33.22
C ARG B 159 11.20 13.32 32.57
N PRO B 160 11.30 13.25 31.24
CA PRO B 160 10.28 13.50 30.21
C PRO B 160 9.17 12.45 30.13
N PRO B 161 8.02 12.84 29.54
CA PRO B 161 6.92 11.88 29.34
C PRO B 161 7.25 10.84 28.28
N GLY B 162 6.31 9.93 27.99
CA GLY B 162 6.62 8.79 27.14
C GLY B 162 5.61 8.39 26.07
N HIS B 163 4.34 8.79 26.18
CA HIS B 163 3.34 8.00 25.46
C HIS B 163 3.29 8.27 23.96
N HIS B 164 3.97 9.30 23.45
CA HIS B 164 4.07 9.48 22.00
C HIS B 164 5.20 8.68 21.36
N ALA B 165 6.08 8.04 22.13
CA ALA B 165 7.21 7.34 21.54
C ALA B 165 6.79 5.97 21.05
N HIS B 166 7.07 5.69 19.78
CA HIS B 166 6.92 4.36 19.19
C HIS B 166 8.13 3.51 19.53
N ALA B 167 8.12 2.26 19.06
CA ALA B 167 9.28 1.38 19.26
C ALA B 167 10.56 2.05 18.78
N ASP B 168 10.50 2.83 17.70
CA ASP B 168 11.70 3.48 17.18
C ASP B 168 11.39 4.86 16.62
N VAL B 169 10.49 5.61 17.27
CA VAL B 169 10.21 7.00 16.88
C VAL B 169 10.02 7.85 18.13
N PHE B 170 10.71 9.00 18.20
CA PHE B 170 10.53 9.94 19.29
C PHE B 170 9.74 11.17 18.82
N GLY B 171 9.16 11.88 19.78
CA GLY B 171 8.45 13.11 19.46
C GLY B 171 7.41 13.42 20.51
N GLY B 172 6.76 14.57 20.32
CA GLY B 172 5.79 15.00 21.31
C GLY B 172 6.36 15.07 22.71
N TYR B 173 7.63 15.49 22.83
CA TYR B 173 8.37 15.66 24.08
C TYR B 173 8.77 14.32 24.71
N CYS B 174 8.57 13.21 24.02
CA CYS B 174 8.75 11.86 24.54
C CYS B 174 9.90 11.14 23.85
N PHE B 175 10.57 10.25 24.61
CA PHE B 175 11.71 9.49 24.07
C PHE B 175 11.59 7.99 24.31
N PHE B 176 11.40 7.59 25.56
CA PHE B 176 11.12 6.21 25.94
C PHE B 176 9.67 6.16 26.42
N ASN B 177 8.93 5.15 25.97
CA ASN B 177 7.51 5.07 26.32
C ASN B 177 7.40 4.38 27.67
N ASN B 178 7.42 5.22 28.72
CA ASN B 178 7.44 4.75 30.09
C ASN B 178 6.25 3.84 30.39
N ALA B 179 5.06 4.22 29.94
CA ALA B 179 3.87 3.42 30.20
C ALA B 179 3.96 2.05 29.52
N ALA B 180 4.42 2.02 28.26
CA ALA B 180 4.57 0.74 27.56
C ALA B 180 5.65 -0.11 28.22
N ILE B 181 6.75 0.52 28.66
CA ILE B 181 7.81 -0.21 29.34
C ILE B 181 7.30 -0.81 30.64
N ALA B 182 6.47 -0.08 31.37
CA ALA B 182 5.86 -0.61 32.59
C ALA B 182 4.88 -1.74 32.27
N ALA B 183 4.07 -1.58 31.21
CA ALA B 183 3.12 -2.63 30.86
C ALA B 183 3.84 -3.90 30.44
N GLN B 184 4.91 -3.77 29.65
CA GLN B 184 5.65 -4.95 29.22
C GLN B 184 6.35 -5.62 30.39
N ALA B 185 6.75 -4.83 31.39
CA ALA B 185 7.36 -5.42 32.59
C ALA B 185 6.36 -6.25 33.37
N PHE B 186 5.10 -5.78 33.49
CA PHE B 186 4.04 -6.60 34.09
C PHE B 186 3.92 -7.92 33.33
N ARG B 187 3.87 -7.84 32.00
CA ARG B 187 3.73 -9.07 31.20
C ARG B 187 4.92 -9.99 31.41
N ASP B 188 6.14 -9.45 31.36
CA ASP B 188 7.33 -10.27 31.53
C ASP B 188 7.36 -10.94 32.89
N GLN B 189 6.76 -10.31 33.91
CA GLN B 189 6.72 -10.87 35.25
C GLN B 189 5.52 -11.78 35.49
N GLY B 190 4.81 -12.19 34.44
CA GLY B 190 3.78 -13.19 34.56
C GLY B 190 2.37 -12.67 34.73
N TYR B 191 2.15 -11.37 34.60
CA TYR B 191 0.78 -10.86 34.55
C TYR B 191 0.24 -11.13 33.15
N GLY B 192 -0.78 -11.98 33.08
CA GLY B 192 -1.25 -12.47 31.78
C GLY B 192 -1.74 -11.37 30.86
N LYS B 193 -2.50 -10.41 31.40
CA LYS B 193 -3.14 -9.36 30.62
C LYS B 193 -2.94 -8.01 31.29
N VAL B 194 -2.65 -6.99 30.50
CA VAL B 194 -2.43 -5.64 31.02
C VAL B 194 -3.23 -4.66 30.19
N ALA B 195 -3.85 -3.69 30.85
CA ALA B 195 -4.52 -2.59 30.19
C ALA B 195 -3.74 -1.30 30.41
N VAL B 196 -3.59 -0.51 29.34
CA VAL B 196 -2.98 0.80 29.40
C VAL B 196 -4.03 1.82 29.00
N LEU B 197 -4.44 2.66 29.95
CA LEU B 197 -5.49 3.65 29.77
C LEU B 197 -4.86 5.04 29.75
N ASP B 198 -5.05 5.76 28.65
CA ASP B 198 -4.36 7.02 28.41
C ASP B 198 -5.36 8.18 28.58
N VAL B 199 -5.25 8.92 29.67
CA VAL B 199 -6.17 10.03 29.94
C VAL B 199 -5.54 11.39 29.69
N ASP B 200 -4.27 11.43 29.28
CA ASP B 200 -3.65 12.65 28.77
C ASP B 200 -4.50 13.22 27.63
N PHE B 201 -4.47 14.55 27.47
CA PHE B 201 -5.28 15.21 26.44
C PHE B 201 -4.98 14.69 25.03
N HIS B 202 -3.75 14.26 24.79
CA HIS B 202 -3.33 13.83 23.47
C HIS B 202 -3.42 12.32 23.32
N HIS B 203 -3.56 11.87 22.08
CA HIS B 203 -3.56 10.43 21.80
C HIS B 203 -2.22 9.80 22.17
N GLY B 204 -2.25 8.66 22.84
CA GLY B 204 -1.03 7.91 23.07
C GLY B 204 -0.65 7.06 21.86
N ASN B 205 -0.20 7.71 20.78
CA ASN B 205 0.07 6.98 19.54
C ASN B 205 1.21 6.00 19.71
N GLY B 206 2.21 6.33 20.52
CA GLY B 206 3.32 5.42 20.71
C GLY B 206 2.86 4.12 21.34
N THR B 207 2.03 4.22 22.37
CA THR B 207 1.53 3.02 23.05
C THR B 207 0.63 2.20 22.14
N GLN B 208 -0.25 2.88 21.39
CA GLN B 208 -1.08 2.19 20.40
C GLN B 208 -0.21 1.40 19.43
N ALA B 209 0.81 2.04 18.88
CA ALA B 209 1.62 1.39 17.83
C ALA B 209 2.40 0.21 18.39
N ILE B 210 2.90 0.33 19.62
CA ILE B 210 3.72 -0.72 20.20
C ILE B 210 2.91 -2.01 20.39
N PHE B 211 1.66 -1.90 20.80
CA PHE B 211 0.87 -3.08 21.10
C PHE B 211 -0.20 -3.36 20.05
N TYR B 212 -0.07 -2.76 18.85
CA TYR B 212 -1.22 -2.70 17.95
C TYR B 212 -1.64 -4.08 17.46
N ASP B 213 -0.70 -5.01 17.31
CA ASP B 213 -1.03 -6.33 16.80
C ASP B 213 -1.14 -7.38 17.90
N ARG B 214 -1.33 -6.94 19.15
CA ARG B 214 -1.34 -7.83 20.30
C ARG B 214 -2.68 -7.77 21.03
N SER B 215 -3.11 -8.92 21.54
CA SER B 215 -4.34 -9.03 22.31
C SER B 215 -4.11 -9.15 23.81
N ASP B 216 -2.86 -9.28 24.24
CA ASP B 216 -2.55 -9.41 25.67
C ASP B 216 -2.38 -8.07 26.36
N VAL B 217 -2.27 -6.97 25.60
CA VAL B 217 -2.21 -5.62 26.14
C VAL B 217 -3.31 -4.82 25.45
N LEU B 218 -4.31 -4.39 26.22
CA LEU B 218 -5.37 -3.55 25.71
C LEU B 218 -4.95 -2.09 25.86
N THR B 219 -5.02 -1.32 24.77
CA THR B 219 -4.66 0.09 24.81
C THR B 219 -5.89 0.94 24.52
N ILE B 220 -6.17 1.89 25.40
CA ILE B 220 -7.31 2.80 25.29
C ILE B 220 -6.82 4.22 25.52
N SER B 221 -7.24 5.16 24.66
CA SER B 221 -6.92 6.57 24.84
C SER B 221 -8.15 7.44 24.64
N LEU B 222 -8.34 8.40 25.54
CA LEU B 222 -9.23 9.54 25.36
C LEU B 222 -8.37 10.73 24.95
N HIS B 223 -8.82 11.51 23.98
CA HIS B 223 -7.97 12.61 23.54
C HIS B 223 -8.74 13.56 22.65
N GLY B 224 -8.16 14.74 22.45
CA GLY B 224 -8.69 15.66 21.48
C GLY B 224 -8.57 15.13 20.06
N ASP B 225 -9.56 15.44 19.25
CA ASP B 225 -9.65 15.06 17.84
C ASP B 225 -8.34 15.29 17.08
N PRO B 226 -7.70 14.22 16.61
CA PRO B 226 -6.45 14.38 15.84
C PRO B 226 -6.63 15.13 14.52
N ASP B 227 -7.86 15.23 14.01
CA ASP B 227 -8.10 16.13 12.88
C ASP B 227 -7.67 17.55 13.22
N LEU B 228 -7.72 17.92 14.51
CA LEU B 228 -7.49 19.27 14.96
C LEU B 228 -6.21 19.45 15.75
N VAL B 229 -5.68 18.42 16.40
CA VAL B 229 -4.53 18.57 17.27
C VAL B 229 -3.56 17.41 17.12
N PHE B 230 -2.35 17.65 17.60
CA PHE B 230 -1.31 16.63 17.68
C PHE B 230 -1.85 15.37 18.34
N PRO B 231 -1.53 14.16 17.82
CA PRO B 231 -0.51 13.87 16.80
C PRO B 231 -1.00 13.82 15.34
N HIS B 232 -2.25 14.24 15.08
CA HIS B 232 -2.81 14.44 13.74
C HIS B 232 -3.00 13.20 12.87
N PHE B 233 -2.07 12.23 12.92
CA PHE B 233 -2.04 11.16 11.92
C PHE B 233 -2.27 9.79 12.53
N LEU B 234 -2.63 9.74 13.81
CA LEU B 234 -3.12 8.56 14.48
C LEU B 234 -4.09 9.04 15.55
N GLY B 235 -4.86 8.11 16.10
CA GLY B 235 -5.80 8.43 17.13
C GLY B 235 -7.24 8.47 16.70
N PHE B 236 -7.55 8.14 15.46
CA PHE B 236 -8.95 8.18 15.05
C PHE B 236 -9.68 6.93 15.53
N GLU B 237 -11.01 7.06 15.65
CA GLU B 237 -11.79 6.01 16.28
C GLU B 237 -11.86 4.74 15.46
N ASP B 238 -11.57 4.80 14.15
CA ASP B 238 -11.56 3.59 13.34
C ASP B 238 -10.28 2.77 13.47
N GLU B 239 -9.35 3.15 14.33
CA GLU B 239 -8.14 2.35 14.55
C GLU B 239 -8.40 1.41 15.73
N THR B 240 -8.80 0.17 15.43
CA THR B 240 -9.20 -0.76 16.48
C THR B 240 -8.24 -1.92 16.64
N GLY B 241 -7.09 -1.87 16.00
CA GLY B 241 -6.11 -2.93 16.09
C GLY B 241 -5.92 -3.64 14.76
N GLU B 242 -4.95 -4.56 14.76
CA GLU B 242 -4.58 -5.28 13.56
C GLU B 242 -4.20 -6.71 13.93
N GLY B 243 -4.57 -7.65 13.06
CA GLY B 243 -4.20 -9.04 13.30
C GLY B 243 -4.83 -9.54 14.58
N ASP B 244 -4.03 -10.21 15.42
CA ASP B 244 -4.51 -10.69 16.71
C ASP B 244 -4.91 -9.54 17.63
N GLY B 245 -4.42 -8.33 17.36
CA GLY B 245 -4.80 -7.17 18.14
C GLY B 245 -6.10 -6.51 17.74
N GLU B 246 -6.81 -7.07 16.76
CA GLU B 246 -8.08 -6.51 16.36
C GLU B 246 -9.07 -6.51 17.53
N ALA B 247 -9.64 -5.34 17.80
CA ALA B 247 -10.58 -5.01 18.88
C ALA B 247 -9.88 -4.86 20.24
N TYR B 248 -8.56 -4.78 20.28
CA TYR B 248 -7.83 -4.53 21.53
C TYR B 248 -7.17 -3.16 21.55
N ASN B 249 -7.54 -2.26 20.64
CA ASN B 249 -7.22 -0.84 20.73
C ASN B 249 -8.50 -0.04 20.62
N LEU B 250 -8.64 0.98 21.46
CA LEU B 250 -9.85 1.81 21.43
C LEU B 250 -9.48 3.27 21.59
N ASN B 251 -9.85 4.08 20.60
CA ASN B 251 -9.67 5.52 20.66
C ASN B 251 -11.03 6.21 20.83
N ILE B 252 -11.07 7.19 21.73
CA ILE B 252 -12.28 7.95 22.05
C ILE B 252 -11.92 9.43 21.92
N VAL B 253 -12.46 10.09 20.88
N VAL B 253 -12.53 10.11 20.94
CA VAL B 253 -12.06 11.45 20.55
CA VAL B 253 -12.10 11.43 20.52
C VAL B 253 -13.13 12.43 21.02
C VAL B 253 -13.16 12.48 20.89
N PHE B 254 -12.69 13.64 21.36
CA PHE B 254 -13.58 14.74 21.77
C PHE B 254 -13.21 16.04 21.08
N PRO B 255 -14.18 16.94 20.91
CA PRO B 255 -13.92 18.21 20.19
C PRO B 255 -13.49 19.32 21.13
N PRO B 256 -13.24 20.53 20.63
CA PRO B 256 -12.84 21.62 21.52
C PRO B 256 -13.89 21.94 22.57
N ASP B 257 -13.41 22.34 23.75
CA ASP B 257 -14.19 22.84 24.89
C ASP B 257 -14.91 21.73 25.64
N THR B 258 -14.54 20.48 25.40
CA THR B 258 -15.20 19.36 26.05
C THR B 258 -15.00 19.43 27.56
N PRO B 259 -16.07 19.44 28.38
CA PRO B 259 -15.91 19.48 29.84
C PRO B 259 -15.91 18.09 30.45
N PHE B 260 -15.71 18.00 31.77
CA PHE B 260 -15.68 16.70 32.43
C PHE B 260 -17.01 15.97 32.29
N SER B 261 -18.14 16.70 32.31
CA SER B 261 -19.43 16.05 32.21
C SER B 261 -19.56 15.20 30.94
N ILE B 262 -18.86 15.60 29.87
CA ILE B 262 -18.88 14.86 28.62
C ILE B 262 -17.71 13.88 28.54
N TRP B 263 -16.50 14.38 28.86
CA TRP B 263 -15.30 13.53 28.88
C TRP B 263 -15.51 12.29 29.77
N SER B 264 -16.16 12.46 30.92
CA SER B 264 -16.33 11.32 31.83
C SER B 264 -17.24 10.24 31.25
N GLN B 265 -18.08 10.58 30.26
CA GLN B 265 -18.84 9.57 29.55
C GLN B 265 -17.93 8.67 28.74
N GLY B 266 -16.92 9.26 28.10
CA GLY B 266 -15.91 8.45 27.43
C GLY B 266 -15.09 7.64 28.41
N LEU B 267 -14.80 8.22 29.58
CA LEU B 267 -14.12 7.46 30.63
C LEU B 267 -14.93 6.23 31.01
N GLU B 268 -16.24 6.37 31.14
CA GLU B 268 -17.08 5.23 31.51
C GLU B 268 -17.03 4.15 30.43
N LYS B 269 -17.09 4.55 29.16
CA LYS B 269 -16.93 3.58 28.07
C LYS B 269 -15.59 2.87 28.15
N ALA B 270 -14.53 3.60 28.47
CA ALA B 270 -13.22 2.96 28.62
C ALA B 270 -13.21 1.99 29.80
N CYS B 271 -13.80 2.38 30.94
CA CYS B 271 -13.80 1.49 32.09
C CYS B 271 -14.61 0.23 31.79
N GLU B 272 -15.69 0.37 31.02
CA GLU B 272 -16.47 -0.82 30.67
C GLU B 272 -15.68 -1.77 29.78
N ARG B 273 -14.93 -1.23 28.81
CA ARG B 273 -14.04 -2.06 28.00
C ARG B 273 -12.97 -2.73 28.84
N ILE B 274 -12.45 -2.01 29.85
CA ILE B 274 -11.45 -2.60 30.74
C ILE B 274 -12.05 -3.76 31.51
N ARG B 275 -13.27 -3.60 32.03
CA ARG B 275 -13.90 -4.67 32.81
C ARG B 275 -14.08 -5.93 31.99
N THR B 276 -14.54 -5.80 30.74
CA THR B 276 -14.68 -6.95 29.84
C THR B 276 -13.34 -7.64 29.61
N PHE B 277 -12.28 -6.85 29.42
CA PHE B 277 -10.95 -7.40 29.20
C PHE B 277 -10.46 -8.16 30.43
N ALA B 278 -10.85 -7.72 31.63
CA ALA B 278 -10.42 -8.33 32.89
C ALA B 278 -8.90 -8.46 32.98
N PRO B 279 -8.17 -7.34 32.97
CA PRO B 279 -6.71 -7.42 33.01
C PRO B 279 -6.22 -7.77 34.41
N ASP B 280 -4.95 -8.13 34.47
CA ASP B 280 -4.28 -8.42 35.73
C ASP B 280 -3.54 -7.22 36.30
N ALA B 281 -3.32 -6.19 35.48
CA ALA B 281 -2.65 -4.97 35.93
C ALA B 281 -3.09 -3.83 35.03
N LEU B 282 -3.02 -2.62 35.56
CA LEU B 282 -3.43 -1.41 34.85
C LEU B 282 -2.30 -0.39 34.89
N VAL B 283 -2.00 0.19 33.75
CA VAL B 283 -1.09 1.33 33.65
C VAL B 283 -1.92 2.51 33.16
N VAL B 284 -1.88 3.60 33.91
CA VAL B 284 -2.60 4.82 33.55
C VAL B 284 -1.58 5.84 33.09
N ALA B 285 -1.65 6.22 31.82
CA ALA B 285 -0.80 7.29 31.29
C ALA B 285 -1.53 8.59 31.60
N LEU B 286 -1.04 9.30 32.61
CA LEU B 286 -1.78 10.40 33.22
C LEU B 286 -1.21 11.72 32.74
N GLY B 287 -2.00 12.48 32.00
CA GLY B 287 -1.71 13.88 31.73
C GLY B 287 -2.80 14.74 32.33
N VAL B 288 -2.41 15.92 32.81
CA VAL B 288 -3.38 16.90 33.28
C VAL B 288 -3.44 18.08 32.32
N ASP B 289 -3.08 17.85 31.05
CA ASP B 289 -3.30 18.85 30.00
C ASP B 289 -4.75 18.87 29.52
N THR B 290 -5.62 18.06 30.10
CA THR B 290 -7.07 18.20 29.93
C THR B 290 -7.64 19.39 30.71
N PHE B 291 -6.77 20.09 31.43
CA PHE B 291 -7.16 21.16 32.35
C PHE B 291 -7.63 22.40 31.58
N GLU B 292 -8.61 23.10 32.16
CA GLU B 292 -9.25 24.21 31.46
C GLU B 292 -8.30 25.38 31.17
N GLU B 293 -7.15 25.45 31.84
CA GLU B 293 -6.18 26.50 31.59
C GLU B 293 -4.91 26.01 30.88
N ASP B 294 -4.90 24.77 30.40
CA ASP B 294 -3.69 24.26 29.76
C ASP B 294 -3.38 25.09 28.51
N PRO B 295 -2.12 25.49 28.31
CA PRO B 295 -1.80 26.46 27.24
C PRO B 295 -1.76 25.89 25.84
N ILE B 296 -1.75 24.56 25.65
CA ILE B 296 -1.69 23.98 24.32
C ILE B 296 -2.83 23.01 24.03
N SER B 297 -3.84 22.96 24.89
CA SER B 297 -4.91 21.95 24.79
C SER B 297 -6.27 22.63 24.91
N PHE B 298 -7.34 21.90 24.60
CA PHE B 298 -8.63 22.58 24.54
C PHE B 298 -9.77 21.85 25.27
N PHE B 299 -9.48 21.04 26.30
CA PHE B 299 -10.55 20.54 27.15
C PHE B 299 -10.76 21.47 28.35
N LYS B 300 -11.79 21.17 29.14
CA LYS B 300 -12.23 22.13 30.14
C LYS B 300 -12.40 21.48 31.52
N LEU B 301 -11.53 20.54 31.88
CA LEU B 301 -11.59 19.95 33.20
C LEU B 301 -11.14 20.97 34.26
N THR B 302 -11.77 20.93 35.42
CA THR B 302 -11.38 21.76 36.54
C THR B 302 -10.49 20.94 37.48
N SER B 303 -9.82 21.65 38.39
CA SER B 303 -8.94 20.95 39.33
C SER B 303 -9.72 19.92 40.14
N GLY B 304 -10.96 20.26 40.53
CA GLY B 304 -11.76 19.31 41.28
C GLY B 304 -12.11 18.06 40.51
N ASP B 305 -12.23 18.17 39.18
CA ASP B 305 -12.53 16.99 38.37
C ASP B 305 -11.45 15.92 38.51
N TYR B 306 -10.20 16.31 38.78
CA TYR B 306 -9.15 15.29 38.88
C TYR B 306 -9.34 14.43 40.12
N LEU B 307 -9.93 14.96 41.18
CA LEU B 307 -10.30 14.11 42.30
C LEU B 307 -11.30 13.04 41.86
N LYS B 308 -12.27 13.44 41.02
CA LYS B 308 -13.27 12.48 40.53
C LYS B 308 -12.65 11.45 39.60
N LEU B 309 -11.70 11.88 38.78
CA LEU B 309 -10.98 10.94 37.91
C LEU B 309 -10.27 9.87 38.73
N GLY B 310 -9.55 10.29 39.77
CA GLY B 310 -8.83 9.32 40.60
C GLY B 310 -9.77 8.35 41.29
N LYS B 311 -10.90 8.85 41.78
CA LYS B 311 -11.88 7.98 42.43
C LYS B 311 -12.43 6.94 41.46
N ARG B 312 -12.76 7.34 40.23
CA ARG B 312 -13.29 6.39 39.26
C ARG B 312 -12.23 5.35 38.86
N LEU B 313 -10.98 5.77 38.73
CA LEU B 313 -9.94 4.79 38.38
C LEU B 313 -9.74 3.78 39.50
N GLU B 314 -9.85 4.20 40.76
CA GLU B 314 -9.72 3.26 41.87
C GLU B 314 -10.84 2.20 41.83
N GLN B 315 -12.03 2.59 41.35
CA GLN B 315 -13.15 1.65 41.31
C GLN B 315 -12.93 0.51 40.33
N LEU B 316 -11.96 0.64 39.41
CA LEU B 316 -11.62 -0.50 38.56
C LEU B 316 -11.07 -1.66 39.36
N GLY B 317 -10.49 -1.40 40.53
CA GLY B 317 -10.07 -2.46 41.44
C GLY B 317 -8.83 -3.22 41.03
N LEU B 318 -7.89 -2.57 40.35
CA LEU B 318 -6.74 -3.22 39.74
C LEU B 318 -5.43 -2.68 40.32
N PRO B 319 -4.36 -3.49 40.33
CA PRO B 319 -3.02 -2.94 40.61
C PRO B 319 -2.72 -1.91 39.53
N THR B 320 -2.27 -0.72 39.95
CA THR B 320 -2.29 0.44 39.06
C THR B 320 -0.97 1.20 39.18
N VAL B 321 -0.28 1.36 38.05
CA VAL B 321 0.86 2.27 37.95
C VAL B 321 0.40 3.51 37.18
N PHE B 322 0.63 4.69 37.77
CA PHE B 322 0.40 5.96 37.08
C PHE B 322 1.73 6.47 36.56
N THR B 323 1.82 6.72 35.25
N THR B 323 1.78 6.81 35.28
CA THR B 323 2.99 7.34 34.65
CA THR B 323 2.99 7.33 34.67
C THR B 323 2.64 8.77 34.26
C THR B 323 2.72 8.73 34.15
N MET B 324 3.46 9.72 34.68
CA MET B 324 3.18 11.11 34.38
C MET B 324 3.47 11.39 32.91
N GLU B 325 2.49 11.95 32.21
CA GLU B 325 2.64 12.37 30.83
C GLU B 325 2.63 13.90 30.78
N GLY B 326 1.62 14.52 30.14
CA GLY B 326 1.62 15.94 29.90
C GLY B 326 0.89 16.75 30.96
N GLY B 327 0.68 18.04 30.64
CA GLY B 327 0.16 19.03 31.59
C GLY B 327 1.09 20.23 31.71
N TYR B 328 0.68 21.40 31.19
CA TYR B 328 1.61 22.47 30.93
C TYR B 328 1.28 23.80 31.60
N ASP B 329 0.17 23.88 32.32
CA ASP B 329 -0.06 25.02 33.21
C ASP B 329 0.65 24.73 34.53
N VAL B 330 1.86 25.26 34.68
CA VAL B 330 2.68 24.90 35.84
C VAL B 330 2.07 25.43 37.14
N ASP B 331 1.29 26.51 37.07
CA ASP B 331 0.65 27.01 38.28
C ASP B 331 -0.19 25.92 38.94
N ALA B 332 -0.90 25.12 38.14
CA ALA B 332 -1.83 24.13 38.69
C ALA B 332 -1.37 22.69 38.52
N ILE B 333 -0.21 22.43 37.92
CA ILE B 333 0.10 21.05 37.55
C ILE B 333 0.23 20.18 38.80
N GLY B 334 0.78 20.72 39.89
CA GLY B 334 0.91 19.94 41.10
C GLY B 334 -0.44 19.63 41.72
N VAL B 335 -1.29 20.64 41.86
CA VAL B 335 -2.63 20.42 42.39
C VAL B 335 -3.39 19.41 41.54
N ASN B 336 -3.30 19.54 40.22
CA ASN B 336 -4.08 18.69 39.35
C ASN B 336 -3.61 17.25 39.41
N ALA B 337 -2.30 17.02 39.32
CA ALA B 337 -1.81 15.65 39.27
C ALA B 337 -2.00 14.95 40.62
N VAL B 338 -1.68 15.64 41.71
CA VAL B 338 -1.79 15.00 43.02
C VAL B 338 -3.26 14.82 43.40
N ASN B 339 -4.16 15.64 42.84
CA ASN B 339 -5.59 15.42 43.03
C ASN B 339 -6.01 14.05 42.52
N VAL B 340 -5.43 13.59 41.41
CA VAL B 340 -5.79 12.27 40.90
C VAL B 340 -5.37 11.21 41.91
N MET B 341 -4.16 11.31 42.44
CA MET B 341 -3.71 10.32 43.42
C MET B 341 -4.53 10.39 44.70
N GLN B 342 -4.80 11.59 45.20
CA GLN B 342 -5.61 11.72 46.41
C GLN B 342 -7.02 11.19 46.19
N GLY B 343 -7.60 11.44 45.01
CA GLY B 343 -8.91 10.88 44.71
C GLY B 343 -8.89 9.37 44.66
N PHE B 344 -7.81 8.80 44.11
CA PHE B 344 -7.63 7.36 44.11
C PHE B 344 -7.57 6.82 45.54
N GLU B 345 -6.94 7.57 46.44
CA GLU B 345 -6.77 7.16 47.84
C GLU B 345 -7.95 7.52 48.72
N GLY B 346 -9.00 8.13 48.16
CA GLY B 346 -10.24 8.33 48.90
C GLY B 346 -10.65 9.78 49.14
N LYS B 347 -9.87 10.76 48.71
CA LYS B 347 -10.24 12.16 48.92
C LYS B 347 -11.37 12.56 47.97
N SER B 348 -12.32 13.32 48.49
CA SER B 348 -13.44 13.81 47.68
C SER B 348 -13.45 15.34 47.67
N SER C 5 -0.98 -32.13 11.62
CA SER C 5 -1.72 -31.66 10.45
C SER C 5 -1.06 -30.44 9.81
N MET C 6 -1.11 -30.41 8.49
CA MET C 6 -0.61 -29.29 7.70
C MET C 6 -1.60 -28.99 6.60
N LYS C 7 -1.90 -27.72 6.39
CA LYS C 7 -2.81 -27.33 5.33
C LYS C 7 -2.08 -27.25 3.99
N THR C 8 -2.82 -27.56 2.92
CA THR C 8 -2.32 -27.52 1.55
C THR C 8 -3.17 -26.53 0.76
N VAL C 9 -2.51 -25.68 -0.03
CA VAL C 9 -3.19 -24.80 -0.97
C VAL C 9 -3.03 -25.39 -2.37
N PHE C 10 -4.13 -25.46 -3.11
CA PHE C 10 -4.14 -26.04 -4.44
C PHE C 10 -5.13 -25.26 -5.31
N SER C 11 -4.74 -24.97 -6.55
CA SER C 11 -5.64 -24.35 -7.51
C SER C 11 -5.92 -25.28 -8.68
N PRO C 12 -7.19 -25.51 -9.01
CA PRO C 12 -7.51 -26.29 -10.23
C PRO C 12 -7.15 -25.55 -11.51
N LEU C 13 -6.84 -24.26 -11.42
CA LEU C 13 -6.40 -23.52 -12.60
C LEU C 13 -5.02 -23.96 -13.07
N HIS C 14 -4.28 -24.75 -12.27
CA HIS C 14 -2.98 -25.23 -12.74
C HIS C 14 -3.13 -25.97 -14.06
N SER C 15 -4.28 -26.60 -14.30
N SER C 15 -4.29 -26.60 -14.30
CA SER C 15 -4.46 -27.37 -15.53
CA SER C 15 -4.51 -27.35 -15.52
C SER C 15 -4.55 -26.48 -16.76
C SER C 15 -4.54 -26.48 -16.75
N ARG C 16 -4.62 -25.16 -16.59
CA ARG C 16 -4.54 -24.27 -17.74
C ARG C 16 -3.13 -24.26 -18.31
N ARG C 17 -2.13 -24.61 -17.50
CA ARG C 17 -0.78 -24.88 -17.98
C ARG C 17 -0.78 -26.27 -18.60
N HIS C 18 -0.85 -26.32 -19.93
CA HIS C 18 -1.03 -27.61 -20.59
C HIS C 18 -0.44 -27.53 -21.98
N VAL C 19 0.88 -27.61 -22.09
CA VAL C 19 1.54 -27.54 -23.39
C VAL C 19 1.71 -28.96 -23.92
N LYS C 20 1.76 -29.08 -25.24
CA LYS C 20 1.91 -30.38 -25.87
C LYS C 20 3.36 -30.70 -26.24
N THR C 21 4.25 -29.70 -26.25
CA THR C 21 5.60 -29.93 -26.78
C THR C 21 6.65 -29.40 -25.82
N GLU C 22 7.77 -30.12 -25.79
CA GLU C 22 8.97 -29.75 -25.05
C GLU C 22 10.15 -30.14 -25.91
N LEU C 23 11.01 -29.18 -26.24
CA LEU C 23 12.23 -29.51 -26.97
C LEU C 23 13.17 -30.27 -26.04
N ASP C 24 13.53 -31.50 -26.42
CA ASP C 24 14.36 -32.37 -25.60
C ASP C 24 15.20 -33.25 -26.54
N GLY C 25 16.52 -33.14 -26.43
CA GLY C 25 17.41 -33.90 -27.31
C GLY C 25 17.14 -33.78 -28.79
N GLY C 26 16.76 -32.57 -29.24
CA GLY C 26 16.50 -32.31 -30.64
C GLY C 26 15.15 -32.75 -31.15
N LEU C 27 14.27 -33.19 -30.26
CA LEU C 27 12.93 -33.60 -30.63
C LEU C 27 11.93 -32.81 -29.79
N LEU C 28 10.74 -32.62 -30.35
CA LEU C 28 9.63 -32.08 -29.59
C LEU C 28 8.86 -33.25 -28.98
N ILE C 29 8.96 -33.41 -27.67
CA ILE C 29 8.37 -34.53 -26.96
C ILE C 29 7.24 -34.00 -26.07
N GLU C 30 6.47 -34.94 -25.52
CA GLU C 30 5.48 -34.56 -24.54
CA GLU C 30 5.48 -34.56 -24.54
C GLU C 30 6.18 -34.06 -23.27
N PRO C 31 5.70 -32.98 -22.67
CA PRO C 31 6.45 -32.33 -21.59
C PRO C 31 6.56 -33.20 -20.34
N HIS C 32 7.69 -33.06 -19.66
CA HIS C 32 7.88 -33.74 -18.36
C HIS C 32 7.02 -33.11 -17.27
N GLU C 33 6.84 -31.78 -17.32
CA GLU C 33 6.10 -31.06 -16.29
C GLU C 33 4.62 -31.08 -16.63
N LYS C 34 3.96 -32.19 -16.31
CA LYS C 34 2.61 -32.45 -16.79
C LYS C 34 1.56 -32.29 -15.70
N PRO C 35 0.29 -32.02 -16.07
CA PRO C 35 -0.75 -31.78 -15.06
C PRO C 35 -0.90 -32.93 -14.07
N SER C 36 -0.66 -34.17 -14.48
CA SER C 36 -0.78 -35.31 -13.57
C SER C 36 0.15 -35.21 -12.36
N ARG C 37 1.22 -34.42 -12.46
CA ARG C 37 2.08 -34.21 -11.31
C ARG C 37 1.29 -33.62 -10.14
N ALA C 38 0.59 -32.52 -10.40
CA ALA C 38 -0.14 -31.86 -9.32
C ALA C 38 -1.32 -32.70 -8.86
N GLU C 39 -1.99 -33.35 -9.81
CA GLU C 39 -3.15 -34.16 -9.42
C GLU C 39 -2.74 -35.34 -8.57
N THR C 40 -1.58 -35.94 -8.88
CA THR C 40 -1.13 -37.09 -8.10
C THR C 40 -0.73 -36.69 -6.69
N ILE C 41 -0.07 -35.54 -6.53
CA ILE C 41 0.28 -35.08 -5.18
C ILE C 41 -0.99 -34.77 -4.40
N LEU C 42 -1.93 -34.07 -5.02
CA LEU C 42 -3.18 -33.74 -4.34
C LEU C 42 -3.94 -34.99 -3.91
N ALA C 43 -3.99 -36.01 -4.79
CA ALA C 43 -4.68 -37.25 -4.43
C ALA C 43 -4.04 -37.89 -3.21
N ARG C 44 -2.71 -37.79 -3.09
CA ARG C 44 -2.02 -38.36 -1.94
C ARG C 44 -2.30 -37.53 -0.68
N VAL C 45 -2.35 -36.20 -0.81
CA VAL C 45 -2.71 -35.35 0.33
C VAL C 45 -4.05 -35.76 0.90
N LYS C 46 -5.02 -36.03 0.02
CA LYS C 46 -6.35 -36.45 0.45
C LYS C 46 -6.31 -37.85 1.05
N ASP C 47 -5.62 -38.78 0.38
CA ASP C 47 -5.57 -40.16 0.84
C ASP C 47 -4.93 -40.26 2.21
N GLN C 48 -3.95 -39.42 2.48
CA GLN C 48 -3.25 -39.45 3.77
C GLN C 48 -3.90 -38.54 4.81
N ALA C 49 -4.93 -37.80 4.43
CA ALA C 49 -5.62 -36.89 5.36
C ALA C 49 -4.62 -35.95 6.01
N LEU C 50 -3.76 -35.37 5.18
CA LEU C 50 -2.66 -34.54 5.68
C LEU C 50 -3.19 -33.36 6.47
N GLY C 51 -4.28 -32.76 6.00
CA GLY C 51 -4.84 -31.58 6.61
C GLY C 51 -5.82 -30.95 5.64
N GLU C 52 -6.33 -29.78 6.02
CA GLU C 52 -7.28 -29.09 5.17
C GLU C 52 -6.64 -28.75 3.83
N ILE C 53 -7.45 -28.77 2.78
CA ILE C 53 -7.04 -28.33 1.44
C ILE C 53 -7.83 -27.08 1.09
N LEU C 54 -7.12 -26.02 0.70
CA LEU C 54 -7.71 -24.71 0.43
C LEU C 54 -7.42 -24.29 -1.01
N GLU C 55 -8.35 -23.52 -1.60
CA GLU C 55 -8.05 -22.85 -2.86
C GLU C 55 -7.47 -21.47 -2.59
N PRO C 56 -6.73 -20.89 -3.53
CA PRO C 56 -6.04 -19.63 -3.26
C PRO C 56 -6.96 -18.42 -3.31
N GLU C 57 -6.59 -17.42 -2.51
CA GLU C 57 -7.09 -16.06 -2.72
C GLU C 57 -6.38 -15.41 -3.90
N GLU C 58 -7.06 -14.43 -4.52
CA GLU C 58 -6.48 -13.64 -5.60
C GLU C 58 -5.77 -12.42 -5.00
N PHE C 59 -4.43 -12.40 -5.09
CA PHE C 59 -3.65 -11.30 -4.55
C PHE C 59 -3.28 -10.24 -5.57
N GLY C 60 -3.57 -10.47 -6.84
CA GLY C 60 -3.23 -9.52 -7.88
C GLY C 60 -1.74 -9.53 -8.19
N LEU C 61 -1.37 -8.69 -9.15
CA LEU C 61 0.02 -8.69 -9.62
C LEU C 61 0.97 -7.91 -8.72
N GLY C 62 0.47 -7.20 -7.71
CA GLY C 62 1.34 -6.43 -6.84
C GLY C 62 2.46 -7.23 -6.20
N PRO C 63 2.11 -8.27 -5.44
CA PRO C 63 3.15 -9.12 -4.83
C PRO C 63 4.03 -9.82 -5.87
N VAL C 64 3.53 -10.08 -7.09
CA VAL C 64 4.39 -10.66 -8.11
C VAL C 64 5.43 -9.64 -8.56
N LYS C 65 5.02 -8.40 -8.79
CA LYS C 65 5.91 -7.33 -9.20
C LYS C 65 6.82 -6.83 -8.08
N ARG C 66 6.65 -7.32 -6.84
CA ARG C 66 7.68 -7.08 -5.83
C ARG C 66 8.97 -7.81 -6.17
N VAL C 67 8.90 -8.81 -7.04
CA VAL C 67 10.04 -9.65 -7.38
C VAL C 67 10.35 -9.62 -8.87
N HIS C 68 9.32 -9.55 -9.71
CA HIS C 68 9.49 -9.56 -11.15
C HIS C 68 9.27 -8.16 -11.74
N THR C 69 9.92 -7.91 -12.88
CA THR C 69 9.75 -6.62 -13.52
C THR C 69 8.40 -6.54 -14.22
N ALA C 70 7.86 -5.32 -14.31
CA ALA C 70 6.56 -5.14 -14.96
C ALA C 70 6.63 -5.47 -16.45
N ASP C 71 7.77 -5.24 -17.09
CA ASP C 71 7.88 -5.54 -18.52
C ASP C 71 7.78 -7.05 -18.75
N TYR C 72 8.38 -7.83 -17.85
CA TYR C 72 8.34 -9.28 -17.94
C TYR C 72 6.94 -9.80 -17.65
N VAL C 73 6.29 -9.29 -16.61
CA VAL C 73 4.92 -9.67 -16.31
C VAL C 73 4.01 -9.36 -17.50
N SER C 74 4.18 -8.19 -18.12
CA SER C 74 3.35 -7.85 -19.27
C SER C 74 3.63 -8.76 -20.45
N PHE C 75 4.91 -9.12 -20.65
CA PHE C 75 5.27 -10.03 -21.72
C PHE C 75 4.57 -11.38 -21.58
N LEU C 76 4.58 -11.95 -20.38
CA LEU C 76 3.91 -13.24 -20.18
C LEU C 76 2.43 -13.13 -20.43
N GLU C 77 1.83 -11.97 -20.15
CA GLU C 77 0.40 -11.83 -20.37
C GLU C 77 0.04 -11.84 -21.86
N THR C 78 0.86 -11.21 -22.70
CA THR C 78 0.50 -11.05 -24.11
C THR C 78 1.24 -12.01 -25.03
N CYS C 79 2.22 -12.76 -24.53
CA CYS C 79 3.11 -13.53 -25.41
C CYS C 79 2.35 -14.44 -26.36
N TRP C 80 1.44 -15.26 -25.83
CA TRP C 80 0.71 -16.21 -26.67
C TRP C 80 -0.10 -15.50 -27.76
N ASP C 81 -0.86 -14.47 -27.39
CA ASP C 81 -1.64 -13.76 -28.41
C ASP C 81 -0.74 -13.13 -29.47
N GLU C 82 0.41 -12.59 -29.06
CA GLU C 82 1.30 -11.97 -30.04
C GLU C 82 1.95 -13.02 -30.94
N TRP C 83 2.26 -14.18 -30.38
CA TRP C 83 2.82 -15.29 -31.15
C TRP C 83 1.85 -15.73 -32.24
N VAL C 84 0.58 -15.95 -31.86
CA VAL C 84 -0.43 -16.38 -32.82
C VAL C 84 -0.66 -15.30 -33.87
N ALA C 85 -0.71 -14.03 -33.44
CA ALA C 85 -0.99 -12.94 -34.39
C ALA C 85 0.13 -12.77 -35.40
N ALA C 86 1.36 -13.11 -35.04
CA ALA C 86 2.49 -13.04 -35.96
C ALA C 86 2.53 -14.23 -36.90
N GLY C 87 1.58 -15.15 -36.80
CA GLY C 87 1.43 -16.22 -37.77
C GLY C 87 2.16 -17.50 -37.44
N LYS C 88 2.78 -17.62 -36.26
CA LYS C 88 3.49 -18.84 -35.90
C LYS C 88 2.50 -19.96 -35.63
N ARG C 89 2.86 -21.18 -36.00
CA ARG C 89 1.89 -22.27 -36.00
C ARG C 89 2.07 -23.29 -34.88
N GLY C 90 3.23 -23.31 -34.21
CA GLY C 90 3.43 -24.16 -33.06
C GLY C 90 3.23 -23.41 -31.75
N GLU C 91 3.57 -24.08 -30.64
CA GLU C 91 3.58 -23.39 -29.36
C GLU C 91 4.71 -22.35 -29.35
N ALA C 92 4.64 -21.40 -28.42
CA ALA C 92 5.65 -20.35 -28.36
C ALA C 92 6.94 -20.91 -27.72
N ILE C 93 7.99 -21.02 -28.53
CA ILE C 93 9.30 -21.54 -28.13
C ILE C 93 10.35 -20.56 -28.64
N PRO C 94 11.25 -20.06 -27.80
CA PRO C 94 12.27 -19.13 -28.31
C PRO C 94 13.21 -19.86 -29.27
N THR C 95 13.63 -19.14 -30.32
CA THR C 95 14.54 -19.63 -31.34
C THR C 95 15.88 -18.93 -31.31
N PHE C 96 15.91 -17.69 -30.82
CA PHE C 96 17.07 -16.81 -30.87
C PHE C 96 17.19 -16.11 -29.53
N TRP C 97 18.42 -15.82 -29.12
CA TRP C 97 18.62 -15.17 -27.82
C TRP C 97 19.87 -14.30 -27.87
N VAL C 98 20.16 -13.65 -26.75
CA VAL C 98 21.30 -12.75 -26.64
C VAL C 98 22.54 -13.61 -26.47
N GLY C 99 23.15 -13.99 -27.58
CA GLY C 99 24.36 -14.78 -27.53
C GLY C 99 25.51 -13.98 -26.97
N ARG C 100 26.59 -14.69 -26.62
CA ARG C 100 27.77 -14.00 -26.13
C ARG C 100 28.28 -13.05 -27.19
N GLY C 101 28.50 -11.79 -26.79
CA GLY C 101 28.95 -10.76 -27.70
C GLY C 101 27.85 -9.89 -28.26
N MET C 102 26.60 -10.23 -27.99
CA MET C 102 25.46 -9.45 -28.45
C MET C 102 24.98 -8.52 -27.34
N ARG C 103 24.05 -7.62 -27.68
CA ARG C 103 23.55 -6.60 -26.77
C ARG C 103 22.31 -7.10 -26.04
N ALA C 104 22.29 -6.91 -24.71
CA ALA C 104 21.11 -7.24 -23.92
C ALA C 104 20.12 -6.09 -24.06
N ARG C 105 19.50 -6.03 -25.24
CA ARG C 105 18.64 -4.94 -25.65
C ARG C 105 17.30 -5.52 -26.04
N LEU C 106 16.22 -4.97 -25.49
CA LEU C 106 14.88 -5.50 -25.76
C LEU C 106 14.41 -5.11 -27.16
N PRO C 107 14.13 -6.07 -28.05
CA PRO C 107 13.65 -5.72 -29.39
C PRO C 107 12.13 -5.62 -29.45
N LYS C 108 11.60 -5.32 -30.64
CA LYS C 108 10.15 -5.19 -30.79
C LYS C 108 9.48 -6.51 -31.18
N ASP C 109 10.11 -7.28 -32.05
CA ASP C 109 9.51 -8.51 -32.57
C ASP C 109 9.27 -9.54 -31.47
N ILE C 110 8.20 -10.33 -31.63
CA ILE C 110 7.85 -11.34 -30.62
C ILE C 110 8.96 -12.38 -30.46
N ASP C 111 9.59 -12.82 -31.56
CA ASP C 111 10.69 -13.79 -31.45
C ASP C 111 11.83 -13.21 -30.65
N GLY C 112 12.17 -11.94 -30.88
CA GLY C 112 13.26 -11.34 -30.14
C GLY C 112 12.91 -11.16 -28.67
N ARG C 113 11.67 -10.78 -28.38
CA ARG C 113 11.27 -10.65 -26.98
C ARG C 113 11.25 -12.01 -26.29
N LEU C 114 10.74 -13.05 -26.98
CA LEU C 114 10.79 -14.40 -26.42
C LEU C 114 12.19 -14.79 -26.00
N GLY C 115 13.16 -14.55 -26.89
CA GLY C 115 14.53 -14.90 -26.55
C GLY C 115 15.10 -14.04 -25.44
N TYR C 116 14.83 -12.74 -25.48
CA TYR C 116 15.35 -11.83 -24.46
C TYR C 116 14.92 -12.26 -23.06
N TYR C 117 13.71 -12.76 -22.93
CA TYR C 117 13.15 -13.09 -21.62
C TYR C 117 13.33 -14.56 -21.23
N SER C 118 14.19 -15.31 -21.90
CA SER C 118 14.26 -16.75 -21.66
C SER C 118 15.71 -17.19 -21.44
N LEU C 119 15.85 -18.37 -20.83
CA LEU C 119 17.16 -19.01 -20.72
C LEU C 119 17.16 -20.41 -21.35
N GLY C 120 16.07 -20.83 -21.96
CA GLY C 120 16.07 -22.12 -22.62
C GLY C 120 14.89 -22.22 -23.56
N ALA C 121 14.91 -23.27 -24.37
CA ALA C 121 13.85 -23.53 -25.34
C ALA C 121 13.00 -24.73 -24.96
N ASP C 122 13.15 -25.26 -23.76
CA ASP C 122 12.40 -26.44 -23.36
C ASP C 122 11.09 -26.08 -22.66
N THR C 123 10.77 -24.79 -22.57
CA THR C 123 9.61 -24.34 -21.81
C THR C 123 8.68 -23.59 -22.76
N SER C 124 7.83 -24.35 -23.45
CA SER C 124 6.88 -23.77 -24.39
C SER C 124 5.82 -22.96 -23.64
N ILE C 125 5.30 -21.92 -24.31
CA ILE C 125 4.19 -21.12 -23.79
C ILE C 125 2.99 -21.33 -24.71
N SER C 126 1.81 -21.48 -24.14
CA SER C 126 0.60 -21.61 -24.95
C SER C 126 -0.55 -20.96 -24.18
N ASP C 127 -1.76 -21.08 -24.72
CA ASP C 127 -2.90 -20.47 -24.06
C ASP C 127 -3.06 -21.06 -22.67
N GLY C 128 -3.33 -20.21 -21.69
CA GLY C 128 -3.52 -20.63 -20.32
C GLY C 128 -2.27 -20.61 -19.47
N THR C 129 -1.09 -20.52 -20.08
CA THR C 129 0.14 -20.43 -19.29
C THR C 129 0.11 -19.23 -18.35
N TRP C 130 -0.31 -18.08 -18.86
CA TRP C 130 -0.46 -16.87 -18.03
C TRP C 130 -1.36 -17.13 -16.83
N GLU C 131 -2.56 -17.68 -17.10
CA GLU C 131 -3.54 -17.90 -16.03
C GLU C 131 -3.00 -18.87 -14.99
N ALA C 132 -2.30 -19.91 -15.42
CA ALA C 132 -1.80 -20.89 -14.45
C ALA C 132 -0.62 -20.33 -13.66
N ALA C 133 0.27 -19.56 -14.33
CA ALA C 133 1.36 -18.94 -13.59
C ALA C 133 0.82 -18.00 -12.52
N ARG C 134 -0.24 -17.26 -12.83
CA ARG C 134 -0.84 -16.36 -11.85
C ARG C 134 -1.39 -17.15 -10.68
N ALA C 135 -2.12 -18.24 -10.97
CA ALA C 135 -2.70 -19.06 -9.92
C ALA C 135 -1.62 -19.68 -9.04
N SER C 136 -0.52 -20.11 -9.65
CA SER C 136 0.54 -20.74 -8.87
C SER C 136 1.18 -19.76 -7.89
N ALA C 137 1.37 -18.50 -8.31
CA ALA C 137 1.84 -17.49 -7.37
C ALA C 137 0.83 -17.24 -6.26
N ASN C 138 -0.46 -17.19 -6.61
CA ASN C 138 -1.49 -16.98 -5.58
C ASN C 138 -1.54 -18.16 -4.61
N VAL C 139 -1.25 -19.37 -5.09
CA VAL C 139 -1.15 -20.53 -4.19
C VAL C 139 -0.03 -20.32 -3.19
N ALA C 140 1.14 -19.86 -3.66
CA ALA C 140 2.25 -19.60 -2.74
C ALA C 140 1.92 -18.47 -1.77
N LEU C 141 1.23 -17.43 -2.25
CA LEU C 141 0.90 -16.29 -1.40
C LEU C 141 -0.17 -16.64 -0.37
N THR C 142 -1.11 -17.52 -0.74
CA THR C 142 -2.08 -18.01 0.22
C THR C 142 -1.40 -18.83 1.31
N ALA C 143 -0.46 -19.68 0.93
CA ALA C 143 0.29 -20.44 1.93
C ALA C 143 1.05 -19.52 2.87
N GLN C 144 1.68 -18.48 2.31
CA GLN C 144 2.40 -17.52 3.15
C GLN C 144 1.44 -16.82 4.11
N LYS C 145 0.25 -16.50 3.64
CA LYS C 145 -0.73 -15.85 4.51
C LYS C 145 -1.16 -16.76 5.65
N LEU C 146 -1.42 -18.05 5.36
CA LEU C 146 -1.74 -19.03 6.40
C LEU C 146 -0.68 -19.06 7.49
N VAL C 147 0.60 -19.06 7.10
CA VAL C 147 1.67 -19.11 8.09
C VAL C 147 1.75 -17.80 8.85
N ALA C 148 1.68 -16.67 8.14
CA ALA C 148 1.72 -15.37 8.80
C ALA C 148 0.59 -15.21 9.82
N GLU C 149 -0.55 -15.84 9.57
CA GLU C 149 -1.70 -15.71 10.45
C GLU C 149 -1.77 -16.84 11.49
N GLY C 150 -0.71 -17.64 11.62
CA GLY C 150 -0.62 -18.51 12.79
C GLY C 150 -0.30 -19.98 12.57
N GLU C 151 -0.34 -20.46 11.32
CA GLU C 151 0.06 -21.84 11.06
C GLU C 151 1.57 -21.97 11.14
N ARG C 152 2.03 -23.10 11.69
CA ARG C 152 3.47 -23.35 11.75
C ARG C 152 4.03 -23.54 10.34
N ALA C 153 3.29 -24.23 9.48
CA ALA C 153 3.73 -24.50 8.12
C ALA C 153 2.53 -24.63 7.20
N ALA C 154 2.77 -24.49 5.90
CA ALA C 154 1.73 -24.75 4.92
C ALA C 154 2.37 -25.22 3.63
N PHE C 155 1.66 -26.06 2.91
CA PHE C 155 2.13 -26.65 1.65
C PHE C 155 1.48 -25.93 0.47
N ALA C 156 2.30 -25.21 -0.30
CA ALA C 156 1.82 -24.54 -1.52
C ALA C 156 2.03 -25.50 -2.67
N LEU C 157 0.95 -26.11 -3.14
CA LEU C 157 1.05 -27.13 -4.19
C LEU C 157 1.04 -26.41 -5.54
N CYS C 158 2.18 -25.76 -5.82
CA CYS C 158 2.33 -24.90 -6.99
C CYS C 158 2.55 -25.73 -8.25
N ARG C 159 1.87 -25.33 -9.33
CA ARG C 159 2.17 -25.79 -10.68
C ARG C 159 1.66 -24.73 -11.65
N PRO C 160 2.53 -24.13 -12.48
CA PRO C 160 3.95 -24.45 -12.70
C PRO C 160 4.87 -24.12 -11.53
N PRO C 161 6.08 -24.71 -11.55
CA PRO C 161 7.06 -24.39 -10.51
C PRO C 161 7.67 -23.01 -10.70
N GLY C 162 8.59 -22.60 -9.84
CA GLY C 162 9.08 -21.23 -9.93
C GLY C 162 10.57 -20.94 -9.79
N HIS C 163 11.36 -21.87 -9.23
CA HIS C 163 12.65 -21.41 -8.70
C HIS C 163 13.67 -21.06 -9.77
N HIS C 164 13.46 -21.41 -11.04
CA HIS C 164 14.36 -21.00 -12.12
C HIS C 164 14.08 -19.61 -12.65
N ALA C 165 12.96 -18.99 -12.28
CA ALA C 165 12.60 -17.71 -12.88
C ALA C 165 13.35 -16.57 -12.20
N HIS C 166 14.04 -15.77 -13.00
CA HIS C 166 14.69 -14.55 -12.55
C HIS C 166 13.66 -13.43 -12.46
N ALA C 167 14.10 -12.22 -12.12
CA ALA C 167 13.18 -11.09 -12.12
C ALA C 167 12.54 -10.89 -13.48
N ASP C 168 13.27 -11.18 -14.57
CA ASP C 168 12.70 -11.00 -15.91
C ASP C 168 13.20 -12.07 -16.87
N VAL C 169 13.34 -13.32 -16.40
CA VAL C 169 13.73 -14.44 -17.24
C VAL C 169 12.91 -15.65 -16.84
N PHE C 170 12.27 -16.32 -17.81
CA PHE C 170 11.58 -17.58 -17.57
C PHE C 170 12.39 -18.74 -18.13
N GLY C 171 12.12 -19.94 -17.60
CA GLY C 171 12.79 -21.12 -18.09
C GLY C 171 12.73 -22.25 -17.08
N GLY C 172 13.24 -23.41 -17.51
CA GLY C 172 13.18 -24.59 -16.66
C GLY C 172 11.79 -24.89 -16.14
N TYR C 173 10.78 -24.71 -16.98
CA TYR C 173 9.34 -24.91 -16.69
C TYR C 173 8.77 -23.88 -15.73
N CYS C 174 9.51 -22.80 -15.43
CA CYS C 174 9.13 -21.81 -14.43
C CYS C 174 8.82 -20.46 -15.05
N PHE C 175 7.84 -19.74 -14.46
CA PHE C 175 7.47 -18.42 -14.98
C PHE C 175 7.50 -17.33 -13.90
N PHE C 176 6.82 -17.53 -12.78
CA PHE C 176 6.93 -16.63 -11.63
C PHE C 176 7.62 -17.39 -10.51
N ASN C 177 8.53 -16.73 -9.82
CA ASN C 177 9.32 -17.43 -8.80
C ASN C 177 8.51 -17.46 -7.51
N ASN C 178 7.75 -18.55 -7.33
CA ASN C 178 6.79 -18.61 -6.23
C ASN C 178 7.46 -18.53 -4.87
N ALA C 179 8.59 -19.23 -4.72
CA ALA C 179 9.35 -19.16 -3.48
C ALA C 179 9.82 -17.75 -3.20
N ALA C 180 10.35 -17.06 -4.23
CA ALA C 180 10.82 -15.69 -4.02
C ALA C 180 9.66 -14.78 -3.69
N ILE C 181 8.50 -15.01 -4.30
CA ILE C 181 7.33 -14.17 -4.04
C ILE C 181 6.86 -14.34 -2.60
N ALA C 182 6.86 -15.57 -2.09
CA ALA C 182 6.51 -15.80 -0.70
C ALA C 182 7.53 -15.19 0.25
N ALA C 183 8.80 -15.36 -0.05
CA ALA C 183 9.86 -14.78 0.78
C ALA C 183 9.71 -13.26 0.86
N GLN C 184 9.49 -12.61 -0.28
CA GLN C 184 9.34 -11.16 -0.28
C GLN C 184 8.04 -10.73 0.40
N ALA C 185 7.01 -11.58 0.37
CA ALA C 185 5.79 -11.29 1.12
C ALA C 185 6.03 -11.27 2.62
N PHE C 186 6.79 -12.25 3.13
CA PHE C 186 7.20 -12.21 4.53
C PHE C 186 7.92 -10.91 4.83
N ARG C 187 8.86 -10.52 3.97
CA ARG C 187 9.63 -9.30 4.22
C ARG C 187 8.71 -8.08 4.24
N ASP C 188 7.81 -7.97 3.26
CA ASP C 188 6.91 -6.82 3.21
C ASP C 188 5.94 -6.80 4.39
N GLN C 189 5.80 -7.90 5.12
CA GLN C 189 4.90 -7.96 6.26
C GLN C 189 5.63 -7.85 7.59
N GLY C 190 6.89 -7.44 7.58
CA GLY C 190 7.59 -7.14 8.81
C GLY C 190 8.51 -8.23 9.31
N TYR C 191 8.60 -9.38 8.64
CA TYR C 191 9.60 -10.37 9.01
C TYR C 191 10.97 -9.85 8.60
N GLY C 192 11.85 -9.64 9.59
CA GLY C 192 13.10 -8.96 9.32
C GLY C 192 14.02 -9.72 8.39
N LYS C 193 14.10 -11.04 8.55
CA LYS C 193 14.99 -11.88 7.77
C LYS C 193 14.24 -13.13 7.32
N VAL C 194 14.50 -13.58 6.10
CA VAL C 194 13.88 -14.79 5.57
C VAL C 194 14.98 -15.66 4.96
N ALA C 195 14.88 -16.97 5.15
CA ALA C 195 15.75 -17.93 4.47
C ALA C 195 14.94 -18.69 3.42
N VAL C 196 15.53 -18.89 2.24
CA VAL C 196 14.96 -19.75 1.21
C VAL C 196 15.92 -20.90 0.98
N LEU C 197 15.47 -22.13 1.26
CA LEU C 197 16.27 -23.33 1.13
C LEU C 197 15.70 -24.18 -0.01
N ASP C 198 16.55 -24.48 -0.99
CA ASP C 198 16.13 -25.11 -2.23
C ASP C 198 16.65 -26.53 -2.27
N VAL C 199 15.77 -27.52 -2.03
CA VAL C 199 16.15 -28.93 -2.02
C VAL C 199 15.74 -29.68 -3.29
N ASP C 200 15.17 -28.99 -4.27
CA ASP C 200 14.99 -29.55 -5.61
C ASP C 200 16.35 -29.96 -6.17
N PHE C 201 16.37 -31.03 -6.97
CA PHE C 201 17.63 -31.51 -7.57
C PHE C 201 18.39 -30.43 -8.34
N HIS C 202 17.68 -29.44 -8.88
CA HIS C 202 18.27 -28.39 -9.71
C HIS C 202 18.56 -27.13 -8.91
N HIS C 203 19.55 -26.37 -9.36
CA HIS C 203 19.86 -25.08 -8.74
C HIS C 203 18.70 -24.10 -8.87
N GLY C 204 18.32 -23.49 -7.76
CA GLY C 204 17.35 -22.40 -7.85
C GLY C 204 18.01 -21.11 -8.31
N ASN C 205 18.38 -21.03 -9.59
CA ASN C 205 19.12 -19.86 -10.08
C ASN C 205 18.27 -18.61 -10.03
N GLY C 206 16.96 -18.71 -10.26
CA GLY C 206 16.13 -17.52 -10.22
C GLY C 206 16.12 -16.90 -8.83
N THR C 207 15.94 -17.73 -7.81
CA THR C 207 15.93 -17.26 -6.43
C THR C 207 17.27 -16.65 -6.07
N GLN C 208 18.36 -17.32 -6.44
CA GLN C 208 19.68 -16.79 -6.18
C GLN C 208 19.84 -15.40 -6.82
N ALA C 209 19.43 -15.26 -8.08
CA ALA C 209 19.56 -13.99 -8.78
C ALA C 209 18.73 -12.88 -8.13
N ILE C 210 17.48 -13.18 -7.76
CA ILE C 210 16.59 -12.14 -7.25
C ILE C 210 17.14 -11.52 -5.97
N PHE C 211 17.76 -12.31 -5.10
CA PHE C 211 18.21 -11.81 -3.81
C PHE C 211 19.72 -11.64 -3.72
N TYR C 212 20.43 -11.69 -4.85
CA TYR C 212 21.88 -11.90 -4.82
C TYR C 212 22.63 -10.77 -4.12
N ASP C 213 22.15 -9.53 -4.22
CA ASP C 213 22.81 -8.39 -3.59
C ASP C 213 22.19 -8.01 -2.25
N ARG C 214 21.47 -8.94 -1.61
CA ARG C 214 20.77 -8.62 -0.37
C ARG C 214 21.22 -9.52 0.78
N SER C 215 21.24 -8.94 1.99
CA SER C 215 21.57 -9.67 3.21
C SER C 215 20.34 -10.00 4.04
N ASP C 216 19.17 -9.48 3.70
CA ASP C 216 17.97 -9.77 4.49
C ASP C 216 17.28 -11.07 4.06
N VAL C 217 17.67 -11.64 2.92
CA VAL C 217 17.12 -12.91 2.46
C VAL C 217 18.30 -13.83 2.15
N LEU C 218 18.44 -14.90 2.93
CA LEU C 218 19.49 -15.88 2.73
C LEU C 218 18.97 -16.96 1.77
N THR C 219 19.72 -17.21 0.69
CA THR C 219 19.33 -18.22 -0.30
C THR C 219 20.36 -19.34 -0.29
N ILE C 220 19.89 -20.59 -0.15
CA ILE C 220 20.74 -21.78 -0.19
C ILE C 220 20.11 -22.81 -1.13
N SER C 221 20.95 -23.45 -1.94
CA SER C 221 20.48 -24.53 -2.82
C SER C 221 21.44 -25.72 -2.75
N LEU C 222 20.89 -26.91 -2.61
CA LEU C 222 21.59 -28.16 -2.88
C LEU C 222 21.16 -28.63 -4.27
N HIS C 223 22.10 -29.12 -5.08
CA HIS C 223 21.70 -29.50 -6.43
C HIS C 223 22.80 -30.29 -7.13
N GLY C 224 22.43 -30.90 -8.25
CA GLY C 224 23.41 -31.52 -9.11
C GLY C 224 24.35 -30.51 -9.75
N ASP C 225 25.60 -30.92 -9.91
CA ASP C 225 26.67 -30.10 -10.46
C ASP C 225 26.24 -29.43 -11.76
N PRO C 226 26.19 -28.09 -11.81
CA PRO C 226 25.80 -27.42 -13.06
C PRO C 226 26.78 -27.61 -14.20
N ASP C 227 28.01 -28.03 -13.91
CA ASP C 227 28.90 -28.44 -15.00
C ASP C 227 28.28 -29.56 -15.81
N LEU C 228 27.41 -30.36 -15.18
CA LEU C 228 26.82 -31.54 -15.79
C LEU C 228 25.34 -31.40 -16.14
N VAL C 229 24.58 -30.54 -15.45
CA VAL C 229 23.12 -30.50 -15.64
C VAL C 229 22.62 -29.07 -15.60
N PHE C 230 21.39 -28.92 -16.08
CA PHE C 230 20.66 -27.65 -16.00
C PHE C 230 20.75 -27.08 -14.57
N PRO C 231 20.94 -25.76 -14.41
CA PRO C 231 20.94 -24.72 -15.47
C PRO C 231 22.29 -24.35 -16.06
N HIS C 232 23.35 -25.10 -15.72
CA HIS C 232 24.65 -25.03 -16.38
C HIS C 232 25.46 -23.76 -16.15
N PHE C 233 24.82 -22.57 -16.11
CA PHE C 233 25.58 -21.33 -16.12
C PHE C 233 25.46 -20.56 -14.81
N LEU C 234 24.88 -21.19 -13.80
CA LEU C 234 24.84 -20.68 -12.44
C LEU C 234 24.71 -21.88 -11.52
N GLY C 235 25.00 -21.67 -10.23
CA GLY C 235 24.85 -22.71 -9.23
C GLY C 235 26.16 -23.25 -8.70
N PHE C 236 27.29 -22.67 -9.09
CA PHE C 236 28.58 -23.17 -8.63
C PHE C 236 28.89 -22.64 -7.24
N GLU C 237 29.77 -23.36 -6.54
CA GLU C 237 29.98 -23.06 -5.12
C GLU C 237 30.69 -21.74 -4.90
N ASP C 238 31.38 -21.19 -5.91
CA ASP C 238 32.02 -19.89 -5.73
C ASP C 238 31.04 -18.72 -5.82
N GLU C 239 29.75 -18.98 -6.04
CA GLU C 239 28.76 -17.91 -6.10
C GLU C 239 28.22 -17.70 -4.69
N THR C 240 28.77 -16.71 -3.97
CA THR C 240 28.43 -16.48 -2.58
C THR C 240 27.73 -15.14 -2.36
N GLY C 241 27.32 -14.45 -3.41
CA GLY C 241 26.61 -13.19 -3.31
C GLY C 241 27.46 -12.02 -3.75
N GLU C 242 26.84 -10.84 -3.79
CA GLU C 242 27.50 -9.62 -4.26
C GLU C 242 27.13 -8.43 -3.39
N GLY C 243 28.10 -7.53 -3.17
CA GLY C 243 27.84 -6.32 -2.42
C GLY C 243 27.38 -6.64 -1.01
N ASP C 244 26.24 -6.05 -0.60
CA ASP C 244 25.68 -6.35 0.72
C ASP C 244 25.33 -7.83 0.86
N GLY C 245 25.06 -8.51 -0.26
CA GLY C 245 24.69 -9.91 -0.21
C GLY C 245 25.85 -10.88 -0.15
N GLU C 246 27.09 -10.41 -0.12
CA GLU C 246 28.23 -11.32 0.01
C GLU C 246 28.09 -12.14 1.29
N ALA C 247 28.18 -13.45 1.16
CA ALA C 247 28.04 -14.50 2.18
C ALA C 247 26.58 -14.77 2.52
N TYR C 248 25.64 -14.30 1.70
CA TYR C 248 24.23 -14.58 1.93
C TYR C 248 23.62 -15.41 0.80
N ASN C 249 24.47 -16.06 0.00
CA ASN C 249 24.08 -17.11 -0.92
C ASN C 249 25.04 -18.29 -0.78
N LEU C 250 24.49 -19.50 -0.74
CA LEU C 250 25.32 -20.70 -0.61
C LEU C 250 24.81 -21.79 -1.55
N ASN C 251 25.68 -22.25 -2.44
CA ASN C 251 25.39 -23.38 -3.32
C ASN C 251 26.18 -24.59 -2.86
N ILE C 252 25.50 -25.73 -2.77
CA ILE C 252 26.10 -27.00 -2.39
C ILE C 252 25.86 -27.97 -3.53
N VAL C 253 26.92 -28.41 -4.22
CA VAL C 253 26.77 -29.21 -5.44
C VAL C 253 27.19 -30.66 -5.16
N PHE C 254 26.53 -31.58 -5.87
CA PHE C 254 26.76 -33.00 -5.72
C PHE C 254 26.90 -33.66 -7.09
N PRO C 255 27.64 -34.77 -7.18
CA PRO C 255 27.88 -35.44 -8.47
C PRO C 255 26.86 -36.51 -8.76
N PRO C 256 26.93 -37.18 -9.92
CA PRO C 256 25.96 -38.24 -10.23
C PRO C 256 25.95 -39.35 -9.19
N ASP C 257 24.77 -39.91 -8.98
CA ASP C 257 24.51 -41.07 -8.12
C ASP C 257 24.64 -40.75 -6.63
N THR C 258 24.61 -39.48 -6.26
CA THR C 258 24.72 -39.12 -4.84
C THR C 258 23.54 -39.69 -4.06
N PRO C 259 23.77 -40.45 -2.98
CA PRO C 259 22.66 -40.93 -2.15
C PRO C 259 22.41 -40.03 -0.94
N PHE C 260 21.36 -40.37 -0.17
CA PHE C 260 20.98 -39.56 0.98
C PHE C 260 22.08 -39.50 2.03
N SER C 261 22.85 -40.58 2.19
CA SER C 261 23.94 -40.58 3.16
C SER C 261 24.95 -39.46 2.92
N ILE C 262 25.07 -38.98 1.69
CA ILE C 262 25.96 -37.87 1.38
C ILE C 262 25.20 -36.56 1.23
N TRP C 263 24.07 -36.62 0.51
CA TRP C 263 23.23 -35.43 0.33
C TRP C 263 22.83 -34.83 1.67
N SER C 264 22.53 -35.69 2.65
CA SER C 264 22.10 -35.22 3.96
C SER C 264 23.20 -34.48 4.71
N GLN C 265 24.47 -34.71 4.36
CA GLN C 265 25.53 -33.93 4.98
C GLN C 265 25.50 -32.50 4.48
N GLY C 266 25.14 -32.29 3.21
CA GLY C 266 24.95 -30.93 2.71
C GLY C 266 23.72 -30.29 3.31
N LEU C 267 22.67 -31.07 3.53
CA LEU C 267 21.48 -30.55 4.20
C LEU C 267 21.84 -30.06 5.60
N GLU C 268 22.72 -30.78 6.30
CA GLU C 268 23.15 -30.36 7.61
C GLU C 268 23.93 -29.05 7.54
N LYS C 269 24.86 -28.92 6.59
CA LYS C 269 25.56 -27.65 6.41
C LYS C 269 24.57 -26.53 6.14
N ALA C 270 23.58 -26.78 5.28
CA ALA C 270 22.58 -25.76 4.99
C ALA C 270 21.83 -25.37 6.25
N CYS C 271 21.42 -26.35 7.05
CA CYS C 271 20.66 -26.05 8.26
C CYS C 271 21.51 -25.29 9.27
N GLU C 272 22.81 -25.60 9.34
CA GLU C 272 23.68 -24.83 10.23
C GLU C 272 23.79 -23.38 9.78
N ARG C 273 23.83 -23.16 8.45
N ARG C 273 23.83 -23.16 8.46
CA ARG C 273 23.89 -21.80 7.94
CA ARG C 273 23.89 -21.80 7.93
C ARG C 273 22.61 -21.04 8.25
C ARG C 273 22.61 -21.04 8.26
N ILE C 274 21.46 -21.69 8.12
CA ILE C 274 20.19 -21.03 8.41
C ILE C 274 20.09 -20.71 9.90
N ARG C 275 20.51 -21.65 10.75
CA ARG C 275 20.46 -21.42 12.19
C ARG C 275 21.24 -20.18 12.57
N THR C 276 22.45 -20.04 12.04
CA THR C 276 23.30 -18.87 12.30
C THR C 276 22.62 -17.58 11.83
N PHE C 277 22.07 -17.60 10.61
CA PHE C 277 21.36 -16.45 10.06
C PHE C 277 20.18 -16.04 10.95
N ALA C 278 19.59 -17.01 11.65
CA ALA C 278 18.47 -16.78 12.56
C ALA C 278 17.33 -16.03 11.87
N PRO C 279 16.73 -16.61 10.83
CA PRO C 279 15.65 -15.93 10.12
C PRO C 279 14.37 -15.96 10.95
N ASP C 280 13.42 -15.13 10.53
CA ASP C 280 12.09 -15.09 11.10
C ASP C 280 11.09 -15.98 10.35
N ALA C 281 11.43 -16.40 9.13
CA ALA C 281 10.57 -17.30 8.38
C ALA C 281 11.45 -18.08 7.41
N LEU C 282 10.96 -19.25 7.00
CA LEU C 282 11.65 -20.13 6.07
C LEU C 282 10.73 -20.46 4.90
N VAL C 283 11.24 -20.37 3.69
CA VAL C 283 10.57 -20.92 2.52
C VAL C 283 11.41 -22.07 2.01
N VAL C 284 10.79 -23.23 1.81
CA VAL C 284 11.48 -24.40 1.27
C VAL C 284 10.99 -24.58 -0.17
N ALA C 285 11.90 -24.44 -1.12
CA ALA C 285 11.61 -24.78 -2.51
C ALA C 285 11.81 -26.28 -2.64
N LEU C 286 10.72 -27.01 -2.71
CA LEU C 286 10.71 -28.46 -2.55
C LEU C 286 10.53 -29.12 -3.90
N GLY C 287 11.58 -29.79 -4.37
CA GLY C 287 11.47 -30.71 -5.49
C GLY C 287 11.77 -32.11 -5.02
N VAL C 288 11.07 -33.09 -5.60
CA VAL C 288 11.34 -34.48 -5.32
C VAL C 288 11.97 -35.16 -6.53
N ASP C 289 12.60 -34.37 -7.41
CA ASP C 289 13.38 -34.95 -8.49
C ASP C 289 14.75 -35.44 -8.02
N THR C 290 15.04 -35.35 -6.72
CA THR C 290 16.20 -36.01 -6.12
C THR C 290 15.97 -37.52 -5.95
N PHE C 291 14.77 -37.99 -6.28
CA PHE C 291 14.35 -39.38 -6.13
C PHE C 291 15.14 -40.31 -7.06
N GLU C 292 15.35 -41.54 -6.58
CA GLU C 292 16.23 -42.47 -7.28
C GLU C 292 15.68 -42.91 -8.64
N GLU C 293 14.40 -42.74 -8.90
CA GLU C 293 13.79 -43.10 -10.19
C GLU C 293 13.44 -41.89 -11.04
N ASP C 294 13.91 -40.70 -10.66
CA ASP C 294 13.51 -39.51 -11.43
C ASP C 294 14.04 -39.60 -12.85
N PRO C 295 13.20 -39.33 -13.86
CA PRO C 295 13.62 -39.56 -15.25
C PRO C 295 14.61 -38.54 -15.81
N ILE C 296 14.84 -37.40 -15.15
CA ILE C 296 15.75 -36.40 -15.73
C ILE C 296 16.88 -36.00 -14.79
N SER C 297 17.04 -36.70 -13.66
CA SER C 297 17.97 -36.30 -12.61
C SER C 297 18.79 -37.50 -12.14
N PHE C 298 19.84 -37.25 -11.34
CA PHE C 298 20.78 -38.33 -11.05
C PHE C 298 21.14 -38.47 -9.56
N PHE C 299 20.24 -38.14 -8.64
CA PHE C 299 20.44 -38.48 -7.23
C PHE C 299 19.70 -39.77 -6.91
N LYS C 300 19.95 -40.30 -5.72
CA LYS C 300 19.48 -41.64 -5.38
C LYS C 300 18.70 -41.65 -4.07
N LEU C 301 17.91 -40.63 -3.80
CA LEU C 301 17.09 -40.62 -2.59
C LEU C 301 15.96 -41.65 -2.71
N THR C 302 15.65 -42.32 -1.60
CA THR C 302 14.50 -43.20 -1.54
C THR C 302 13.26 -42.44 -1.07
N SER C 303 12.10 -43.07 -1.24
CA SER C 303 10.86 -42.46 -0.75
C SER C 303 10.91 -42.28 0.77
N GLY C 304 11.52 -43.23 1.49
CA GLY C 304 11.66 -43.08 2.92
C GLY C 304 12.54 -41.90 3.31
N ASP C 305 13.47 -41.50 2.44
CA ASP C 305 14.37 -40.40 2.77
C ASP C 305 13.64 -39.06 2.84
N TYR C 306 12.47 -38.95 2.20
CA TYR C 306 11.72 -37.70 2.28
C TYR C 306 11.08 -37.52 3.65
N LEU C 307 10.75 -38.62 4.32
CA LEU C 307 10.33 -38.51 5.72
C LEU C 307 11.45 -37.92 6.55
N LYS C 308 12.68 -38.38 6.34
CA LYS C 308 13.81 -37.88 7.11
C LYS C 308 14.08 -36.41 6.79
N LEU C 309 13.87 -36.02 5.53
CA LEU C 309 14.06 -34.63 5.14
C LEU C 309 13.07 -33.74 5.88
N GLY C 310 11.79 -34.13 5.87
CA GLY C 310 10.79 -33.32 6.53
C GLY C 310 11.07 -33.17 8.00
N LYS C 311 11.50 -34.27 8.65
CA LYS C 311 11.83 -34.21 10.06
C LYS C 311 12.96 -33.22 10.32
N ARG C 312 14.02 -33.27 9.51
CA ARG C 312 15.15 -32.37 9.72
C ARG C 312 14.74 -30.91 9.55
N LEU C 313 13.90 -30.63 8.56
CA LEU C 313 13.48 -29.24 8.35
C LEU C 313 12.67 -28.73 9.54
N GLU C 314 11.78 -29.55 10.09
CA GLU C 314 10.99 -29.14 11.25
C GLU C 314 11.89 -28.78 12.42
N GLN C 315 13.04 -29.44 12.53
CA GLN C 315 13.91 -29.17 13.66
C GLN C 315 14.55 -27.79 13.62
N LEU C 316 14.45 -27.07 12.50
CA LEU C 316 14.88 -25.68 12.48
C LEU C 316 13.97 -24.78 13.31
N GLY C 317 12.77 -25.25 13.64
CA GLY C 317 11.84 -24.49 14.48
C GLY C 317 11.41 -23.16 13.92
N LEU C 318 11.12 -23.08 12.62
CA LEU C 318 10.77 -21.84 11.96
C LEU C 318 9.38 -21.93 11.34
N PRO C 319 8.69 -20.80 11.21
CA PRO C 319 7.50 -20.78 10.36
C PRO C 319 7.92 -21.07 8.93
N THR C 320 7.28 -22.04 8.29
CA THR C 320 7.79 -22.61 7.06
C THR C 320 6.72 -22.70 5.98
N VAL C 321 7.03 -22.18 4.79
CA VAL C 321 6.19 -22.36 3.61
C VAL C 321 6.93 -23.30 2.66
N PHE C 322 6.27 -24.38 2.26
CA PHE C 322 6.79 -25.28 1.25
C PHE C 322 6.18 -24.91 -0.08
N THR C 323 7.04 -24.73 -1.08
CA THR C 323 6.63 -24.38 -2.42
C THR C 323 7.03 -25.51 -3.36
N MET C 324 6.06 -26.06 -4.07
CA MET C 324 6.34 -27.25 -4.88
C MET C 324 7.09 -26.87 -6.15
N GLU C 325 8.22 -27.54 -6.37
CA GLU C 325 9.01 -27.33 -7.59
C GLU C 325 8.95 -28.58 -8.48
N GLY C 326 10.06 -29.28 -8.66
CA GLY C 326 10.15 -30.38 -9.62
C GLY C 326 9.83 -31.75 -9.04
N GLY C 327 10.07 -32.78 -9.86
CA GLY C 327 9.78 -34.16 -9.50
C GLY C 327 8.95 -34.81 -10.58
N TYR C 328 9.50 -35.79 -11.31
CA TYR C 328 8.93 -36.20 -12.60
C TYR C 328 8.65 -37.69 -12.72
N ASP C 329 8.93 -38.49 -11.70
CA ASP C 329 8.41 -39.85 -11.66
C ASP C 329 7.01 -39.77 -11.08
N VAL C 330 5.99 -39.77 -11.95
CA VAL C 330 4.65 -39.48 -11.48
C VAL C 330 4.12 -40.61 -10.57
N ASP C 331 4.58 -41.85 -10.80
CA ASP C 331 4.17 -42.94 -9.93
C ASP C 331 4.42 -42.64 -8.46
N ALA C 332 5.55 -42.02 -8.16
CA ALA C 332 5.96 -41.83 -6.76
C ALA C 332 5.92 -40.38 -6.31
N ILE C 333 5.57 -39.43 -7.18
CA ILE C 333 5.69 -38.02 -6.83
C ILE C 333 4.82 -37.69 -5.62
N GLY C 334 3.64 -38.31 -5.51
CA GLY C 334 2.75 -38.00 -4.41
C GLY C 334 3.25 -38.57 -3.10
N VAL C 335 3.60 -39.86 -3.10
CA VAL C 335 4.22 -40.47 -1.92
C VAL C 335 5.41 -39.64 -1.46
N ASN C 336 6.25 -39.21 -2.42
CA ASN C 336 7.48 -38.52 -2.05
C ASN C 336 7.21 -37.13 -1.47
N ALA C 337 6.38 -36.34 -2.16
CA ALA C 337 6.14 -34.97 -1.70
C ALA C 337 5.40 -34.96 -0.37
N VAL C 338 4.38 -35.82 -0.21
CA VAL C 338 3.62 -35.81 1.03
C VAL C 338 4.44 -36.40 2.17
N ASN C 339 5.40 -37.29 1.85
CA ASN C 339 6.32 -37.80 2.87
C ASN C 339 7.10 -36.66 3.53
N VAL C 340 7.47 -35.63 2.76
CA VAL C 340 8.14 -34.49 3.37
C VAL C 340 7.23 -33.81 4.38
N MET C 341 5.97 -33.58 3.98
CA MET C 341 5.02 -32.93 4.89
C MET C 341 4.73 -33.81 6.10
N GLN C 342 4.58 -35.11 5.88
CA GLN C 342 4.29 -36.00 7.00
C GLN C 342 5.47 -36.10 7.95
N GLY C 343 6.69 -36.15 7.41
CA GLY C 343 7.87 -36.15 8.27
C GLY C 343 8.03 -34.86 9.06
N PHE C 344 7.75 -33.73 8.41
CA PHE C 344 7.71 -32.46 9.12
C PHE C 344 6.74 -32.53 10.29
N GLU C 345 5.62 -33.21 10.10
CA GLU C 345 4.57 -33.30 11.11
C GLU C 345 4.78 -34.45 12.10
N GLY C 346 5.83 -35.25 11.97
CA GLY C 346 6.17 -36.26 12.97
C GLY C 346 6.16 -37.70 12.51
N LYS C 347 5.81 -38.02 11.26
CA LYS C 347 5.81 -39.39 10.80
C LYS C 347 7.24 -39.88 10.58
N SER C 348 7.51 -41.09 11.06
CA SER C 348 8.83 -41.69 10.94
C SER C 348 8.79 -42.95 10.05
N LEU D 3 -26.39 -3.64 -37.50
CA LEU D 3 -25.09 -3.26 -38.06
C LEU D 3 -23.95 -3.85 -37.24
N GLY D 4 -23.55 -3.16 -36.17
CA GLY D 4 -22.47 -3.66 -35.34
C GLY D 4 -22.81 -4.97 -34.65
N SER D 5 -21.78 -5.63 -34.12
CA SER D 5 -21.96 -6.93 -33.50
C SER D 5 -21.37 -6.94 -32.10
N MET D 6 -21.92 -7.82 -31.25
CA MET D 6 -21.55 -7.92 -29.85
C MET D 6 -21.60 -9.38 -29.46
N LYS D 7 -20.62 -9.84 -28.69
CA LYS D 7 -20.56 -11.23 -28.27
C LYS D 7 -21.40 -11.46 -27.02
N THR D 8 -21.93 -12.67 -26.89
CA THR D 8 -22.76 -13.06 -25.77
C THR D 8 -22.12 -14.27 -25.10
N VAL D 9 -21.89 -14.17 -23.80
CA VAL D 9 -21.39 -15.27 -23.00
C VAL D 9 -22.56 -15.95 -22.31
N PHE D 10 -22.65 -17.27 -22.42
CA PHE D 10 -23.78 -18.04 -21.92
C PHE D 10 -23.29 -19.36 -21.37
N SER D 11 -23.69 -19.71 -20.14
CA SER D 11 -23.37 -21.04 -19.63
C SER D 11 -24.59 -21.95 -19.61
N PRO D 12 -24.51 -23.15 -20.20
CA PRO D 12 -25.61 -24.12 -20.05
C PRO D 12 -25.75 -24.65 -18.64
N LEU D 13 -24.78 -24.40 -17.77
CA LEU D 13 -24.89 -24.82 -16.38
C LEU D 13 -25.95 -24.04 -15.61
N HIS D 14 -26.51 -22.95 -16.19
CA HIS D 14 -27.57 -22.25 -15.47
C HIS D 14 -28.73 -23.19 -15.15
N SER D 15 -28.96 -24.20 -15.99
CA SER D 15 -30.06 -25.13 -15.75
C SER D 15 -29.84 -25.98 -14.50
N ARG D 16 -28.63 -25.97 -13.92
CA ARG D 16 -28.43 -26.61 -12.60
C ARG D 16 -29.27 -25.93 -11.53
N ARG D 17 -29.64 -24.66 -11.72
CA ARG D 17 -30.59 -24.01 -10.82
C ARG D 17 -31.97 -24.05 -11.48
N HIS D 18 -32.83 -24.92 -10.97
CA HIS D 18 -34.17 -25.07 -11.48
C HIS D 18 -35.08 -25.38 -10.29
N VAL D 19 -35.25 -24.40 -9.40
CA VAL D 19 -36.01 -24.66 -8.19
C VAL D 19 -37.49 -24.74 -8.52
N LYS D 20 -38.24 -25.47 -7.70
CA LYS D 20 -39.64 -25.72 -7.95
C LYS D 20 -40.59 -24.84 -7.15
N THR D 21 -40.10 -24.18 -6.09
CA THR D 21 -40.97 -23.41 -5.22
C THR D 21 -40.42 -22.00 -5.01
N GLU D 22 -41.35 -21.05 -4.89
CA GLU D 22 -41.04 -19.68 -4.53
C GLU D 22 -42.16 -19.21 -3.61
N LEU D 23 -41.81 -18.76 -2.42
CA LEU D 23 -42.82 -18.18 -1.54
C LEU D 23 -43.26 -16.83 -2.10
N ASP D 24 -44.56 -16.71 -2.38
CA ASP D 24 -45.12 -15.54 -3.04
C ASP D 24 -46.56 -15.40 -2.58
N GLY D 25 -46.87 -14.29 -1.93
CA GLY D 25 -48.25 -14.08 -1.51
C GLY D 25 -48.76 -15.12 -0.55
N GLY D 26 -47.87 -15.73 0.24
CA GLY D 26 -48.25 -16.76 1.18
C GLY D 26 -48.46 -18.13 0.58
N LEU D 27 -48.08 -18.33 -0.68
CA LEU D 27 -48.17 -19.63 -1.32
C LEU D 27 -46.80 -20.00 -1.89
N LEU D 28 -46.57 -21.29 -2.03
CA LEU D 28 -45.40 -21.80 -2.72
C LEU D 28 -45.77 -22.00 -4.19
N ILE D 29 -45.26 -21.11 -5.06
CA ILE D 29 -45.65 -21.07 -6.47
C ILE D 29 -44.47 -21.50 -7.34
N GLU D 30 -44.74 -21.67 -8.64
CA GLU D 30 -43.68 -21.86 -9.62
C GLU D 30 -42.82 -20.59 -9.69
N PRO D 31 -41.49 -20.69 -9.59
CA PRO D 31 -40.66 -19.49 -9.50
C PRO D 31 -40.74 -18.60 -10.73
N HIS D 32 -40.64 -17.29 -10.50
CA HIS D 32 -40.58 -16.33 -11.62
C HIS D 32 -39.25 -16.42 -12.35
N GLU D 33 -38.16 -16.67 -11.63
CA GLU D 33 -36.83 -16.67 -12.22
C GLU D 33 -36.51 -18.08 -12.74
N LYS D 34 -37.05 -18.37 -13.91
CA LYS D 34 -37.07 -19.73 -14.42
C LYS D 34 -36.08 -19.90 -15.57
N PRO D 35 -35.61 -21.12 -15.79
CA PRO D 35 -34.58 -21.34 -16.82
C PRO D 35 -34.99 -20.87 -18.21
N SER D 36 -36.29 -20.86 -18.54
CA SER D 36 -36.68 -20.42 -19.88
C SER D 36 -36.33 -18.95 -20.13
N ARG D 37 -36.15 -18.15 -19.08
CA ARG D 37 -35.71 -16.77 -19.27
C ARG D 37 -34.40 -16.71 -20.04
N ALA D 38 -33.41 -17.49 -19.60
CA ALA D 38 -32.11 -17.45 -20.25
C ALA D 38 -32.17 -18.10 -21.62
N GLU D 39 -32.92 -19.21 -21.76
CA GLU D 39 -33.01 -19.87 -23.06
C GLU D 39 -33.72 -19.00 -24.08
N THR D 40 -34.71 -18.21 -23.66
CA THR D 40 -35.41 -17.35 -24.62
C THR D 40 -34.53 -16.19 -25.08
N ILE D 41 -33.74 -15.61 -24.17
CA ILE D 41 -32.81 -14.57 -24.61
C ILE D 41 -31.76 -15.16 -25.55
N LEU D 42 -31.23 -16.33 -25.23
CA LEU D 42 -30.20 -16.93 -26.08
C LEU D 42 -30.75 -17.19 -27.48
N ALA D 43 -31.98 -17.70 -27.56
CA ALA D 43 -32.57 -18.00 -28.86
C ALA D 43 -32.74 -16.73 -29.69
N ARG D 44 -33.08 -15.62 -29.04
CA ARG D 44 -33.20 -14.35 -29.76
C ARG D 44 -31.85 -13.81 -30.19
N VAL D 45 -30.82 -13.98 -29.34
CA VAL D 45 -29.45 -13.64 -29.74
C VAL D 45 -29.06 -14.38 -31.01
N LYS D 46 -29.32 -15.69 -31.04
CA LYS D 46 -29.07 -16.49 -32.24
C LYS D 46 -29.89 -15.98 -33.41
N ASP D 47 -31.20 -15.84 -33.21
CA ASP D 47 -32.12 -15.50 -34.28
C ASP D 47 -31.74 -14.18 -34.94
N GLN D 48 -31.25 -13.22 -34.16
CA GLN D 48 -30.91 -11.89 -34.66
C GLN D 48 -29.45 -11.77 -35.10
N ALA D 49 -28.66 -12.84 -34.99
CA ALA D 49 -27.25 -12.82 -35.34
C ALA D 49 -26.55 -11.61 -34.69
N LEU D 50 -26.81 -11.43 -33.39
CA LEU D 50 -26.19 -10.33 -32.67
C LEU D 50 -24.68 -10.41 -32.72
N GLY D 51 -24.13 -11.62 -32.59
CA GLY D 51 -22.70 -11.81 -32.50
C GLY D 51 -22.42 -13.22 -32.03
N GLU D 52 -21.13 -13.51 -31.88
CA GLU D 52 -20.70 -14.82 -31.42
C GLU D 52 -21.31 -15.17 -30.06
N ILE D 53 -21.67 -16.44 -29.89
CA ILE D 53 -22.07 -16.99 -28.61
C ILE D 53 -20.98 -17.93 -28.13
N LEU D 54 -20.60 -17.81 -26.86
CA LEU D 54 -19.52 -18.63 -26.33
C LEU D 54 -19.80 -18.95 -24.88
N GLU D 55 -19.22 -20.05 -24.42
CA GLU D 55 -19.31 -20.46 -23.02
C GLU D 55 -18.28 -19.68 -22.21
N PRO D 56 -18.48 -19.58 -20.90
CA PRO D 56 -17.54 -18.82 -20.07
C PRO D 56 -16.25 -19.58 -19.78
N GLU D 57 -15.22 -18.80 -19.46
CA GLU D 57 -13.99 -19.29 -18.88
C GLU D 57 -14.18 -19.46 -17.38
N GLU D 58 -13.50 -20.47 -16.82
CA GLU D 58 -13.58 -20.73 -15.39
C GLU D 58 -12.50 -19.89 -14.72
N PHE D 59 -12.92 -19.00 -13.83
CA PHE D 59 -11.97 -18.15 -13.12
C PHE D 59 -11.75 -18.57 -11.68
N GLY D 60 -12.50 -19.54 -11.18
CA GLY D 60 -12.44 -19.92 -9.78
C GLY D 60 -13.09 -18.87 -8.88
N LEU D 61 -12.94 -19.09 -7.58
CA LEU D 61 -13.60 -18.25 -6.59
C LEU D 61 -12.78 -17.02 -6.20
N GLY D 62 -11.51 -16.94 -6.60
CA GLY D 62 -10.67 -15.80 -6.30
C GLY D 62 -11.33 -14.46 -6.56
N PRO D 63 -11.77 -14.22 -7.81
CA PRO D 63 -12.43 -12.95 -8.12
C PRO D 63 -13.79 -12.80 -7.47
N VAL D 64 -14.47 -13.90 -7.13
CA VAL D 64 -15.71 -13.80 -6.38
C VAL D 64 -15.43 -13.30 -4.96
N LYS D 65 -14.35 -13.80 -4.35
CA LYS D 65 -13.99 -13.43 -2.98
C LYS D 65 -13.38 -12.04 -2.88
N ARG D 66 -13.15 -11.37 -4.01
CA ARG D 66 -12.81 -9.95 -3.97
C ARG D 66 -14.02 -9.08 -3.64
N VAL D 67 -15.22 -9.67 -3.70
CA VAL D 67 -16.47 -8.98 -3.40
C VAL D 67 -17.18 -9.62 -2.21
N HIS D 68 -17.23 -10.94 -2.16
CA HIS D 68 -18.03 -11.65 -1.17
C HIS D 68 -17.16 -12.23 -0.08
N THR D 69 -17.72 -12.33 1.13
CA THR D 69 -16.94 -12.80 2.26
C THR D 69 -16.70 -14.31 2.15
N ALA D 70 -15.57 -14.73 2.73
CA ALA D 70 -15.22 -16.14 2.71
C ALA D 70 -16.30 -16.99 3.39
N ASP D 71 -16.84 -16.50 4.50
CA ASP D 71 -17.88 -17.25 5.22
C ASP D 71 -19.12 -17.42 4.36
N TYR D 72 -19.46 -16.40 3.58
CA TYR D 72 -20.66 -16.45 2.74
C TYR D 72 -20.47 -17.40 1.58
N VAL D 73 -19.30 -17.36 0.93
CA VAL D 73 -19.02 -18.28 -0.16
C VAL D 73 -19.02 -19.71 0.34
N SER D 74 -18.47 -19.95 1.54
CA SER D 74 -18.51 -21.29 2.12
C SER D 74 -19.94 -21.73 2.41
N PHE D 75 -20.76 -20.82 2.95
CA PHE D 75 -22.15 -21.15 3.26
C PHE D 75 -22.92 -21.56 2.00
N LEU D 76 -22.74 -20.82 0.91
CA LEU D 76 -23.47 -21.16 -0.30
C LEU D 76 -23.08 -22.53 -0.82
N GLU D 77 -21.82 -22.94 -0.61
CA GLU D 77 -21.40 -24.24 -1.11
C GLU D 77 -22.00 -25.40 -0.31
N THR D 78 -22.17 -25.22 1.01
CA THR D 78 -22.59 -26.32 1.86
C THR D 78 -24.07 -26.28 2.24
N CYS D 79 -24.76 -25.17 1.96
CA CYS D 79 -26.12 -24.95 2.48
C CYS D 79 -27.05 -26.13 2.17
N TRP D 80 -27.14 -26.50 0.88
CA TRP D 80 -28.09 -27.55 0.51
C TRP D 80 -27.73 -28.87 1.17
N ASP D 81 -26.44 -29.24 1.20
CA ASP D 81 -26.07 -30.49 1.86
C ASP D 81 -26.45 -30.48 3.33
N GLU D 82 -26.26 -29.35 4.01
CA GLU D 82 -26.54 -29.27 5.43
C GLU D 82 -28.04 -29.28 5.69
N TRP D 83 -28.80 -28.63 4.81
CA TRP D 83 -30.25 -28.65 4.90
C TRP D 83 -30.78 -30.06 4.83
N VAL D 84 -30.33 -30.82 3.82
CA VAL D 84 -30.80 -32.20 3.65
C VAL D 84 -30.37 -33.05 4.84
N ALA D 85 -29.13 -32.85 5.31
CA ALA D 85 -28.62 -33.65 6.43
C ALA D 85 -29.38 -33.36 7.72
N ALA D 86 -29.93 -32.17 7.86
CA ALA D 86 -30.72 -31.84 9.04
C ALA D 86 -32.16 -32.35 8.94
N GLY D 87 -32.52 -33.02 7.84
CA GLY D 87 -33.81 -33.67 7.73
C GLY D 87 -34.93 -32.86 7.10
N LYS D 88 -34.65 -31.63 6.66
CA LYS D 88 -35.68 -30.82 6.00
C LYS D 88 -36.08 -31.45 4.67
N ARG D 89 -37.37 -31.37 4.34
CA ARG D 89 -37.90 -32.08 3.18
C ARG D 89 -38.25 -31.18 2.01
N GLY D 90 -38.33 -29.86 2.21
CA GLY D 90 -38.56 -28.94 1.12
C GLY D 90 -37.25 -28.42 0.59
N GLU D 91 -37.35 -27.45 -0.32
CA GLU D 91 -36.17 -26.69 -0.71
C GLU D 91 -35.74 -25.79 0.45
N ALA D 92 -34.53 -25.26 0.35
CA ALA D 92 -33.96 -24.52 1.47
C ALA D 92 -34.48 -23.09 1.43
N ILE D 93 -35.35 -22.75 2.39
CA ILE D 93 -36.01 -21.45 2.46
C ILE D 93 -35.84 -20.93 3.88
N PRO D 94 -35.37 -19.69 4.08
CA PRO D 94 -35.19 -19.22 5.46
C PRO D 94 -36.54 -19.03 6.14
N THR D 95 -36.59 -19.44 7.41
CA THR D 95 -37.80 -19.29 8.22
C THR D 95 -37.66 -18.22 9.28
N PHE D 96 -36.43 -17.96 9.74
CA PHE D 96 -36.15 -17.04 10.85
C PHE D 96 -34.98 -16.16 10.48
N TRP D 97 -35.00 -14.92 10.95
CA TRP D 97 -33.93 -13.99 10.60
C TRP D 97 -33.66 -13.06 11.78
N VAL D 98 -32.68 -12.18 11.59
CA VAL D 98 -32.28 -11.24 12.62
C VAL D 98 -33.32 -10.13 12.63
N GLY D 99 -34.35 -10.29 13.45
CA GLY D 99 -35.37 -9.28 13.57
C GLY D 99 -34.84 -8.02 14.23
N ARG D 100 -35.59 -6.93 14.06
CA ARG D 100 -35.20 -5.68 14.70
C ARG D 100 -35.14 -5.88 16.20
N GLY D 101 -34.00 -5.55 16.80
CA GLY D 101 -33.78 -5.75 18.21
C GLY D 101 -32.99 -6.99 18.56
N MET D 102 -32.68 -7.84 17.58
CA MET D 102 -31.91 -9.05 17.80
C MET D 102 -30.45 -8.81 17.42
N ARG D 103 -29.59 -9.78 17.75
CA ARG D 103 -28.16 -9.67 17.52
C ARG D 103 -27.78 -10.18 16.14
N ALA D 104 -26.93 -9.43 15.43
CA ALA D 104 -26.36 -9.89 14.16
C ALA D 104 -25.20 -10.84 14.47
N ARG D 105 -25.57 -12.04 14.92
CA ARG D 105 -24.64 -13.02 15.46
C ARG D 105 -24.83 -14.34 14.73
N LEU D 106 -23.76 -14.86 14.15
CA LEU D 106 -23.84 -16.10 13.35
C LEU D 106 -24.08 -17.31 14.25
N PRO D 107 -25.17 -18.04 14.06
CA PRO D 107 -25.41 -19.23 14.89
C PRO D 107 -24.88 -20.51 14.26
N LYS D 108 -25.03 -21.63 14.94
CA LYS D 108 -24.53 -22.90 14.40
C LYS D 108 -25.55 -23.59 13.50
N ASP D 109 -26.82 -23.60 13.89
CA ASP D 109 -27.84 -24.34 13.19
C ASP D 109 -28.03 -23.84 11.75
N ILE D 110 -28.39 -24.76 10.85
CA ILE D 110 -28.54 -24.39 9.45
C ILE D 110 -29.68 -23.41 9.24
N ASP D 111 -30.77 -23.54 10.01
CA ASP D 111 -31.84 -22.54 9.89
C ASP D 111 -31.34 -21.15 10.28
N GLY D 112 -30.57 -21.06 11.36
CA GLY D 112 -30.04 -19.78 11.78
C GLY D 112 -29.11 -19.18 10.73
N ARG D 113 -28.22 -20.00 10.16
CA ARG D 113 -27.31 -19.44 9.17
C ARG D 113 -28.06 -19.00 7.92
N LEU D 114 -29.05 -19.79 7.49
CA LEU D 114 -29.86 -19.42 6.34
C LEU D 114 -30.48 -18.05 6.53
N GLY D 115 -31.02 -17.79 7.73
CA GLY D 115 -31.60 -16.48 7.99
C GLY D 115 -30.56 -15.39 8.11
N TYR D 116 -29.44 -15.69 8.77
CA TYR D 116 -28.36 -14.70 8.90
C TYR D 116 -27.89 -14.20 7.54
N TYR D 117 -27.83 -15.09 6.55
CA TYR D 117 -27.26 -14.76 5.25
C TYR D 117 -28.30 -14.33 4.22
N SER D 118 -29.54 -14.06 4.62
CA SER D 118 -30.56 -13.78 3.63
C SER D 118 -31.28 -12.48 3.93
N LEU D 119 -31.99 -11.98 2.93
CA LEU D 119 -32.87 -10.83 3.11
C LEU D 119 -34.30 -11.13 2.69
N GLY D 120 -34.61 -12.37 2.31
CA GLY D 120 -35.93 -12.69 1.81
C GLY D 120 -36.15 -14.18 1.83
N ALA D 121 -37.43 -14.57 1.78
CA ALA D 121 -37.79 -15.99 1.76
C ALA D 121 -38.24 -16.47 0.38
N ASP D 122 -38.11 -15.64 -0.66
CA ASP D 122 -38.60 -16.00 -1.98
C ASP D 122 -37.53 -16.60 -2.88
N THR D 123 -36.35 -16.86 -2.34
CA THR D 123 -35.20 -17.32 -3.13
C THR D 123 -34.76 -18.68 -2.60
N SER D 124 -35.45 -19.73 -3.03
CA SER D 124 -35.13 -21.07 -2.56
C SER D 124 -33.75 -21.51 -3.04
N ILE D 125 -33.05 -22.26 -2.21
CA ILE D 125 -31.79 -22.89 -2.58
C ILE D 125 -32.03 -24.40 -2.72
N SER D 126 -31.49 -25.00 -3.77
CA SER D 126 -31.54 -26.47 -3.85
C SER D 126 -30.25 -26.96 -4.52
N ASP D 127 -30.19 -28.25 -4.81
CA ASP D 127 -29.01 -28.81 -5.44
C ASP D 127 -28.75 -28.11 -6.78
N GLY D 128 -27.49 -27.78 -7.04
CA GLY D 128 -27.14 -27.10 -8.25
C GLY D 128 -27.17 -25.59 -8.18
N THR D 129 -27.76 -25.01 -7.12
CA THR D 129 -27.74 -23.56 -7.00
C THR D 129 -26.31 -23.03 -6.90
N TRP D 130 -25.48 -23.69 -6.10
CA TRP D 130 -24.08 -23.34 -5.99
C TRP D 130 -23.39 -23.34 -7.35
N GLU D 131 -23.57 -24.42 -8.12
CA GLU D 131 -22.89 -24.55 -9.40
C GLU D 131 -23.40 -23.51 -10.39
N ALA D 132 -24.72 -23.24 -10.37
CA ALA D 132 -25.26 -22.23 -11.28
C ALA D 132 -24.73 -20.85 -10.92
N ALA D 133 -24.66 -20.51 -9.63
CA ALA D 133 -24.16 -19.20 -9.23
C ALA D 133 -22.69 -19.03 -9.61
N ARG D 134 -21.89 -20.07 -9.44
CA ARG D 134 -20.51 -20.01 -9.89
C ARG D 134 -20.45 -19.77 -11.40
N ALA D 135 -21.25 -20.50 -12.16
CA ALA D 135 -21.22 -20.35 -13.62
C ALA D 135 -21.63 -18.95 -14.03
N SER D 136 -22.65 -18.40 -13.38
CA SER D 136 -23.12 -17.06 -13.73
C SER D 136 -22.06 -16.00 -13.43
N ALA D 137 -21.33 -16.14 -12.32
CA ALA D 137 -20.19 -15.26 -12.07
C ALA D 137 -19.11 -15.40 -13.15
N ASN D 138 -18.86 -16.62 -13.62
CA ASN D 138 -17.86 -16.77 -14.68
C ASN D 138 -18.33 -16.16 -15.99
N VAL D 139 -19.66 -16.18 -16.23
CA VAL D 139 -20.22 -15.54 -17.41
C VAL D 139 -19.93 -14.04 -17.40
N ALA D 140 -20.10 -13.41 -16.22
CA ALA D 140 -19.82 -11.98 -16.08
C ALA D 140 -18.33 -11.70 -16.24
N LEU D 141 -17.49 -12.55 -15.63
CA LEU D 141 -16.04 -12.34 -15.71
C LEU D 141 -15.52 -12.58 -17.12
N THR D 142 -16.13 -13.51 -17.87
CA THR D 142 -15.72 -13.71 -19.26
C THR D 142 -16.09 -12.49 -20.11
N ALA D 143 -17.28 -11.95 -19.91
CA ALA D 143 -17.66 -10.72 -20.60
C ALA D 143 -16.72 -9.57 -20.26
N GLN D 144 -16.32 -9.45 -18.99
CA GLN D 144 -15.38 -8.41 -18.59
C GLN D 144 -14.03 -8.59 -19.28
N LYS D 145 -13.58 -9.84 -19.42
CA LYS D 145 -12.29 -10.08 -20.05
C LYS D 145 -12.34 -9.75 -21.55
N LEU D 146 -13.45 -10.08 -22.20
CA LEU D 146 -13.62 -9.77 -23.61
C LEU D 146 -13.50 -8.27 -23.85
N VAL D 147 -14.09 -7.48 -22.96
CA VAL D 147 -14.02 -6.02 -23.11
C VAL D 147 -12.62 -5.53 -22.79
N ALA D 148 -12.01 -6.03 -21.71
CA ALA D 148 -10.68 -5.57 -21.35
C ALA D 148 -9.64 -5.96 -22.40
N GLU D 149 -9.92 -6.97 -23.22
CA GLU D 149 -8.99 -7.41 -24.24
C GLU D 149 -9.28 -6.78 -25.60
N GLY D 150 -10.29 -5.92 -25.71
CA GLY D 150 -10.46 -5.15 -26.93
C GLY D 150 -11.88 -4.91 -27.41
N GLU D 151 -12.84 -5.71 -26.94
CA GLU D 151 -14.22 -5.51 -27.38
C GLU D 151 -14.78 -4.24 -26.76
N ARG D 152 -15.54 -3.49 -27.56
CA ARG D 152 -16.23 -2.32 -27.02
C ARG D 152 -17.24 -2.73 -25.95
N ALA D 153 -17.99 -3.80 -26.19
CA ALA D 153 -18.97 -4.26 -25.22
C ALA D 153 -19.18 -5.76 -25.34
N ALA D 154 -19.80 -6.34 -24.31
CA ALA D 154 -20.14 -7.75 -24.33
C ALA D 154 -21.33 -8.00 -23.42
N PHE D 155 -22.12 -9.00 -23.78
CA PHE D 155 -23.36 -9.32 -23.08
C PHE D 155 -23.12 -10.56 -22.21
N ALA D 156 -23.12 -10.37 -20.89
CA ALA D 156 -23.04 -11.47 -19.94
C ALA D 156 -24.44 -11.96 -19.65
N LEU D 157 -24.85 -13.06 -20.29
CA LEU D 157 -26.20 -13.59 -20.13
C LEU D 157 -26.25 -14.43 -18.86
N CYS D 158 -26.21 -13.72 -17.74
CA CYS D 158 -26.16 -14.30 -16.41
C CYS D 158 -27.51 -14.84 -15.98
N ARG D 159 -27.50 -16.06 -15.47
CA ARG D 159 -28.59 -16.60 -14.69
C ARG D 159 -28.02 -17.61 -13.70
N PRO D 160 -28.17 -17.41 -12.37
CA PRO D 160 -28.99 -16.41 -11.68
C PRO D 160 -28.46 -14.97 -11.78
N PRO D 161 -29.35 -14.00 -11.59
CA PRO D 161 -28.93 -12.60 -11.55
C PRO D 161 -28.17 -12.28 -10.28
N GLY D 162 -27.71 -11.04 -10.14
CA GLY D 162 -26.80 -10.72 -9.07
C GLY D 162 -27.01 -9.47 -8.24
N HIS D 163 -27.74 -8.46 -8.74
CA HIS D 163 -27.55 -7.13 -8.17
C HIS D 163 -28.13 -6.95 -6.76
N HIS D 164 -28.94 -7.89 -6.25
CA HIS D 164 -29.43 -7.79 -4.88
C HIS D 164 -28.50 -8.41 -3.84
N ALA D 165 -27.46 -9.13 -4.26
CA ALA D 165 -26.58 -9.80 -3.30
C ALA D 165 -25.59 -8.82 -2.71
N HIS D 166 -25.50 -8.79 -1.37
CA HIS D 166 -24.49 -8.03 -0.65
C HIS D 166 -23.22 -8.88 -0.54
N ALA D 167 -22.19 -8.36 0.12
CA ALA D 167 -20.98 -9.14 0.31
C ALA D 167 -21.27 -10.46 1.03
N ASP D 168 -22.27 -10.49 1.91
CA ASP D 168 -22.61 -11.71 2.64
C ASP D 168 -24.12 -11.86 2.85
N VAL D 169 -24.93 -11.44 1.87
CA VAL D 169 -26.37 -11.63 1.92
C VAL D 169 -26.90 -11.99 0.54
N PHE D 170 -27.72 -13.05 0.46
CA PHE D 170 -28.39 -13.41 -0.77
C PHE D 170 -29.88 -13.07 -0.67
N GLY D 171 -30.49 -12.93 -1.84
CA GLY D 171 -31.92 -12.71 -1.90
C GLY D 171 -32.31 -12.06 -3.20
N GLY D 172 -33.62 -11.89 -3.39
CA GLY D 172 -34.10 -11.36 -4.66
C GLY D 172 -33.60 -12.14 -5.86
N TYR D 173 -33.56 -13.46 -5.73
CA TYR D 173 -33.14 -14.41 -6.76
C TYR D 173 -31.63 -14.35 -7.02
N CYS D 174 -30.86 -13.64 -6.21
CA CYS D 174 -29.43 -13.36 -6.46
C CYS D 174 -28.54 -14.02 -5.42
N PHE D 175 -27.37 -14.51 -5.86
CA PHE D 175 -26.43 -15.14 -4.96
C PHE D 175 -25.04 -14.51 -5.00
N PHE D 176 -24.43 -14.37 -6.17
CA PHE D 176 -23.19 -13.64 -6.33
C PHE D 176 -23.49 -12.39 -7.15
N ASN D 177 -22.95 -11.25 -6.73
CA ASN D 177 -23.27 -10.00 -7.43
C ASN D 177 -22.39 -9.90 -8.67
N ASN D 178 -22.89 -10.45 -9.77
CA ASN D 178 -22.15 -10.53 -11.03
C ASN D 178 -21.64 -9.16 -11.46
N ALA D 179 -22.49 -8.13 -11.36
CA ALA D 179 -22.09 -6.80 -11.76
C ALA D 179 -20.96 -6.26 -10.90
N ALA D 180 -21.05 -6.46 -9.57
CA ALA D 180 -20.01 -6.00 -8.67
C ALA D 180 -18.69 -6.75 -8.90
N ILE D 181 -18.80 -8.06 -9.18
CA ILE D 181 -17.62 -8.87 -9.46
C ILE D 181 -16.93 -8.38 -10.73
N ALA D 182 -17.73 -8.06 -11.76
CA ALA D 182 -17.16 -7.50 -12.99
C ALA D 182 -16.52 -6.15 -12.76
N ALA D 183 -17.17 -5.28 -11.98
CA ALA D 183 -16.61 -3.96 -11.71
C ALA D 183 -15.31 -4.06 -10.93
N GLN D 184 -15.27 -4.93 -9.92
CA GLN D 184 -14.05 -5.12 -9.15
C GLN D 184 -12.95 -5.72 -10.01
N ALA D 185 -13.32 -6.56 -10.99
CA ALA D 185 -12.31 -7.09 -11.91
C ALA D 185 -11.69 -5.99 -12.75
N PHE D 186 -12.51 -5.07 -13.25
CA PHE D 186 -11.98 -3.90 -13.94
C PHE D 186 -10.98 -3.16 -13.04
N ARG D 187 -11.39 -2.87 -11.80
CA ARG D 187 -10.49 -2.17 -10.88
C ARG D 187 -9.21 -2.95 -10.68
N ASP D 188 -9.31 -4.25 -10.39
CA ASP D 188 -8.12 -5.06 -10.14
C ASP D 188 -7.18 -5.07 -11.35
N GLN D 189 -7.72 -4.92 -12.56
CA GLN D 189 -6.90 -4.93 -13.76
C GLN D 189 -6.39 -3.54 -14.15
N GLY D 190 -6.46 -2.57 -13.24
CA GLY D 190 -5.88 -1.27 -13.48
C GLY D 190 -6.79 -0.24 -14.10
N TYR D 191 -8.09 -0.48 -14.16
CA TYR D 191 -9.04 0.57 -14.51
C TYR D 191 -9.27 1.43 -13.27
N GLY D 192 -8.90 2.71 -13.35
CA GLY D 192 -8.88 3.52 -12.15
C GLY D 192 -10.25 3.73 -11.55
N LYS D 193 -11.25 3.95 -12.40
CA LYS D 193 -12.60 4.30 -11.96
C LYS D 193 -13.60 3.50 -12.77
N VAL D 194 -14.62 2.98 -12.08
CA VAL D 194 -15.66 2.17 -12.71
C VAL D 194 -17.01 2.72 -12.30
N ALA D 195 -17.95 2.73 -13.24
CA ALA D 195 -19.34 3.07 -12.96
C ALA D 195 -20.21 1.85 -13.18
N VAL D 196 -21.15 1.62 -12.26
CA VAL D 196 -22.13 0.55 -12.37
C VAL D 196 -23.50 1.22 -12.44
N LEU D 197 -24.17 1.09 -13.59
CA LEU D 197 -25.47 1.70 -13.81
C LEU D 197 -26.52 0.60 -13.84
N ASP D 198 -27.50 0.69 -12.95
CA ASP D 198 -28.49 -0.36 -12.73
C ASP D 198 -29.83 0.10 -13.31
N VAL D 199 -30.22 -0.46 -14.47
CA VAL D 199 -31.49 -0.07 -15.09
C VAL D 199 -32.58 -1.13 -14.93
N ASP D 200 -32.30 -2.22 -14.21
CA ASP D 200 -33.33 -3.14 -13.76
C ASP D 200 -34.41 -2.39 -12.98
N PHE D 201 -35.64 -2.90 -13.02
CA PHE D 201 -36.76 -2.26 -12.32
C PHE D 201 -36.48 -2.05 -10.84
N HIS D 202 -35.76 -2.97 -10.21
CA HIS D 202 -35.55 -2.94 -8.78
C HIS D 202 -34.21 -2.29 -8.43
N HIS D 203 -34.12 -1.81 -7.20
CA HIS D 203 -32.89 -1.22 -6.69
C HIS D 203 -31.81 -2.29 -6.62
N GLY D 204 -30.61 -1.97 -7.13
CA GLY D 204 -29.46 -2.84 -6.92
C GLY D 204 -28.84 -2.62 -5.55
N ASN D 205 -29.54 -3.06 -4.49
CA ASN D 205 -29.10 -2.81 -3.13
C ASN D 205 -27.77 -3.50 -2.83
N GLY D 206 -27.56 -4.69 -3.38
CA GLY D 206 -26.29 -5.37 -3.19
C GLY D 206 -25.12 -4.57 -3.72
N THR D 207 -25.23 -4.07 -4.94
CA THR D 207 -24.15 -3.28 -5.53
C THR D 207 -23.92 -2.00 -4.74
N GLN D 208 -25.01 -1.33 -4.35
CA GLN D 208 -24.87 -0.13 -3.51
C GLN D 208 -24.10 -0.45 -2.23
N ALA D 209 -24.46 -1.53 -1.55
CA ALA D 209 -23.83 -1.85 -0.27
C ALA D 209 -22.36 -2.20 -0.43
N ILE D 210 -22.01 -2.90 -1.51
CA ILE D 210 -20.65 -3.38 -1.69
C ILE D 210 -19.68 -2.22 -1.86
N PHE D 211 -20.08 -1.17 -2.59
CA PHE D 211 -19.19 -0.05 -2.87
C PHE D 211 -19.56 1.20 -2.08
N TYR D 212 -20.36 1.05 -1.02
CA TYR D 212 -21.00 2.20 -0.40
C TYR D 212 -20.01 3.20 0.17
N ASP D 213 -18.87 2.74 0.68
CA ASP D 213 -17.90 3.65 1.27
C ASP D 213 -16.73 3.95 0.34
N ARG D 214 -16.90 3.76 -0.97
CA ARG D 214 -15.82 3.88 -1.94
C ARG D 214 -16.14 4.91 -3.02
N SER D 215 -15.13 5.70 -3.40
CA SER D 215 -15.26 6.69 -4.46
C SER D 215 -14.72 6.20 -5.79
N ASP D 216 -14.03 5.04 -5.83
CA ASP D 216 -13.49 4.55 -7.08
C ASP D 216 -14.54 3.82 -7.93
N VAL D 217 -15.67 3.45 -7.34
CA VAL D 217 -16.76 2.78 -8.05
C VAL D 217 -18.02 3.58 -7.80
N LEU D 218 -18.53 4.23 -8.84
CA LEU D 218 -19.78 4.98 -8.77
C LEU D 218 -20.95 4.05 -9.07
N THR D 219 -21.92 4.00 -8.16
CA THR D 219 -23.08 3.14 -8.31
C THR D 219 -24.33 4.00 -8.46
N ILE D 220 -25.12 3.72 -9.49
CA ILE D 220 -26.36 4.43 -9.79
C ILE D 220 -27.43 3.41 -10.11
N SER D 221 -28.61 3.59 -9.55
CA SER D 221 -29.73 2.73 -9.89
C SER D 221 -30.97 3.58 -10.15
N LEU D 222 -31.72 3.22 -11.19
CA LEU D 222 -33.07 3.68 -11.41
C LEU D 222 -34.00 2.54 -11.00
N HIS D 223 -35.11 2.85 -10.32
CA HIS D 223 -35.92 1.74 -9.85
C HIS D 223 -37.26 2.26 -9.35
N GLY D 224 -38.19 1.32 -9.20
CA GLY D 224 -39.44 1.63 -8.51
C GLY D 224 -39.21 1.96 -7.04
N ASP D 225 -40.04 2.87 -6.55
CA ASP D 225 -39.99 3.37 -5.19
C ASP D 225 -39.94 2.22 -4.17
N PRO D 226 -38.86 2.10 -3.39
CA PRO D 226 -38.81 1.02 -2.37
C PRO D 226 -39.88 1.14 -1.29
N ASP D 227 -40.50 2.31 -1.11
CA ASP D 227 -41.65 2.36 -0.22
C ASP D 227 -42.74 1.40 -0.67
N LEU D 228 -42.81 1.12 -1.97
CA LEU D 228 -43.85 0.31 -2.58
C LEU D 228 -43.39 -1.07 -3.01
N VAL D 229 -42.11 -1.27 -3.37
CA VAL D 229 -41.67 -2.51 -3.95
C VAL D 229 -40.34 -2.97 -3.35
N PHE D 230 -40.08 -4.26 -3.51
CA PHE D 230 -38.79 -4.84 -3.19
C PHE D 230 -37.66 -3.98 -3.76
N PRO D 231 -36.56 -3.77 -3.01
CA PRO D 231 -36.18 -4.41 -1.74
C PRO D 231 -36.66 -3.71 -0.45
N HIS D 232 -37.48 -2.66 -0.59
CA HIS D 232 -38.17 -2.01 0.52
C HIS D 232 -37.30 -1.24 1.51
N PHE D 233 -36.11 -1.71 1.84
CA PHE D 233 -35.38 -1.15 2.97
C PHE D 233 -34.05 -0.53 2.56
N LEU D 234 -33.80 -0.42 1.26
CA LEU D 234 -32.74 0.38 0.67
C LEU D 234 -33.26 0.85 -0.67
N GLY D 235 -32.58 1.85 -1.25
CA GLY D 235 -32.95 2.39 -2.54
C GLY D 235 -33.49 3.79 -2.50
N PHE D 236 -33.52 4.42 -1.34
CA PHE D 236 -34.11 5.75 -1.29
C PHE D 236 -33.10 6.79 -1.75
N GLU D 237 -33.62 7.95 -2.15
CA GLU D 237 -32.77 8.93 -2.80
C GLU D 237 -31.80 9.60 -1.84
N ASP D 238 -32.05 9.52 -0.53
CA ASP D 238 -31.15 10.09 0.46
C ASP D 238 -29.97 9.19 0.80
N GLU D 239 -29.87 8.01 0.18
CA GLU D 239 -28.70 7.15 0.32
C GLU D 239 -27.68 7.59 -0.72
N THR D 240 -26.71 8.41 -0.32
CA THR D 240 -25.74 8.99 -1.24
C THR D 240 -24.32 8.48 -1.01
N GLY D 241 -24.14 7.53 -0.09
CA GLY D 241 -22.82 7.01 0.23
C GLY D 241 -22.40 7.38 1.64
N GLU D 242 -21.27 6.83 2.06
CA GLU D 242 -20.76 7.12 3.39
C GLU D 242 -19.25 7.28 3.36
N GLY D 243 -18.73 8.11 4.27
CA GLY D 243 -17.30 8.32 4.33
C GLY D 243 -16.76 8.79 2.99
N ASP D 244 -15.72 8.11 2.51
CA ASP D 244 -15.11 8.46 1.23
C ASP D 244 -16.07 8.28 0.06
N GLY D 245 -17.10 7.47 0.22
CA GLY D 245 -18.07 7.22 -0.82
C GLY D 245 -19.22 8.19 -0.85
N GLU D 246 -19.24 9.19 0.04
CA GLU D 246 -20.26 10.22 -0.02
C GLU D 246 -20.26 10.89 -1.39
N ALA D 247 -21.45 10.97 -1.99
CA ALA D 247 -21.72 11.48 -3.34
C ALA D 247 -21.29 10.52 -4.45
N TYR D 248 -21.01 9.24 -4.13
CA TYR D 248 -20.69 8.27 -5.17
C TYR D 248 -21.70 7.12 -5.22
N ASN D 249 -22.90 7.33 -4.68
CA ASN D 249 -24.05 6.47 -4.89
C ASN D 249 -25.22 7.37 -5.24
N LEU D 250 -25.99 7.00 -6.26
CA LEU D 250 -27.14 7.80 -6.67
C LEU D 250 -28.31 6.88 -6.95
N ASN D 251 -29.39 7.04 -6.19
CA ASN D 251 -30.64 6.32 -6.42
C ASN D 251 -31.66 7.27 -7.05
N ILE D 252 -32.29 6.83 -8.13
CA ILE D 252 -33.33 7.61 -8.81
C ILE D 252 -34.62 6.78 -8.79
N VAL D 253 -35.64 7.30 -8.07
CA VAL D 253 -36.85 6.55 -7.72
C VAL D 253 -38.01 7.02 -8.58
N PHE D 254 -38.84 6.08 -9.04
CA PHE D 254 -40.02 6.41 -9.84
C PHE D 254 -41.27 5.74 -9.27
N PRO D 255 -42.44 6.35 -9.46
CA PRO D 255 -43.68 5.79 -8.91
C PRO D 255 -44.36 4.85 -9.88
N PRO D 256 -45.51 4.25 -9.50
CA PRO D 256 -46.21 3.34 -10.42
C PRO D 256 -46.61 4.01 -11.73
N ASP D 257 -46.63 3.20 -12.80
CA ASP D 257 -47.06 3.55 -14.15
C ASP D 257 -46.09 4.48 -14.88
N THR D 258 -44.87 4.66 -14.37
CA THR D 258 -43.89 5.52 -15.01
C THR D 258 -43.59 5.05 -16.42
N PRO D 259 -43.76 5.89 -17.44
CA PRO D 259 -43.41 5.49 -18.81
C PRO D 259 -42.02 5.94 -19.20
N PHE D 260 -41.58 5.55 -20.39
CA PHE D 260 -40.22 5.87 -20.82
C PHE D 260 -39.99 7.37 -20.89
N SER D 261 -41.02 8.14 -21.24
CA SER D 261 -40.82 9.58 -21.38
C SER D 261 -40.34 10.22 -20.08
N ILE D 262 -40.67 9.62 -18.94
CA ILE D 262 -40.23 10.13 -17.64
C ILE D 262 -39.01 9.35 -17.14
N TRP D 263 -39.02 8.03 -17.33
CA TRP D 263 -37.88 7.20 -16.94
C TRP D 263 -36.61 7.66 -17.64
N SER D 264 -36.69 8.01 -18.93
CA SER D 264 -35.51 8.44 -19.67
C SER D 264 -34.95 9.76 -19.14
N GLN D 265 -35.75 10.57 -18.46
CA GLN D 265 -35.21 11.77 -17.83
C GLN D 265 -34.31 11.42 -16.67
N GLY D 266 -34.67 10.37 -15.91
CA GLY D 266 -33.76 9.88 -14.89
C GLY D 266 -32.52 9.25 -15.49
N LEU D 267 -32.68 8.53 -16.62
CA LEU D 267 -31.52 7.99 -17.32
C LEU D 267 -30.57 9.10 -17.73
N GLU D 268 -31.12 10.22 -18.21
CA GLU D 268 -30.28 11.36 -18.58
C GLU D 268 -29.53 11.91 -17.36
N LYS D 269 -30.21 12.01 -16.23
CA LYS D 269 -29.55 12.45 -15.00
C LYS D 269 -28.44 11.48 -14.59
N ALA D 270 -28.70 10.18 -14.75
CA ALA D 270 -27.67 9.18 -14.49
C ALA D 270 -26.48 9.37 -15.43
N CYS D 271 -26.76 9.60 -16.71
CA CYS D 271 -25.68 9.74 -17.70
C CYS D 271 -24.82 10.97 -17.42
N GLU D 272 -25.44 12.08 -16.99
CA GLU D 272 -24.65 13.27 -16.67
C GLU D 272 -23.75 13.02 -15.48
N ARG D 273 -24.23 12.25 -14.49
CA ARG D 273 -23.39 11.91 -13.35
C ARG D 273 -22.21 11.04 -13.78
N ILE D 274 -22.43 10.10 -14.70
CA ILE D 274 -21.35 9.30 -15.24
C ILE D 274 -20.38 10.18 -16.02
N ARG D 275 -20.92 11.14 -16.78
CA ARG D 275 -20.05 12.05 -17.54
C ARG D 275 -19.13 12.83 -16.62
N THR D 276 -19.68 13.38 -15.53
CA THR D 276 -18.85 14.08 -14.54
C THR D 276 -17.80 13.15 -13.94
N PHE D 277 -18.21 11.93 -13.58
CA PHE D 277 -17.31 10.97 -12.91
C PHE D 277 -16.17 10.54 -13.84
N ALA D 278 -16.42 10.49 -15.14
CA ALA D 278 -15.43 10.11 -16.16
C ALA D 278 -14.78 8.76 -15.85
N PRO D 279 -15.57 7.69 -15.82
CA PRO D 279 -15.01 6.38 -15.47
C PRO D 279 -14.22 5.79 -16.64
N ASP D 280 -13.42 4.79 -16.31
CA ASP D 280 -12.67 4.05 -17.32
C ASP D 280 -13.43 2.84 -17.85
N ALA D 281 -14.47 2.39 -17.15
CA ALA D 281 -15.26 1.24 -17.57
C ALA D 281 -16.69 1.42 -17.04
N LEU D 282 -17.63 0.77 -17.73
CA LEU D 282 -19.04 0.82 -17.40
C LEU D 282 -19.58 -0.58 -17.28
N VAL D 283 -20.28 -0.88 -16.19
CA VAL D 283 -21.06 -2.10 -16.05
C VAL D 283 -22.52 -1.69 -16.02
N VAL D 284 -23.33 -2.28 -16.89
CA VAL D 284 -24.77 -2.03 -16.91
C VAL D 284 -25.42 -3.27 -16.35
N ALA D 285 -26.05 -3.14 -15.18
CA ALA D 285 -26.88 -4.20 -14.60
C ALA D 285 -28.25 -4.09 -15.25
N LEU D 286 -28.54 -4.97 -16.20
CA LEU D 286 -29.66 -4.79 -17.12
C LEU D 286 -30.78 -5.74 -16.75
N GLY D 287 -31.92 -5.18 -16.35
CA GLY D 287 -33.16 -5.92 -16.27
C GLY D 287 -34.15 -5.35 -17.27
N VAL D 288 -34.98 -6.22 -17.84
CA VAL D 288 -36.05 -5.74 -18.70
C VAL D 288 -37.37 -5.91 -17.98
N ASP D 289 -37.34 -5.90 -16.64
CA ASP D 289 -38.59 -5.92 -15.89
C ASP D 289 -39.23 -4.53 -15.79
N THR D 290 -38.64 -3.53 -16.42
CA THR D 290 -39.26 -2.24 -16.66
C THR D 290 -40.31 -2.29 -17.77
N PHE D 291 -40.50 -3.45 -18.38
CA PHE D 291 -41.43 -3.67 -19.48
C PHE D 291 -42.88 -3.49 -19.03
N GLU D 292 -43.71 -2.96 -19.93
CA GLU D 292 -45.09 -2.67 -19.60
C GLU D 292 -45.92 -3.91 -19.30
N GLU D 293 -45.44 -5.11 -19.66
N GLU D 293 -45.44 -5.11 -19.66
CA GLU D 293 -46.15 -6.35 -19.37
CA GLU D 293 -46.15 -6.35 -19.37
C GLU D 293 -45.45 -7.20 -18.32
C GLU D 293 -45.46 -7.20 -18.32
N ASP D 294 -44.48 -6.66 -17.62
CA ASP D 294 -43.76 -7.46 -16.61
C ASP D 294 -44.71 -7.84 -15.48
N PRO D 295 -44.73 -9.10 -15.05
CA PRO D 295 -45.74 -9.54 -14.09
C PRO D 295 -45.52 -9.06 -12.66
N ILE D 296 -44.32 -8.59 -12.28
CA ILE D 296 -44.09 -8.22 -10.90
C ILE D 296 -43.64 -6.77 -10.75
N SER D 297 -43.73 -5.96 -11.81
CA SER D 297 -43.21 -4.60 -11.81
C SER D 297 -44.26 -3.64 -12.37
N PHE D 298 -44.03 -2.32 -12.22
CA PHE D 298 -45.06 -1.37 -12.61
C PHE D 298 -44.57 -0.21 -13.48
N PHE D 299 -43.50 -0.41 -14.25
CA PHE D 299 -43.16 0.59 -15.25
C PHE D 299 -43.84 0.24 -16.58
N LYS D 300 -43.79 1.17 -17.53
CA LYS D 300 -44.53 1.01 -18.78
C LYS D 300 -43.63 1.20 -20.01
N LEU D 301 -42.42 0.65 -19.98
CA LEU D 301 -41.58 0.71 -21.16
C LEU D 301 -42.11 -0.24 -22.23
N THR D 302 -42.05 0.21 -23.48
CA THR D 302 -42.36 -0.68 -24.60
C THR D 302 -41.10 -1.38 -25.10
N SER D 303 -41.29 -2.38 -25.96
CA SER D 303 -40.15 -3.11 -26.53
C SER D 303 -39.25 -2.18 -27.34
N GLY D 304 -39.84 -1.25 -28.09
CA GLY D 304 -39.04 -0.31 -28.85
C GLY D 304 -38.21 0.60 -27.97
N ASP D 305 -38.66 0.84 -26.74
CA ASP D 305 -37.89 1.69 -25.84
C ASP D 305 -36.53 1.08 -25.50
N TYR D 306 -36.41 -0.25 -25.54
CA TYR D 306 -35.11 -0.85 -25.24
C TYR D 306 -34.09 -0.58 -26.34
N LEU D 307 -34.55 -0.41 -27.58
CA LEU D 307 -33.63 0.08 -28.61
C LEU D 307 -33.14 1.48 -28.27
N LYS D 308 -34.04 2.34 -27.79
CA LYS D 308 -33.63 3.68 -27.40
C LYS D 308 -32.71 3.65 -26.19
N LEU D 309 -32.91 2.70 -25.28
CA LEU D 309 -32.01 2.58 -24.14
C LEU D 309 -30.61 2.17 -24.59
N GLY D 310 -30.53 1.19 -25.49
CA GLY D 310 -29.23 0.76 -25.97
C GLY D 310 -28.47 1.89 -26.65
N LYS D 311 -29.16 2.67 -27.47
CA LYS D 311 -28.52 3.77 -28.17
C LYS D 311 -27.95 4.79 -27.20
N ARG D 312 -28.74 5.18 -26.19
CA ARG D 312 -28.26 6.19 -25.23
C ARG D 312 -27.04 5.68 -24.46
N LEU D 313 -27.01 4.39 -24.15
CA LEU D 313 -25.89 3.86 -23.37
C LEU D 313 -24.62 3.85 -24.20
N GLU D 314 -24.74 3.55 -25.50
CA GLU D 314 -23.59 3.61 -26.38
C GLU D 314 -23.01 5.03 -26.43
N GLN D 315 -23.88 6.04 -26.37
CA GLN D 315 -23.42 7.42 -26.46
C GLN D 315 -22.56 7.83 -25.27
N LEU D 316 -22.55 7.07 -24.17
CA LEU D 316 -21.60 7.30 -23.10
C LEU D 316 -20.15 7.06 -23.53
N GLY D 317 -19.95 6.28 -24.60
CA GLY D 317 -18.62 6.09 -25.16
C GLY D 317 -17.67 5.28 -24.31
N LEU D 318 -18.19 4.35 -23.49
CA LEU D 318 -17.34 3.65 -22.54
C LEU D 318 -17.24 2.16 -22.87
N PRO D 319 -16.15 1.49 -22.48
CA PRO D 319 -16.14 0.02 -22.51
C PRO D 319 -17.21 -0.49 -21.55
N THR D 320 -18.11 -1.33 -22.07
CA THR D 320 -19.38 -1.60 -21.40
C THR D 320 -19.62 -3.10 -21.29
N VAL D 321 -19.79 -3.59 -20.06
N VAL D 321 -19.84 -3.58 -20.07
CA VAL D 321 -20.26 -4.95 -19.82
CA VAL D 321 -20.25 -4.96 -19.85
C VAL D 321 -21.71 -4.89 -19.38
C VAL D 321 -21.69 -4.94 -19.34
N PHE D 322 -22.57 -5.64 -20.05
CA PHE D 322 -23.95 -5.83 -19.63
C PHE D 322 -24.06 -7.13 -18.85
N THR D 323 -24.62 -7.08 -17.64
CA THR D 323 -24.95 -8.29 -16.91
C THR D 323 -26.47 -8.44 -16.85
N MET D 324 -26.97 -9.61 -17.22
CA MET D 324 -28.41 -9.85 -17.18
C MET D 324 -28.89 -9.97 -15.74
N GLU D 325 -29.91 -9.17 -15.41
CA GLU D 325 -30.58 -9.22 -14.11
C GLU D 325 -32.00 -9.76 -14.31
N GLY D 326 -33.03 -8.95 -14.03
CA GLY D 326 -34.41 -9.41 -14.07
C GLY D 326 -35.12 -9.20 -15.41
N GLY D 327 -36.44 -9.42 -15.39
CA GLY D 327 -37.27 -9.46 -16.59
C GLY D 327 -38.04 -10.77 -16.64
N TYR D 328 -39.37 -10.72 -16.51
CA TYR D 328 -40.13 -11.93 -16.21
C TYR D 328 -41.33 -12.17 -17.11
N ASP D 329 -41.57 -11.32 -18.12
CA ASP D 329 -42.46 -11.67 -19.20
C ASP D 329 -41.64 -12.46 -20.21
N VAL D 330 -41.75 -13.79 -20.17
CA VAL D 330 -40.84 -14.60 -20.97
C VAL D 330 -41.14 -14.44 -22.47
N ASP D 331 -42.40 -14.14 -22.83
CA ASP D 331 -42.71 -13.96 -24.24
C ASP D 331 -41.88 -12.85 -24.88
N ALA D 332 -41.71 -11.74 -24.17
CA ALA D 332 -40.95 -10.62 -24.72
C ALA D 332 -39.53 -10.49 -24.15
N ILE D 333 -39.08 -11.38 -23.26
CA ILE D 333 -37.80 -11.15 -22.59
C ILE D 333 -36.66 -11.16 -23.58
N GLY D 334 -36.71 -12.06 -24.57
CA GLY D 334 -35.64 -12.08 -25.57
C GLY D 334 -35.65 -10.85 -26.44
N VAL D 335 -36.83 -10.48 -26.97
CA VAL D 335 -36.94 -9.29 -27.80
C VAL D 335 -36.43 -8.08 -27.03
N ASN D 336 -36.82 -7.94 -25.76
CA ASN D 336 -36.45 -6.76 -24.99
C ASN D 336 -34.96 -6.72 -24.69
N ALA D 337 -34.41 -7.82 -24.19
CA ALA D 337 -32.99 -7.82 -23.82
C ALA D 337 -32.12 -7.61 -25.05
N VAL D 338 -32.41 -8.33 -26.14
CA VAL D 338 -31.58 -8.20 -27.32
C VAL D 338 -31.78 -6.85 -28.00
N ASN D 339 -32.94 -6.21 -27.81
CA ASN D 339 -33.14 -4.85 -28.33
C ASN D 339 -32.16 -3.86 -27.71
N VAL D 340 -31.82 -4.04 -26.43
CA VAL D 340 -30.82 -3.18 -25.83
C VAL D 340 -29.48 -3.38 -26.53
N MET D 341 -29.07 -4.64 -26.72
CA MET D 341 -27.79 -4.91 -27.39
C MET D 341 -27.78 -4.35 -28.81
N GLN D 342 -28.90 -4.49 -29.52
CA GLN D 342 -28.95 -4.04 -30.91
C GLN D 342 -29.00 -2.52 -31.01
N GLY D 343 -29.72 -1.87 -30.08
CA GLY D 343 -29.67 -0.42 -30.02
C GLY D 343 -28.28 0.11 -29.70
N PHE D 344 -27.59 -0.54 -28.77
CA PHE D 344 -26.19 -0.21 -28.53
C PHE D 344 -25.37 -0.29 -29.80
N GLU D 345 -25.68 -1.27 -30.66
CA GLU D 345 -24.90 -1.55 -31.86
C GLU D 345 -25.40 -0.81 -33.09
N GLY D 346 -26.42 0.05 -32.96
CA GLY D 346 -26.82 0.94 -34.04
C GLY D 346 -28.20 0.69 -34.62
N LYS D 347 -29.00 -0.22 -34.08
CA LYS D 347 -30.34 -0.48 -34.58
C LYS D 347 -31.33 0.53 -33.99
N SER D 348 -32.40 0.77 -34.74
CA SER D 348 -33.52 1.57 -34.24
C SER D 348 -34.85 1.13 -34.87
#